data_2BUD
#
_entry.id   2BUD
#
_cell.length_a   1.000
_cell.length_b   1.000
_cell.length_c   1.000
_cell.angle_alpha   90.00
_cell.angle_beta   90.00
_cell.angle_gamma   90.00
#
_symmetry.space_group_name_H-M   'P 1'
#
_entity_poly.entity_id   1
_entity_poly.type   'polypeptide(L)'
_entity_poly.pdbx_seq_one_letter_code
;GSHMDPLMQKIDISENPDKIYFIRREDGTVHRGQVLQSRTTENAAAPDEYYVHYVGLNRRLDGWVGRHRISDNADDLGGI
TVLPAPPLAPDQ
;
_entity_poly.pdbx_strand_id   A
#
# COMPACT_ATOMS: atom_id res chain seq x y z
N GLY A 1 -6.12 -18.57 -3.10
CA GLY A 1 -7.37 -18.16 -2.40
C GLY A 1 -7.94 -19.27 -1.53
N SER A 2 -7.05 -19.93 -0.78
CA SER A 2 -7.47 -21.02 0.11
C SER A 2 -6.30 -21.47 0.98
N HIS A 3 -6.56 -21.58 2.28
CA HIS A 3 -5.53 -22.01 3.24
C HIS A 3 -4.34 -21.06 3.21
N MET A 4 -4.17 -20.29 4.29
CA MET A 4 -3.06 -19.35 4.38
C MET A 4 -1.74 -20.09 4.60
N ASP A 5 -0.74 -19.75 3.80
CA ASP A 5 0.58 -20.38 3.90
C ASP A 5 1.17 -20.16 5.28
N PRO A 6 2.01 -21.09 5.77
CA PRO A 6 2.64 -20.99 7.08
C PRO A 6 3.75 -19.93 7.14
N LEU A 7 3.51 -18.81 6.46
CA LEU A 7 4.47 -17.72 6.41
C LEU A 7 3.84 -16.49 5.78
N MET A 8 3.07 -16.71 4.72
CA MET A 8 2.42 -15.61 4.00
C MET A 8 1.18 -15.14 4.78
N GLN A 9 1.26 -15.19 6.10
CA GLN A 9 0.16 -14.78 6.96
C GLN A 9 0.14 -13.26 7.12
N LYS A 10 -0.06 -12.56 5.98
CA LYS A 10 -0.09 -11.10 5.93
C LYS A 10 1.15 -10.47 6.56
N ILE A 11 1.67 -9.43 5.89
CA ILE A 11 2.87 -8.73 6.35
C ILE A 11 2.78 -8.36 7.83
N ASP A 12 3.84 -8.71 8.57
CA ASP A 12 3.91 -8.42 10.00
C ASP A 12 4.57 -7.06 10.22
N ILE A 13 3.93 -6.22 11.05
CA ILE A 13 4.45 -4.90 11.34
C ILE A 13 5.52 -4.97 12.42
N SER A 14 5.25 -5.74 13.46
CA SER A 14 6.17 -5.89 14.59
C SER A 14 7.46 -6.57 14.15
N GLU A 15 8.29 -5.82 13.43
CA GLU A 15 9.56 -6.33 12.95
C GLU A 15 10.35 -5.21 12.30
N ASN A 16 9.62 -4.22 11.79
CA ASN A 16 10.24 -3.07 11.13
C ASN A 16 9.23 -1.93 10.95
N PRO A 17 8.63 -1.43 12.06
CA PRO A 17 7.65 -0.34 12.00
C PRO A 17 8.23 0.87 11.27
N ASP A 18 9.50 1.15 11.51
CA ASP A 18 10.18 2.27 10.88
C ASP A 18 10.25 2.09 9.37
N LYS A 19 10.35 0.83 8.94
CA LYS A 19 10.43 0.53 7.50
C LYS A 19 9.31 1.23 6.73
N ILE A 20 9.70 1.96 5.68
CA ILE A 20 8.73 2.67 4.86
C ILE A 20 8.13 1.76 3.81
N TYR A 21 6.81 1.70 3.74
CA TYR A 21 6.13 0.85 2.77
C TYR A 21 5.62 1.68 1.59
N PHE A 22 5.69 1.12 0.40
CA PHE A 22 5.22 1.82 -0.80
C PHE A 22 3.76 1.46 -1.08
N ILE A 23 2.98 2.45 -1.50
CA ILE A 23 1.57 2.22 -1.79
C ILE A 23 1.18 2.86 -3.11
N ARG A 24 0.58 2.06 -3.99
CA ARG A 24 0.14 2.54 -5.29
C ARG A 24 -1.19 3.28 -5.16
N ARG A 25 -1.19 4.58 -5.48
CA ARG A 25 -2.41 5.36 -5.39
C ARG A 25 -3.38 4.94 -6.48
N GLU A 26 -4.67 5.17 -6.25
CA GLU A 26 -5.71 4.79 -7.21
C GLU A 26 -5.38 5.30 -8.60
N ASP A 27 -4.97 6.57 -8.71
CA ASP A 27 -4.63 7.13 -10.01
C ASP A 27 -3.55 6.28 -10.65
N GLY A 28 -2.66 5.75 -9.80
CA GLY A 28 -1.59 4.89 -10.29
C GLY A 28 -0.24 5.27 -9.71
N THR A 29 -0.01 6.56 -9.54
CA THR A 29 1.26 7.06 -9.01
C THR A 29 1.55 6.51 -7.62
N VAL A 30 2.60 5.69 -7.53
CA VAL A 30 3.01 5.09 -6.27
C VAL A 30 3.70 6.13 -5.38
N HIS A 31 3.44 6.05 -4.08
CA HIS A 31 4.03 6.99 -3.13
C HIS A 31 4.29 6.33 -1.77
N ARG A 32 5.39 6.72 -1.14
CA ARG A 32 5.76 6.17 0.17
C ARG A 32 4.65 6.34 1.20
N GLY A 33 4.65 5.46 2.19
CA GLY A 33 3.64 5.51 3.25
C GLY A 33 3.95 4.55 4.38
N GLN A 34 3.92 5.06 5.61
CA GLN A 34 4.20 4.23 6.78
C GLN A 34 2.94 3.50 7.23
N VAL A 35 3.05 2.18 7.40
CA VAL A 35 1.91 1.38 7.85
C VAL A 35 1.99 1.14 9.35
N LEU A 36 0.86 1.31 10.04
CA LEU A 36 0.82 1.16 11.49
C LEU A 36 -0.15 0.07 11.95
N GLN A 37 -1.35 0.04 11.36
CA GLN A 37 -2.35 -0.95 11.76
C GLN A 37 -2.81 -1.81 10.59
N SER A 38 -3.65 -2.80 10.89
CA SER A 38 -4.18 -3.71 9.89
C SER A 38 -5.35 -4.51 10.45
N ARG A 39 -6.35 -4.79 9.61
CA ARG A 39 -7.52 -5.55 10.04
C ARG A 39 -8.01 -6.48 8.92
N THR A 40 -8.31 -7.72 9.28
CA THR A 40 -8.78 -8.70 8.31
C THR A 40 -10.30 -8.86 8.33
N THR A 41 -11.00 -7.73 8.51
CA THR A 41 -12.46 -7.72 8.54
C THR A 41 -13.01 -8.83 9.46
N GLU A 42 -14.33 -9.00 9.46
CA GLU A 42 -14.97 -10.01 10.29
C GLU A 42 -14.64 -11.42 9.81
N ASN A 43 -14.65 -11.61 8.49
CA ASN A 43 -14.38 -12.91 7.89
C ASN A 43 -13.03 -13.47 8.36
N ALA A 44 -11.98 -12.66 8.23
CA ALA A 44 -10.65 -13.07 8.66
C ALA A 44 -10.21 -14.38 7.99
N ALA A 45 -10.17 -14.37 6.67
CA ALA A 45 -9.76 -15.54 5.89
C ALA A 45 -9.42 -15.13 4.48
N ALA A 46 -9.32 -13.83 4.27
CA ALA A 46 -8.99 -13.24 2.98
C ALA A 46 -8.89 -11.72 3.09
N PRO A 47 -9.90 -11.06 3.70
CA PRO A 47 -9.90 -9.62 3.87
C PRO A 47 -8.75 -9.13 4.73
N ASP A 48 -8.23 -7.95 4.42
CA ASP A 48 -7.11 -7.36 5.15
C ASP A 48 -6.75 -6.00 4.59
N GLU A 49 -6.75 -4.99 5.46
CA GLU A 49 -6.42 -3.63 5.06
C GLU A 49 -5.37 -3.05 6.02
N TYR A 50 -4.40 -2.34 5.46
CA TYR A 50 -3.34 -1.75 6.27
C TYR A 50 -3.44 -0.23 6.31
N TYR A 51 -3.32 0.32 7.52
CA TYR A 51 -3.38 1.77 7.70
C TYR A 51 -2.08 2.39 7.17
N VAL A 52 -2.20 3.29 6.19
CA VAL A 52 -1.02 3.92 5.62
C VAL A 52 -0.95 5.41 5.95
N HIS A 53 0.27 5.86 6.25
CA HIS A 53 0.53 7.26 6.56
C HIS A 53 1.56 7.80 5.58
N TYR A 54 1.09 8.33 4.45
CA TYR A 54 1.97 8.85 3.42
C TYR A 54 2.93 9.88 3.99
N VAL A 55 4.22 9.56 3.94
CA VAL A 55 5.26 10.44 4.46
C VAL A 55 5.28 11.78 3.71
N GLY A 56 5.25 12.86 4.48
CA GLY A 56 5.27 14.19 3.88
C GLY A 56 3.94 14.61 3.30
N LEU A 57 3.25 13.70 2.61
CA LEU A 57 1.96 13.99 2.00
C LEU A 57 0.94 14.43 3.04
N ASN A 58 -0.12 15.09 2.57
CA ASN A 58 -1.20 15.57 3.43
C ASN A 58 -1.70 14.49 4.37
N ARG A 59 -2.00 14.88 5.61
CA ARG A 59 -2.50 13.95 6.62
C ARG A 59 -3.87 13.43 6.22
N ARG A 60 -4.68 14.28 5.61
CA ARG A 60 -6.02 13.90 5.18
C ARG A 60 -5.97 12.68 4.26
N LEU A 61 -4.92 12.62 3.45
CA LEU A 61 -4.72 11.51 2.51
C LEU A 61 -4.65 10.17 3.25
N ASP A 62 -4.06 10.18 4.44
CA ASP A 62 -3.90 8.97 5.24
C ASP A 62 -5.24 8.26 5.46
N GLY A 63 -5.20 6.94 5.38
CA GLY A 63 -6.38 6.14 5.60
C GLY A 63 -6.10 4.65 5.44
N TRP A 64 -7.12 3.89 5.06
CA TRP A 64 -6.96 2.44 4.89
C TRP A 64 -6.68 2.11 3.42
N VAL A 65 -5.78 1.15 3.20
CA VAL A 65 -5.41 0.74 1.85
C VAL A 65 -5.27 -0.78 1.76
N GLY A 66 -5.80 -1.34 0.68
CA GLY A 66 -5.73 -2.78 0.47
C GLY A 66 -4.30 -3.28 0.36
N ARG A 67 -4.08 -4.52 0.78
CA ARG A 67 -2.76 -5.13 0.73
C ARG A 67 -2.16 -5.05 -0.67
N HIS A 68 -3.00 -5.22 -1.68
CA HIS A 68 -2.54 -5.17 -3.07
C HIS A 68 -1.88 -3.84 -3.41
N ARG A 69 -2.31 -2.78 -2.74
CA ARG A 69 -1.75 -1.45 -2.98
C ARG A 69 -0.39 -1.29 -2.30
N ILE A 70 -0.25 -1.88 -1.12
CA ILE A 70 1.01 -1.79 -0.39
C ILE A 70 1.96 -2.92 -0.77
N SER A 71 3.24 -2.60 -0.89
CA SER A 71 4.26 -3.58 -1.25
C SER A 71 5.65 -3.07 -0.88
N ASP A 72 6.47 -3.97 -0.36
CA ASP A 72 7.82 -3.62 0.05
C ASP A 72 8.67 -3.17 -1.13
N ASN A 73 8.32 -3.65 -2.33
CA ASN A 73 9.05 -3.29 -3.54
C ASN A 73 8.20 -2.38 -4.43
N ALA A 74 8.82 -1.32 -4.92
CA ALA A 74 8.12 -0.35 -5.77
C ALA A 74 7.87 -0.89 -7.17
N ASP A 75 8.85 -1.62 -7.73
CA ASP A 75 8.73 -2.17 -9.07
C ASP A 75 7.41 -2.92 -9.26
N ASP A 76 7.00 -3.67 -8.24
CA ASP A 76 5.76 -4.44 -8.32
C ASP A 76 4.55 -3.50 -8.40
N LEU A 77 4.60 -2.42 -7.62
CA LEU A 77 3.51 -1.45 -7.59
C LEU A 77 3.36 -0.74 -8.94
N GLY A 78 4.16 0.30 -9.16
CA GLY A 78 4.08 1.05 -10.40
C GLY A 78 5.44 1.43 -10.95
N GLY A 79 6.43 0.55 -10.76
CA GLY A 79 7.77 0.80 -11.27
C GLY A 79 8.25 2.23 -11.05
N ILE A 80 8.01 2.75 -9.86
CA ILE A 80 8.42 4.10 -9.50
C ILE A 80 7.58 5.16 -10.23
N THR A 81 6.34 5.28 -9.79
CA THR A 81 5.40 6.26 -10.34
C THR A 81 5.37 6.29 -11.86
N VAL A 82 5.06 5.16 -12.45
CA VAL A 82 4.97 5.05 -13.90
C VAL A 82 3.99 3.94 -14.27
N LEU A 83 3.03 4.29 -15.12
CA LEU A 83 2.02 3.33 -15.55
C LEU A 83 2.57 2.34 -16.57
N PRO A 84 2.45 1.03 -16.31
CA PRO A 84 2.94 0.00 -17.22
C PRO A 84 2.10 -0.11 -18.49
N ALA A 85 2.76 -0.31 -19.62
CA ALA A 85 2.06 -0.43 -20.89
C ALA A 85 0.98 -1.52 -20.84
N PRO A 86 -0.26 -1.18 -21.23
CA PRO A 86 -1.38 -2.14 -21.21
C PRO A 86 -1.12 -3.35 -22.10
N PRO A 87 -1.34 -4.57 -21.57
CA PRO A 87 -1.14 -5.80 -22.33
C PRO A 87 -2.10 -5.93 -23.51
N LEU A 88 -1.56 -6.28 -24.66
CA LEU A 88 -2.38 -6.43 -25.87
C LEU A 88 -3.08 -7.79 -25.89
N ALA A 89 -3.69 -8.16 -24.76
CA ALA A 89 -4.39 -9.43 -24.65
C ALA A 89 -3.45 -10.60 -24.95
N PRO A 90 -2.40 -10.77 -24.13
CA PRO A 90 -1.43 -11.85 -24.30
C PRO A 90 -2.05 -13.23 -24.11
N ASP A 91 -1.71 -14.15 -25.01
CA ASP A 91 -2.22 -15.52 -24.94
C ASP A 91 -1.52 -16.40 -25.99
N GLN A 92 -0.98 -17.52 -25.53
CA GLN A 92 -0.29 -18.45 -26.42
C GLN A 92 -1.27 -19.13 -27.37
N GLY A 1 -4.08 -8.53 17.44
CA GLY A 1 -2.97 -8.59 16.46
C GLY A 1 -3.40 -9.15 15.12
N SER A 2 -4.17 -10.24 15.16
CA SER A 2 -4.68 -10.88 13.94
C SER A 2 -3.54 -11.45 13.11
N HIS A 3 -3.68 -12.70 12.69
CA HIS A 3 -2.66 -13.36 11.87
C HIS A 3 -3.14 -14.74 11.43
N MET A 4 -4.27 -14.77 10.72
CA MET A 4 -4.84 -16.02 10.23
C MET A 4 -3.84 -16.76 9.34
N ASP A 5 -3.80 -18.08 9.49
CA ASP A 5 -2.90 -18.93 8.72
C ASP A 5 -1.44 -18.58 8.98
N PRO A 6 -0.64 -19.54 9.48
CA PRO A 6 0.78 -19.32 9.77
C PRO A 6 1.66 -19.44 8.53
N LEU A 7 1.28 -18.76 7.46
CA LEU A 7 2.04 -18.81 6.21
C LEU A 7 1.81 -17.57 5.36
N MET A 8 0.60 -17.02 5.43
CA MET A 8 0.26 -15.83 4.66
C MET A 8 0.81 -14.56 5.31
N GLN A 9 2.04 -14.63 5.79
CA GLN A 9 2.67 -13.48 6.43
C GLN A 9 2.66 -12.27 5.50
N LYS A 10 2.28 -11.12 6.02
CA LYS A 10 2.22 -9.89 5.23
C LYS A 10 2.59 -8.66 6.05
N ILE A 11 3.42 -7.80 5.48
CA ILE A 11 3.86 -6.57 6.13
C ILE A 11 4.55 -6.84 7.47
N ASP A 12 5.75 -6.29 7.62
CA ASP A 12 6.52 -6.44 8.86
C ASP A 12 6.51 -5.15 9.66
N ILE A 13 5.34 -4.81 10.21
CA ILE A 13 5.17 -3.59 10.99
C ILE A 13 6.06 -3.54 12.23
N SER A 14 5.61 -4.19 13.30
CA SER A 14 6.34 -4.19 14.57
C SER A 14 7.80 -4.56 14.38
N GLU A 15 8.07 -5.34 13.36
CA GLU A 15 9.42 -5.79 13.07
C GLU A 15 10.27 -4.62 12.56
N ASN A 16 9.68 -3.76 11.75
CA ASN A 16 10.39 -2.61 11.19
C ASN A 16 9.47 -1.40 11.04
N PRO A 17 8.99 -0.84 12.17
CA PRO A 17 8.12 0.34 12.16
C PRO A 17 8.69 1.49 11.36
N ASP A 18 10.01 1.69 11.49
CA ASP A 18 10.70 2.76 10.78
C ASP A 18 10.70 2.52 9.28
N LYS A 19 10.83 1.26 8.89
CA LYS A 19 10.86 0.90 7.47
C LYS A 19 9.68 1.50 6.73
N ILE A 20 9.97 2.24 5.65
CA ILE A 20 8.94 2.87 4.85
C ILE A 20 8.41 1.93 3.76
N TYR A 21 7.08 1.86 3.65
CA TYR A 21 6.46 1.01 2.64
C TYR A 21 5.86 1.86 1.52
N PHE A 22 5.94 1.36 0.29
CA PHE A 22 5.41 2.08 -0.86
C PHE A 22 3.97 1.66 -1.15
N ILE A 23 3.12 2.63 -1.46
CA ILE A 23 1.71 2.35 -1.74
C ILE A 23 1.31 2.85 -3.13
N ARG A 24 0.58 2.02 -3.86
CA ARG A 24 0.13 2.38 -5.19
C ARG A 24 -1.26 3.01 -5.16
N ARG A 25 -1.37 4.24 -5.66
CA ARG A 25 -2.64 4.93 -5.71
C ARG A 25 -3.49 4.44 -6.88
N GLU A 26 -4.80 4.60 -6.76
CA GLU A 26 -5.72 4.16 -7.82
C GLU A 26 -5.29 4.69 -9.18
N ASP A 27 -4.95 5.98 -9.22
CA ASP A 27 -4.50 6.61 -10.46
C ASP A 27 -3.26 5.90 -10.99
N GLY A 28 -2.44 5.40 -10.08
CA GLY A 28 -1.23 4.70 -10.46
C GLY A 28 0.03 5.45 -10.08
N THR A 29 0.01 6.10 -8.92
CA THR A 29 1.17 6.85 -8.43
C THR A 29 1.65 6.32 -7.09
N VAL A 30 2.84 5.73 -7.09
CA VAL A 30 3.43 5.18 -5.88
C VAL A 30 3.84 6.29 -4.92
N HIS A 31 3.57 6.07 -3.62
CA HIS A 31 3.91 7.04 -2.59
C HIS A 31 4.23 6.35 -1.26
N ARG A 32 5.26 6.84 -0.59
CA ARG A 32 5.69 6.27 0.69
C ARG A 32 4.56 6.27 1.72
N GLY A 33 4.61 5.29 2.62
CA GLY A 33 3.59 5.16 3.66
C GLY A 33 3.92 4.04 4.62
N GLN A 34 3.80 4.32 5.92
CA GLN A 34 4.10 3.32 6.95
C GLN A 34 2.84 2.59 7.41
N VAL A 35 2.90 1.26 7.43
CA VAL A 35 1.77 0.45 7.88
C VAL A 35 1.82 0.29 9.40
N LEU A 36 0.70 0.51 10.07
CA LEU A 36 0.65 0.40 11.52
C LEU A 36 -0.37 -0.65 12.00
N GLN A 37 -1.54 -0.69 11.36
CA GLN A 37 -2.58 -1.63 11.76
C GLN A 37 -3.25 -2.30 10.56
N SER A 38 -4.16 -3.22 10.87
CA SER A 38 -4.89 -3.95 9.84
C SER A 38 -6.19 -4.50 10.43
N ARG A 39 -7.28 -4.45 9.65
CA ARG A 39 -8.57 -4.93 10.13
C ARG A 39 -9.36 -5.64 9.03
N THR A 40 -9.97 -6.76 9.39
CA THR A 40 -10.78 -7.53 8.47
C THR A 40 -12.15 -6.87 8.29
N THR A 41 -12.62 -6.81 7.06
CA THR A 41 -13.92 -6.20 6.75
C THR A 41 -15.03 -6.98 7.46
N GLU A 42 -16.28 -6.62 7.19
CA GLU A 42 -17.43 -7.29 7.81
C GLU A 42 -17.28 -8.81 7.71
N ASN A 43 -16.81 -9.27 6.55
CA ASN A 43 -16.61 -10.70 6.31
C ASN A 43 -15.30 -11.17 6.94
N ALA A 44 -15.13 -10.91 8.23
CA ALA A 44 -13.91 -11.30 8.93
C ALA A 44 -13.60 -12.78 8.71
N ALA A 45 -12.71 -13.03 7.76
CA ALA A 45 -12.31 -14.39 7.40
C ALA A 45 -11.22 -14.35 6.34
N ALA A 46 -11.28 -13.30 5.52
CA ALA A 46 -10.32 -13.12 4.43
C ALA A 46 -10.01 -11.62 4.21
N PRO A 47 -11.05 -10.77 4.07
CA PRO A 47 -10.86 -9.33 3.86
C PRO A 47 -10.02 -8.69 4.96
N ASP A 48 -9.22 -7.69 4.59
CA ASP A 48 -8.36 -7.00 5.53
C ASP A 48 -7.68 -5.79 4.90
N GLU A 49 -7.81 -4.65 5.57
CA GLU A 49 -7.21 -3.40 5.08
C GLU A 49 -6.03 -3.02 5.98
N TYR A 50 -4.99 -2.45 5.37
CA TYR A 50 -3.81 -2.06 6.13
C TYR A 50 -3.68 -0.54 6.25
N TYR A 51 -3.60 -0.08 7.50
CA TYR A 51 -3.45 1.33 7.79
C TYR A 51 -2.13 1.84 7.22
N VAL A 52 -2.06 3.10 6.83
CA VAL A 52 -0.85 3.64 6.26
C VAL A 52 -0.73 5.15 6.46
N HIS A 53 0.48 5.58 6.82
CA HIS A 53 0.77 6.99 7.04
C HIS A 53 1.82 7.46 6.04
N TYR A 54 1.42 8.25 5.05
CA TYR A 54 2.34 8.73 4.04
C TYR A 54 3.43 9.60 4.65
N VAL A 55 4.68 9.27 4.35
CA VAL A 55 5.83 9.99 4.87
C VAL A 55 6.12 11.24 4.05
N GLY A 56 5.05 11.85 3.55
CA GLY A 56 5.19 13.06 2.75
C GLY A 56 3.86 13.65 2.34
N LEU A 57 2.98 12.80 1.82
CA LEU A 57 1.66 13.25 1.39
C LEU A 57 0.85 13.80 2.56
N ASN A 58 -0.02 14.75 2.28
CA ASN A 58 -0.86 15.37 3.31
C ASN A 58 -1.61 14.32 4.12
N ARG A 59 -2.16 14.74 5.26
CA ARG A 59 -2.89 13.84 6.14
C ARG A 59 -4.14 13.32 5.44
N ARG A 60 -4.65 14.11 4.51
CA ARG A 60 -5.84 13.74 3.76
C ARG A 60 -5.67 12.38 3.11
N LEU A 61 -4.48 12.11 2.60
CA LEU A 61 -4.19 10.83 1.96
C LEU A 61 -4.13 9.71 3.01
N ASP A 62 -3.63 10.05 4.18
CA ASP A 62 -3.50 9.09 5.28
C ASP A 62 -4.83 8.40 5.56
N GLY A 63 -4.79 7.08 5.66
CA GLY A 63 -5.99 6.31 5.93
C GLY A 63 -5.78 4.83 5.75
N TRP A 64 -6.81 4.12 5.30
CA TRP A 64 -6.71 2.68 5.08
C TRP A 64 -6.59 2.37 3.59
N VAL A 65 -5.74 1.40 3.27
CA VAL A 65 -5.53 1.00 1.88
C VAL A 65 -5.39 -0.51 1.76
N GLY A 66 -5.90 -1.05 0.65
CA GLY A 66 -5.82 -2.48 0.42
C GLY A 66 -4.39 -3.00 0.39
N ARG A 67 -4.22 -4.24 0.83
CA ARG A 67 -2.91 -4.89 0.86
C ARG A 67 -2.21 -4.80 -0.50
N HIS A 68 -2.99 -4.97 -1.56
CA HIS A 68 -2.45 -4.91 -2.92
C HIS A 68 -1.75 -3.58 -3.20
N ARG A 69 -2.17 -2.53 -2.51
CA ARG A 69 -1.58 -1.20 -2.71
C ARG A 69 -0.25 -1.07 -1.98
N ILE A 70 -0.15 -1.64 -0.79
CA ILE A 70 1.09 -1.55 -0.03
C ILE A 70 2.03 -2.71 -0.38
N SER A 71 3.29 -2.38 -0.65
CA SER A 71 4.28 -3.37 -1.03
C SER A 71 5.70 -2.83 -0.82
N ASP A 72 6.59 -3.69 -0.34
CA ASP A 72 7.97 -3.31 -0.09
C ASP A 72 8.66 -2.86 -1.37
N ASN A 73 8.15 -3.33 -2.52
CA ASN A 73 8.73 -2.97 -3.81
C ASN A 73 7.81 -2.02 -4.57
N ALA A 74 8.38 -0.91 -5.05
CA ALA A 74 7.62 0.09 -5.78
C ALA A 74 7.48 -0.27 -7.26
N ASP A 75 8.56 -0.79 -7.85
CA ASP A 75 8.57 -1.17 -9.26
C ASP A 75 7.32 -1.99 -9.63
N ASP A 76 6.94 -2.90 -8.74
CA ASP A 76 5.77 -3.74 -8.96
C ASP A 76 4.49 -2.93 -8.86
N LEU A 77 4.47 -1.97 -7.94
CA LEU A 77 3.31 -1.14 -7.71
C LEU A 77 2.89 -0.39 -8.99
N GLY A 78 3.53 0.76 -9.25
CA GLY A 78 3.19 1.53 -10.44
C GLY A 78 4.14 2.69 -10.68
N GLY A 79 5.44 2.45 -10.46
CA GLY A 79 6.42 3.49 -10.67
C GLY A 79 6.29 4.64 -9.68
N ILE A 80 7.43 5.19 -9.26
CA ILE A 80 7.43 6.31 -8.32
C ILE A 80 6.82 7.55 -8.97
N THR A 81 5.49 7.61 -8.96
CA THR A 81 4.77 8.73 -9.55
C THR A 81 5.03 8.80 -11.05
N VAL A 82 3.96 8.96 -11.81
CA VAL A 82 4.02 9.04 -13.27
C VAL A 82 4.66 7.80 -13.88
N LEU A 83 4.01 7.27 -14.90
CA LEU A 83 4.51 6.08 -15.58
C LEU A 83 4.05 6.04 -17.03
N PRO A 84 4.94 5.64 -17.97
CA PRO A 84 4.61 5.56 -19.39
C PRO A 84 3.61 4.45 -19.71
N ALA A 85 2.75 4.71 -20.68
CA ALA A 85 1.74 3.75 -21.11
C ALA A 85 1.06 4.20 -22.40
N PRO A 86 0.80 3.27 -23.33
CA PRO A 86 0.15 3.59 -24.60
C PRO A 86 -1.16 4.34 -24.41
N PRO A 87 -1.40 5.40 -25.21
CA PRO A 87 -2.64 6.20 -25.10
C PRO A 87 -3.88 5.37 -25.40
N LEU A 88 -4.76 5.28 -24.41
CA LEU A 88 -6.00 4.52 -24.54
C LEU A 88 -6.79 4.58 -23.23
N ALA A 89 -6.87 5.78 -22.66
CA ALA A 89 -7.59 6.00 -21.40
C ALA A 89 -7.65 7.48 -21.06
N PRO A 90 -8.70 7.91 -20.35
CA PRO A 90 -8.87 9.33 -19.97
C PRO A 90 -7.89 9.76 -18.87
N ASP A 91 -6.72 9.14 -18.85
CA ASP A 91 -5.69 9.48 -17.86
C ASP A 91 -5.01 10.79 -18.22
N GLN A 92 -4.59 11.53 -17.19
CA GLN A 92 -3.91 12.81 -17.40
C GLN A 92 -4.84 13.81 -18.08
N GLY A 1 -6.61 -9.09 -11.67
CA GLY A 1 -6.05 -10.32 -11.04
C GLY A 1 -5.33 -10.03 -9.74
N SER A 2 -5.92 -9.18 -8.91
CA SER A 2 -5.33 -8.81 -7.63
C SER A 2 -5.59 -9.89 -6.57
N HIS A 3 -5.37 -11.15 -6.96
CA HIS A 3 -5.59 -12.27 -6.06
C HIS A 3 -4.64 -12.20 -4.86
N MET A 4 -5.15 -12.56 -3.69
CA MET A 4 -4.34 -12.54 -2.47
C MET A 4 -3.26 -13.61 -2.53
N ASP A 5 -2.05 -13.25 -2.13
CA ASP A 5 -0.93 -14.20 -2.15
C ASP A 5 -1.19 -15.37 -1.21
N PRO A 6 -1.17 -16.61 -1.75
CA PRO A 6 -1.41 -17.81 -0.95
C PRO A 6 -0.18 -18.21 -0.14
N LEU A 7 0.54 -17.21 0.35
CA LEU A 7 1.75 -17.44 1.14
C LEU A 7 2.01 -16.28 2.09
N MET A 8 1.62 -15.08 1.67
CA MET A 8 1.80 -13.88 2.48
C MET A 8 0.76 -12.82 2.11
N GLN A 9 -0.51 -13.21 2.18
CA GLN A 9 -1.61 -12.31 1.84
C GLN A 9 -1.86 -11.27 2.93
N LYS A 10 -0.79 -10.92 3.62
CA LYS A 10 -0.84 -9.91 4.70
C LYS A 10 0.56 -9.45 5.05
N ILE A 11 0.73 -8.14 5.17
CA ILE A 11 2.01 -7.55 5.52
C ILE A 11 2.31 -7.68 7.01
N ASP A 12 3.54 -8.05 7.33
CA ASP A 12 3.94 -8.22 8.72
C ASP A 12 4.48 -6.91 9.30
N ILE A 13 3.96 -6.52 10.46
CA ILE A 13 4.39 -5.29 11.10
C ILE A 13 5.47 -5.55 12.14
N SER A 14 5.24 -6.57 12.96
CA SER A 14 6.16 -6.95 14.03
C SER A 14 7.49 -7.42 13.47
N GLU A 15 8.28 -6.49 12.96
CA GLU A 15 9.58 -6.81 12.40
C GLU A 15 10.33 -5.54 11.99
N ASN A 16 9.58 -4.55 11.54
CA ASN A 16 10.16 -3.28 11.11
C ASN A 16 9.09 -2.21 10.90
N PRO A 17 8.33 -1.87 11.96
CA PRO A 17 7.28 -0.85 11.88
C PRO A 17 7.81 0.46 11.30
N ASP A 18 9.04 0.79 11.69
CA ASP A 18 9.69 2.01 11.22
C ASP A 18 9.88 1.98 9.71
N LYS A 19 10.13 0.78 9.17
CA LYS A 19 10.33 0.60 7.74
C LYS A 19 9.21 1.25 6.93
N ILE A 20 9.60 1.98 5.88
CA ILE A 20 8.63 2.65 5.03
C ILE A 20 8.06 1.71 3.97
N TYR A 21 6.75 1.76 3.76
CA TYR A 21 6.10 0.91 2.77
C TYR A 21 5.53 1.77 1.64
N PHE A 22 5.59 1.24 0.42
CA PHE A 22 5.08 1.96 -0.75
C PHE A 22 3.61 1.62 -0.99
N ILE A 23 2.81 2.65 -1.26
CA ILE A 23 1.37 2.45 -1.50
C ILE A 23 0.99 2.91 -2.90
N ARG A 24 0.28 2.06 -3.63
CA ARG A 24 -0.15 2.39 -4.99
C ARG A 24 -1.52 3.07 -4.95
N ARG A 25 -1.59 4.29 -5.50
CA ARG A 25 -2.84 5.02 -5.56
C ARG A 25 -3.70 4.52 -6.71
N GLU A 26 -4.99 4.84 -6.68
CA GLU A 26 -5.91 4.42 -7.72
C GLU A 26 -5.43 4.90 -9.09
N ASP A 27 -4.98 6.14 -9.16
CA ASP A 27 -4.47 6.70 -10.41
C ASP A 27 -3.29 5.90 -10.91
N GLY A 28 -2.71 5.11 -10.01
CA GLY A 28 -1.58 4.28 -10.34
C GLY A 28 -0.26 4.97 -10.08
N THR A 29 -0.18 5.67 -8.96
CA THR A 29 1.03 6.39 -8.59
C THR A 29 1.58 5.92 -7.24
N VAL A 30 2.72 5.25 -7.27
CA VAL A 30 3.34 4.74 -6.06
C VAL A 30 3.88 5.88 -5.20
N HIS A 31 3.64 5.82 -3.89
CA HIS A 31 4.10 6.85 -2.97
C HIS A 31 4.37 6.27 -1.59
N ARG A 32 5.46 6.70 -0.96
CA ARG A 32 5.84 6.22 0.36
C ARG A 32 4.72 6.42 1.38
N GLY A 33 4.66 5.51 2.34
CA GLY A 33 3.65 5.57 3.38
C GLY A 33 3.90 4.55 4.48
N GLN A 34 3.92 5.01 5.73
CA GLN A 34 4.16 4.12 6.85
C GLN A 34 2.89 3.38 7.26
N VAL A 35 2.98 2.07 7.36
CA VAL A 35 1.83 1.27 7.77
C VAL A 35 1.97 0.88 9.24
N LEU A 36 0.94 1.18 10.03
CA LEU A 36 0.98 0.91 11.47
C LEU A 36 -0.15 -0.02 11.91
N GLN A 37 -1.31 0.09 11.28
CA GLN A 37 -2.46 -0.73 11.65
C GLN A 37 -2.92 -1.62 10.50
N SER A 38 -3.78 -2.59 10.83
CA SER A 38 -4.30 -3.51 9.83
C SER A 38 -5.50 -4.28 10.39
N ARG A 39 -6.41 -4.68 9.51
CA ARG A 39 -7.59 -5.42 9.92
C ARG A 39 -8.23 -6.16 8.74
N THR A 40 -8.59 -7.42 8.97
CA THR A 40 -9.22 -8.24 7.94
C THR A 40 -10.72 -8.32 8.16
N THR A 41 -11.31 -7.19 8.56
CA THR A 41 -12.74 -7.09 8.82
C THR A 41 -13.22 -8.25 9.68
N GLU A 42 -14.53 -8.35 9.89
CA GLU A 42 -15.11 -9.42 10.70
C GLU A 42 -15.17 -10.73 9.92
N ASN A 43 -15.54 -10.62 8.64
CA ASN A 43 -15.66 -11.79 7.77
C ASN A 43 -14.34 -12.55 7.68
N ALA A 44 -13.25 -11.82 7.38
CA ALA A 44 -11.94 -12.41 7.24
C ALA A 44 -11.90 -13.35 6.05
N ALA A 45 -10.78 -14.02 5.90
CA ALA A 45 -10.59 -14.95 4.81
C ALA A 45 -10.68 -14.28 3.44
N ALA A 46 -10.67 -12.95 3.44
CA ALA A 46 -10.74 -12.19 2.20
C ALA A 46 -10.44 -10.71 2.43
N PRO A 47 -11.17 -10.04 3.35
CA PRO A 47 -10.95 -8.62 3.67
C PRO A 47 -9.62 -8.38 4.35
N ASP A 48 -9.04 -7.20 4.11
CA ASP A 48 -7.76 -6.83 4.69
C ASP A 48 -7.40 -5.40 4.32
N GLU A 49 -6.99 -4.61 5.31
CA GLU A 49 -6.62 -3.22 5.10
C GLU A 49 -5.58 -2.75 6.11
N TYR A 50 -4.57 -2.02 5.63
CA TYR A 50 -3.52 -1.51 6.49
C TYR A 50 -3.49 0.01 6.54
N TYR A 51 -3.49 0.56 7.75
CA TYR A 51 -3.44 2.01 7.94
C TYR A 51 -2.14 2.57 7.41
N VAL A 52 -2.20 3.68 6.68
CA VAL A 52 -1.00 4.27 6.11
C VAL A 52 -0.86 5.76 6.41
N HIS A 53 0.37 6.16 6.72
CA HIS A 53 0.70 7.54 7.01
C HIS A 53 1.74 8.04 6.00
N TYR A 54 1.25 8.56 4.89
CA TYR A 54 2.13 9.06 3.83
C TYR A 54 3.14 10.07 4.36
N VAL A 55 4.42 9.71 4.30
CA VAL A 55 5.49 10.58 4.77
C VAL A 55 5.53 11.88 4.01
N GLY A 56 5.47 12.99 4.74
CA GLY A 56 5.50 14.30 4.13
C GLY A 56 4.18 14.70 3.50
N LEU A 57 3.55 13.77 2.78
CA LEU A 57 2.27 14.03 2.14
C LEU A 57 1.20 14.43 3.15
N ASN A 58 0.23 15.22 2.68
CA ASN A 58 -0.86 15.71 3.53
C ASN A 58 -1.52 14.58 4.30
N ARG A 59 -1.93 14.88 5.54
CA ARG A 59 -2.59 13.91 6.40
C ARG A 59 -3.86 13.36 5.77
N ARG A 60 -4.56 14.20 5.02
CA ARG A 60 -5.80 13.80 4.37
C ARG A 60 -5.63 12.52 3.55
N LEU A 61 -4.46 12.37 2.92
CA LEU A 61 -4.17 11.18 2.11
C LEU A 61 -4.21 9.92 2.97
N ASP A 62 -3.79 10.05 4.23
CA ASP A 62 -3.77 8.92 5.16
C ASP A 62 -5.10 8.17 5.14
N GLY A 63 -5.03 6.85 5.16
CA GLY A 63 -6.24 6.03 5.15
C GLY A 63 -5.95 4.55 5.27
N TRP A 64 -6.66 3.76 4.48
CA TRP A 64 -6.49 2.31 4.50
C TRP A 64 -6.31 1.75 3.09
N VAL A 65 -5.43 0.77 2.97
CA VAL A 65 -5.14 0.16 1.69
C VAL A 65 -5.71 -1.25 1.61
N GLY A 66 -5.95 -1.74 0.40
CA GLY A 66 -6.46 -3.09 0.24
C GLY A 66 -5.37 -4.13 0.40
N ARG A 67 -4.43 -3.85 1.30
CA ARG A 67 -3.29 -4.73 1.56
C ARG A 67 -2.37 -4.83 0.35
N HIS A 68 -2.83 -5.54 -0.69
CA HIS A 68 -2.06 -5.71 -1.91
C HIS A 68 -1.58 -4.37 -2.48
N ARG A 69 -2.22 -3.28 -2.06
CA ARG A 69 -1.85 -1.94 -2.52
C ARG A 69 -0.61 -1.44 -1.79
N ILE A 70 0.25 -2.37 -1.37
CA ILE A 70 1.48 -2.01 -0.67
C ILE A 70 2.57 -3.05 -0.92
N SER A 71 3.79 -2.57 -1.13
CA SER A 71 4.94 -3.44 -1.38
C SER A 71 6.25 -2.69 -1.19
N ASP A 72 7.22 -3.37 -0.59
CA ASP A 72 8.54 -2.77 -0.35
C ASP A 72 9.15 -2.24 -1.64
N ASN A 73 8.73 -2.79 -2.77
CA ASN A 73 9.24 -2.37 -4.07
C ASN A 73 8.19 -1.59 -4.86
N ALA A 74 8.58 -0.41 -5.34
CA ALA A 74 7.68 0.45 -6.11
C ALA A 74 7.43 -0.10 -7.51
N ASP A 75 8.44 -0.76 -8.07
CA ASP A 75 8.36 -1.33 -9.41
C ASP A 75 7.03 -2.05 -9.64
N ASP A 76 6.92 -3.26 -9.10
CA ASP A 76 5.72 -4.07 -9.25
C ASP A 76 4.45 -3.27 -8.95
N LEU A 77 4.52 -2.40 -7.95
CA LEU A 77 3.37 -1.58 -7.57
C LEU A 77 2.92 -0.67 -8.71
N GLY A 78 3.87 -0.05 -9.40
CA GLY A 78 3.53 0.83 -10.50
C GLY A 78 4.68 1.70 -10.93
N GLY A 79 5.91 1.29 -10.61
CA GLY A 79 7.08 2.06 -10.99
C GLY A 79 7.11 3.42 -10.31
N ILE A 80 8.32 3.96 -10.14
CA ILE A 80 8.48 5.27 -9.50
C ILE A 80 7.71 6.34 -10.27
N THR A 81 6.41 6.46 -9.97
CA THR A 81 5.53 7.42 -10.63
C THR A 81 5.75 7.43 -12.13
N VAL A 82 6.02 6.25 -12.65
CA VAL A 82 6.25 6.06 -14.09
C VAL A 82 4.99 5.52 -14.78
N LEU A 83 3.93 6.33 -14.79
CA LEU A 83 2.68 5.94 -15.43
C LEU A 83 2.86 5.75 -16.92
N PRO A 84 2.31 4.66 -17.49
CA PRO A 84 2.41 4.37 -18.92
C PRO A 84 1.80 5.45 -19.79
N ALA A 85 2.49 5.79 -20.89
CA ALA A 85 2.02 6.81 -21.81
C ALA A 85 2.90 6.85 -23.06
N PRO A 86 2.28 6.87 -24.25
CA PRO A 86 3.03 6.91 -25.52
C PRO A 86 3.72 8.25 -25.76
N PRO A 87 5.00 8.21 -26.16
CA PRO A 87 5.79 9.43 -26.41
C PRO A 87 5.21 10.26 -27.55
N LEU A 88 5.23 11.58 -27.38
CA LEU A 88 4.70 12.49 -28.39
C LEU A 88 3.22 12.24 -28.63
N ALA A 89 2.42 12.42 -27.59
CA ALA A 89 0.98 12.21 -27.68
C ALA A 89 0.23 13.15 -26.75
N PRO A 90 -0.87 13.77 -27.23
CA PRO A 90 -1.68 14.70 -26.43
C PRO A 90 -2.34 14.01 -25.25
N ASP A 91 -2.27 14.65 -24.08
CA ASP A 91 -2.86 14.12 -22.86
C ASP A 91 -2.19 12.82 -22.44
N GLN A 92 -1.90 12.70 -21.14
CA GLN A 92 -1.25 11.51 -20.59
C GLN A 92 -2.11 10.27 -20.83
N GLY A 1 -4.79 -21.25 -6.23
CA GLY A 1 -3.91 -21.79 -5.14
C GLY A 1 -4.12 -21.06 -3.83
N SER A 2 -4.20 -19.74 -3.89
CA SER A 2 -4.40 -18.91 -2.69
C SER A 2 -3.27 -19.16 -1.68
N HIS A 3 -3.61 -19.17 -0.39
CA HIS A 3 -2.63 -19.39 0.67
C HIS A 3 -1.61 -18.25 0.71
N MET A 4 -1.25 -17.84 1.92
CA MET A 4 -0.28 -16.75 2.10
C MET A 4 0.58 -16.96 3.34
N ASP A 5 1.24 -18.11 3.40
CA ASP A 5 2.12 -18.47 4.51
C ASP A 5 1.36 -18.57 5.83
N PRO A 6 1.44 -19.74 6.50
CA PRO A 6 0.77 -19.98 7.78
C PRO A 6 1.62 -19.50 8.96
N LEU A 7 2.10 -18.26 8.87
CA LEU A 7 2.92 -17.69 9.94
C LEU A 7 2.91 -16.17 9.85
N MET A 8 3.27 -15.63 8.70
CA MET A 8 3.29 -14.19 8.50
C MET A 8 1.89 -13.68 8.17
N GLN A 9 0.94 -13.96 9.07
CA GLN A 9 -0.44 -13.55 8.87
C GLN A 9 -0.54 -12.07 8.51
N LYS A 10 -1.12 -11.81 7.33
CA LYS A 10 -1.29 -10.46 6.82
C LYS A 10 -0.14 -9.52 7.20
N ILE A 11 1.07 -9.92 6.82
CA ILE A 11 2.27 -9.12 7.08
C ILE A 11 2.41 -8.70 8.55
N ASP A 12 3.56 -9.00 9.13
CA ASP A 12 3.84 -8.61 10.51
C ASP A 12 4.51 -7.24 10.53
N ILE A 13 3.98 -6.33 11.34
CA ILE A 13 4.53 -4.97 11.41
C ILE A 13 5.71 -4.86 12.36
N SER A 14 5.63 -5.54 13.50
CA SER A 14 6.70 -5.50 14.50
C SER A 14 8.05 -5.78 13.86
N GLU A 15 8.02 -6.35 12.67
CA GLU A 15 9.22 -6.69 11.93
C GLU A 15 10.11 -5.46 11.71
N ASN A 16 9.48 -4.34 11.35
CA ASN A 16 10.21 -3.10 11.09
C ASN A 16 9.25 -1.93 10.90
N PRO A 17 8.57 -1.50 11.98
CA PRO A 17 7.63 -0.38 11.92
C PRO A 17 8.25 0.86 11.28
N ASP A 18 9.52 1.12 11.60
CA ASP A 18 10.24 2.26 11.06
C ASP A 18 10.32 2.17 9.53
N LYS A 19 10.47 0.95 9.02
CA LYS A 19 10.57 0.72 7.59
C LYS A 19 9.41 1.38 6.84
N ILE A 20 9.73 2.09 5.77
CA ILE A 20 8.72 2.76 4.95
C ILE A 20 8.15 1.82 3.89
N TYR A 21 6.82 1.77 3.80
CA TYR A 21 6.17 0.92 2.80
C TYR A 21 5.62 1.76 1.65
N PHE A 22 5.70 1.21 0.45
CA PHE A 22 5.21 1.92 -0.74
C PHE A 22 3.76 1.52 -1.02
N ILE A 23 2.95 2.49 -1.43
CA ILE A 23 1.54 2.23 -1.73
C ILE A 23 1.14 2.86 -3.05
N ARG A 24 0.54 2.06 -3.92
CA ARG A 24 0.09 2.54 -5.22
C ARG A 24 -1.31 3.15 -5.13
N ARG A 25 -1.42 4.42 -5.51
CA ARG A 25 -2.71 5.10 -5.47
C ARG A 25 -3.62 4.61 -6.59
N GLU A 26 -4.92 4.82 -6.43
CA GLU A 26 -5.89 4.39 -7.43
C GLU A 26 -5.56 4.94 -8.81
N ASP A 27 -5.24 6.22 -8.87
CA ASP A 27 -4.88 6.85 -10.14
C ASP A 27 -3.69 6.12 -10.75
N GLY A 28 -2.87 5.55 -9.87
CA GLY A 28 -1.72 4.80 -10.30
C GLY A 28 -0.40 5.48 -9.98
N THR A 29 -0.33 6.13 -8.82
CA THR A 29 0.88 6.82 -8.40
C THR A 29 1.40 6.28 -7.08
N VAL A 30 2.54 5.60 -7.12
CA VAL A 30 3.16 5.03 -5.92
C VAL A 30 3.73 6.13 -5.03
N HIS A 31 3.52 6.00 -3.73
CA HIS A 31 4.01 6.98 -2.76
C HIS A 31 4.30 6.32 -1.42
N ARG A 32 5.41 6.73 -0.80
CA ARG A 32 5.81 6.19 0.49
C ARG A 32 4.71 6.37 1.54
N GLY A 33 4.63 5.41 2.46
CA GLY A 33 3.63 5.46 3.50
C GLY A 33 3.94 4.49 4.64
N GLN A 34 3.93 5.01 5.87
CA GLN A 34 4.21 4.19 7.04
C GLN A 34 2.98 3.44 7.51
N VAL A 35 2.98 2.12 7.34
CA VAL A 35 1.87 1.29 7.76
C VAL A 35 1.94 1.04 9.27
N LEU A 36 0.82 1.18 9.97
CA LEU A 36 0.80 1.00 11.42
C LEU A 36 -0.14 -0.13 11.86
N GLN A 37 -1.22 -0.35 11.12
CA GLN A 37 -2.19 -1.39 11.49
C GLN A 37 -2.71 -2.14 10.27
N SER A 38 -3.51 -3.17 10.53
CA SER A 38 -4.09 -4.00 9.47
C SER A 38 -5.23 -4.85 10.02
N ARG A 39 -6.22 -5.14 9.17
CA ARG A 39 -7.37 -5.94 9.60
C ARG A 39 -8.08 -6.59 8.41
N THR A 40 -8.47 -7.85 8.59
CA THR A 40 -9.18 -8.58 7.55
C THR A 40 -10.63 -8.11 7.49
N THR A 41 -11.16 -7.98 6.28
CA THR A 41 -12.54 -7.54 6.09
C THR A 41 -13.50 -8.54 6.74
N GLU A 42 -14.80 -8.33 6.55
CA GLU A 42 -15.82 -9.21 7.12
C GLU A 42 -15.58 -10.66 6.73
N ASN A 43 -15.30 -10.89 5.44
CA ASN A 43 -15.06 -12.25 4.94
C ASN A 43 -13.88 -12.88 5.65
N ALA A 44 -12.78 -12.13 5.75
CA ALA A 44 -11.57 -12.60 6.38
C ALA A 44 -10.98 -13.78 5.64
N ALA A 45 -9.90 -14.32 6.18
CA ALA A 45 -9.23 -15.45 5.58
C ALA A 45 -8.65 -15.11 4.20
N ALA A 46 -8.64 -13.83 3.86
CA ALA A 46 -8.11 -13.38 2.58
C ALA A 46 -8.00 -11.85 2.50
N PRO A 47 -9.10 -11.12 2.78
CA PRO A 47 -9.09 -9.65 2.75
C PRO A 47 -8.32 -9.06 3.92
N ASP A 48 -7.73 -7.89 3.69
CA ASP A 48 -6.95 -7.23 4.73
C ASP A 48 -6.57 -5.81 4.32
N GLU A 49 -6.91 -4.86 5.17
CA GLU A 49 -6.62 -3.45 4.94
C GLU A 49 -5.54 -2.95 5.90
N TYR A 50 -4.56 -2.22 5.36
CA TYR A 50 -3.47 -1.71 6.20
C TYR A 50 -3.50 -0.19 6.31
N TYR A 51 -3.44 0.30 7.55
CA TYR A 51 -3.42 1.72 7.81
C TYR A 51 -2.10 2.30 7.32
N VAL A 52 -2.15 3.36 6.55
CA VAL A 52 -0.91 3.94 6.03
C VAL A 52 -0.83 5.46 6.23
N HIS A 53 0.34 5.91 6.65
CA HIS A 53 0.60 7.32 6.88
C HIS A 53 1.65 7.82 5.88
N TYR A 54 1.19 8.29 4.72
CA TYR A 54 2.11 8.76 3.69
C TYR A 54 3.05 9.83 4.24
N VAL A 55 4.35 9.63 4.01
CA VAL A 55 5.36 10.57 4.48
C VAL A 55 5.34 11.86 3.67
N GLY A 56 5.27 12.98 4.38
CA GLY A 56 5.25 14.27 3.71
C GLY A 56 3.89 14.62 3.10
N LEU A 57 3.21 13.62 2.55
CA LEU A 57 1.91 13.84 1.92
C LEU A 57 0.90 14.41 2.91
N ASN A 58 -0.15 15.03 2.35
CA ASN A 58 -1.21 15.64 3.14
C ASN A 58 -1.76 14.67 4.20
N ARG A 59 -2.05 15.22 5.38
CA ARG A 59 -2.59 14.42 6.48
C ARG A 59 -3.93 13.80 6.09
N ARG A 60 -4.73 14.55 5.36
CA ARG A 60 -6.04 14.09 4.91
C ARG A 60 -5.92 12.83 4.05
N LEU A 61 -4.89 12.81 3.21
CA LEU A 61 -4.64 11.68 2.33
C LEU A 61 -4.51 10.38 3.12
N ASP A 62 -3.99 10.50 4.34
CA ASP A 62 -3.80 9.34 5.22
C ASP A 62 -5.08 8.52 5.33
N GLY A 63 -4.96 7.21 5.22
CA GLY A 63 -6.10 6.32 5.32
C GLY A 63 -5.74 4.87 5.09
N TRP A 64 -6.72 3.99 5.22
CA TRP A 64 -6.49 2.56 5.03
C TRP A 64 -6.36 2.22 3.55
N VAL A 65 -5.44 1.33 3.22
CA VAL A 65 -5.20 0.93 1.84
C VAL A 65 -5.10 -0.59 1.72
N GLY A 66 -5.70 -1.13 0.66
CA GLY A 66 -5.67 -2.57 0.45
C GLY A 66 -4.27 -3.10 0.25
N ARG A 67 -4.03 -4.33 0.69
CA ARG A 67 -2.72 -4.95 0.57
C ARG A 67 -2.19 -4.87 -0.87
N HIS A 68 -3.06 -5.07 -1.84
CA HIS A 68 -2.65 -5.02 -3.24
C HIS A 68 -1.92 -3.73 -3.57
N ARG A 69 -2.28 -2.66 -2.88
CA ARG A 69 -1.67 -1.36 -3.11
C ARG A 69 -0.30 -1.25 -2.42
N ILE A 70 -0.16 -1.88 -1.25
CA ILE A 70 1.09 -1.84 -0.51
C ILE A 70 2.03 -2.97 -0.91
N SER A 71 3.31 -2.64 -0.99
CA SER A 71 4.34 -3.61 -1.36
C SER A 71 5.72 -3.13 -0.90
N ASP A 72 6.53 -4.06 -0.40
CA ASP A 72 7.86 -3.74 0.09
C ASP A 72 8.81 -3.38 -1.07
N ASN A 73 8.26 -3.10 -2.24
CA ASN A 73 9.06 -2.75 -3.41
C ASN A 73 8.22 -2.06 -4.47
N ALA A 74 8.76 -1.00 -5.04
CA ALA A 74 8.06 -0.23 -6.06
C ALA A 74 7.86 -1.04 -7.33
N ASP A 75 8.81 -1.94 -7.62
CA ASP A 75 8.74 -2.78 -8.81
C ASP A 75 7.38 -3.45 -8.95
N ASP A 76 6.83 -3.91 -7.83
CA ASP A 76 5.53 -4.58 -7.84
C ASP A 76 4.42 -3.61 -7.45
N LEU A 77 4.40 -2.44 -8.09
CA LEU A 77 3.39 -1.42 -7.81
C LEU A 77 3.06 -0.60 -9.07
N GLY A 78 3.86 0.43 -9.33
CA GLY A 78 3.62 1.26 -10.50
C GLY A 78 4.76 2.24 -10.75
N GLY A 79 5.97 1.84 -10.38
CA GLY A 79 7.12 2.71 -10.58
C GLY A 79 7.03 3.99 -9.77
N ILE A 80 8.19 4.54 -9.40
CA ILE A 80 8.23 5.78 -8.63
C ILE A 80 7.64 6.93 -9.44
N THR A 81 6.31 7.00 -9.47
CA THR A 81 5.58 8.03 -10.21
C THR A 81 6.23 8.32 -11.56
N VAL A 82 6.57 7.23 -12.21
CA VAL A 82 7.19 7.30 -13.53
C VAL A 82 6.15 7.16 -14.63
N LEU A 83 5.09 7.95 -14.51
CA LEU A 83 4.01 7.94 -15.49
C LEU A 83 4.17 9.05 -16.53
N PRO A 84 3.81 8.78 -17.79
CA PRO A 84 3.91 9.77 -18.87
C PRO A 84 2.98 10.96 -18.66
N ALA A 85 3.40 12.13 -19.12
CA ALA A 85 2.60 13.34 -18.96
C ALA A 85 1.15 13.11 -19.40
N PRO A 86 0.17 13.55 -18.59
CA PRO A 86 -1.25 13.39 -18.90
C PRO A 86 -1.63 14.02 -20.23
N PRO A 87 -2.42 13.32 -21.05
CA PRO A 87 -2.87 13.82 -22.35
C PRO A 87 -3.64 15.13 -22.24
N LEU A 88 -3.35 16.06 -23.15
CA LEU A 88 -4.01 17.36 -23.16
C LEU A 88 -3.68 18.18 -21.91
N ALA A 89 -3.54 19.49 -22.09
CA ALA A 89 -3.23 20.38 -20.98
C ALA A 89 -3.51 21.84 -21.35
N PRO A 90 -4.29 22.55 -20.53
CA PRO A 90 -4.64 23.95 -20.79
C PRO A 90 -3.43 24.87 -20.73
N ASP A 91 -3.36 25.81 -21.67
CA ASP A 91 -2.26 26.77 -21.73
C ASP A 91 -0.93 26.08 -22.04
N GLN A 92 -0.16 26.67 -22.95
CA GLN A 92 1.13 26.13 -23.33
C GLN A 92 1.00 24.69 -23.83
N GLY A 1 1.21 -16.92 13.94
CA GLY A 1 1.27 -17.88 12.81
C GLY A 1 -0.10 -18.16 12.22
N SER A 2 -0.88 -17.11 12.01
CA SER A 2 -2.22 -17.25 11.44
C SER A 2 -2.16 -17.86 10.05
N HIS A 3 -1.18 -17.41 9.26
CA HIS A 3 -0.99 -17.90 7.90
C HIS A 3 -2.18 -17.50 7.00
N MET A 4 -1.86 -17.11 5.77
CA MET A 4 -2.88 -16.70 4.82
C MET A 4 -2.30 -16.62 3.40
N ASP A 5 -2.95 -17.29 2.46
CA ASP A 5 -2.51 -17.31 1.07
C ASP A 5 -1.11 -17.89 0.93
N PRO A 6 -0.97 -18.99 0.18
CA PRO A 6 0.33 -19.65 -0.04
C PRO A 6 1.17 -18.95 -1.09
N LEU A 7 1.19 -17.62 -1.06
CA LEU A 7 1.96 -16.85 -2.02
C LEU A 7 2.02 -15.37 -1.63
N MET A 8 1.01 -14.92 -0.89
CA MET A 8 0.95 -13.53 -0.47
C MET A 8 0.57 -13.42 1.01
N GLN A 9 1.43 -13.93 1.87
CA GLN A 9 1.19 -13.88 3.31
C GLN A 9 1.08 -12.44 3.78
N LYS A 10 0.11 -12.17 4.64
CA LYS A 10 -0.12 -10.82 5.16
C LYS A 10 1.17 -10.20 5.69
N ILE A 11 1.45 -8.98 5.25
CA ILE A 11 2.65 -8.26 5.65
C ILE A 11 2.61 -7.89 7.13
N ASP A 12 3.67 -8.23 7.86
CA ASP A 12 3.77 -7.93 9.28
C ASP A 12 4.52 -6.61 9.49
N ILE A 13 3.94 -5.73 10.29
CA ILE A 13 4.56 -4.43 10.57
C ILE A 13 5.52 -4.50 11.74
N SER A 14 5.11 -5.20 12.79
CA SER A 14 5.91 -5.33 14.00
C SER A 14 7.36 -5.66 13.70
N GLU A 15 7.60 -6.30 12.57
CA GLU A 15 8.94 -6.69 12.17
C GLU A 15 9.81 -5.47 11.85
N ASN A 16 9.23 -4.47 11.20
CA ASN A 16 9.96 -3.26 10.83
C ASN A 16 9.05 -2.04 10.74
N PRO A 17 8.52 -1.59 11.89
CA PRO A 17 7.64 -0.42 11.94
C PRO A 17 8.25 0.81 11.26
N ASP A 18 9.55 1.00 11.48
CA ASP A 18 10.28 2.13 10.90
C ASP A 18 10.36 2.01 9.38
N LYS A 19 10.55 0.78 8.90
CA LYS A 19 10.67 0.52 7.47
C LYS A 19 9.53 1.19 6.70
N ILE A 20 9.90 1.97 5.68
CA ILE A 20 8.91 2.67 4.87
C ILE A 20 8.41 1.78 3.73
N TYR A 21 7.09 1.65 3.63
CA TYR A 21 6.49 0.84 2.57
C TYR A 21 5.88 1.74 1.50
N PHE A 22 5.96 1.33 0.24
CA PHE A 22 5.40 2.11 -0.85
C PHE A 22 3.94 1.71 -1.09
N ILE A 23 3.09 2.72 -1.31
CA ILE A 23 1.67 2.47 -1.55
C ILE A 23 1.23 3.06 -2.87
N ARG A 24 0.63 2.23 -3.72
CA ARG A 24 0.14 2.68 -5.02
C ARG A 24 -1.25 3.28 -4.87
N ARG A 25 -1.38 4.57 -5.17
CA ARG A 25 -2.67 5.25 -5.06
C ARG A 25 -3.61 4.78 -6.18
N GLU A 26 -4.90 5.05 -6.01
CA GLU A 26 -5.90 4.65 -6.99
C GLU A 26 -5.50 5.05 -8.40
N ASP A 27 -4.93 6.24 -8.53
CA ASP A 27 -4.49 6.73 -9.83
C ASP A 27 -3.34 5.89 -10.39
N GLY A 28 -2.48 5.40 -9.51
CA GLY A 28 -1.35 4.58 -9.93
C GLY A 28 -0.03 5.07 -9.36
N THR A 29 0.07 6.39 -9.17
CA THR A 29 1.29 7.00 -8.64
C THR A 29 1.66 6.44 -7.27
N VAL A 30 2.78 5.73 -7.23
CA VAL A 30 3.28 5.14 -5.98
C VAL A 30 3.81 6.22 -5.04
N HIS A 31 3.57 6.07 -3.75
CA HIS A 31 4.02 7.03 -2.75
C HIS A 31 4.30 6.33 -1.42
N ARG A 32 5.44 6.67 -0.82
CA ARG A 32 5.83 6.07 0.46
C ARG A 32 4.74 6.22 1.51
N GLY A 33 4.72 5.30 2.46
CA GLY A 33 3.74 5.31 3.52
C GLY A 33 4.06 4.34 4.64
N GLN A 34 3.92 4.79 5.88
CA GLN A 34 4.21 3.95 7.03
C GLN A 34 3.01 3.12 7.44
N VAL A 35 3.09 1.81 7.23
CA VAL A 35 2.01 0.91 7.62
C VAL A 35 2.09 0.68 9.13
N LEU A 36 0.99 0.88 9.83
CA LEU A 36 0.98 0.74 11.29
C LEU A 36 -0.01 -0.32 11.78
N GLN A 37 -1.19 -0.37 11.15
CA GLN A 37 -2.21 -1.33 11.56
C GLN A 37 -2.83 -2.07 10.37
N SER A 38 -3.72 -3.00 10.67
CA SER A 38 -4.39 -3.79 9.65
C SER A 38 -5.66 -4.45 10.22
N ARG A 39 -6.67 -4.62 9.38
CA ARG A 39 -7.93 -5.21 9.82
C ARG A 39 -8.76 -5.73 8.64
N THR A 40 -9.37 -6.90 8.81
CA THR A 40 -10.21 -7.47 7.78
C THR A 40 -11.53 -6.70 7.70
N THR A 41 -12.66 -7.42 7.81
CA THR A 41 -13.97 -6.78 7.76
C THR A 41 -15.03 -7.74 8.29
N GLU A 42 -16.29 -7.37 8.19
CA GLU A 42 -17.40 -8.19 8.67
C GLU A 42 -17.22 -9.65 8.23
N ASN A 43 -16.85 -9.85 6.98
CA ASN A 43 -16.65 -11.19 6.44
C ASN A 43 -15.44 -11.86 7.09
N ALA A 44 -14.31 -11.17 7.07
CA ALA A 44 -13.07 -11.68 7.66
C ALA A 44 -12.73 -13.06 7.12
N ALA A 45 -12.65 -13.17 5.80
CA ALA A 45 -12.32 -14.43 5.14
C ALA A 45 -11.59 -14.14 3.84
N ALA A 46 -11.20 -12.89 3.68
CA ALA A 46 -10.50 -12.41 2.50
C ALA A 46 -10.20 -10.92 2.64
N PRO A 47 -11.20 -10.10 3.04
CA PRO A 47 -11.02 -8.65 3.21
C PRO A 47 -9.92 -8.32 4.20
N ASP A 48 -9.23 -7.21 3.96
CA ASP A 48 -8.16 -6.75 4.83
C ASP A 48 -7.64 -5.39 4.38
N GLU A 49 -7.39 -4.52 5.34
CA GLU A 49 -6.89 -3.18 5.05
C GLU A 49 -5.79 -2.80 6.02
N TYR A 50 -4.70 -2.24 5.50
CA TYR A 50 -3.58 -1.84 6.34
C TYR A 50 -3.45 -0.33 6.43
N TYR A 51 -3.43 0.17 7.66
CA TYR A 51 -3.29 1.61 7.89
C TYR A 51 -1.98 2.10 7.28
N VAL A 52 -1.97 3.33 6.80
CA VAL A 52 -0.77 3.88 6.19
C VAL A 52 -0.73 5.40 6.29
N HIS A 53 0.45 5.91 6.67
CA HIS A 53 0.66 7.34 6.80
C HIS A 53 1.78 7.79 5.87
N TYR A 54 1.41 8.39 4.74
CA TYR A 54 2.40 8.83 3.77
C TYR A 54 3.33 9.86 4.40
N VAL A 55 4.63 9.63 4.24
CA VAL A 55 5.64 10.51 4.80
C VAL A 55 5.84 11.74 3.94
N GLY A 56 4.74 12.25 3.38
CA GLY A 56 4.82 13.41 2.53
C GLY A 56 3.47 13.93 2.07
N LEU A 57 2.53 13.02 1.80
CA LEU A 57 1.21 13.42 1.32
C LEU A 57 0.46 14.27 2.34
N ASN A 58 -0.84 14.44 2.07
CA ASN A 58 -1.73 15.22 2.90
C ASN A 58 -2.22 14.41 4.10
N ARG A 59 -2.48 15.08 5.22
CA ARG A 59 -2.97 14.42 6.42
C ARG A 59 -4.28 13.67 6.15
N ARG A 60 -5.16 14.31 5.38
CA ARG A 60 -6.45 13.72 5.04
C ARG A 60 -6.27 12.54 4.10
N LEU A 61 -5.28 12.64 3.21
CA LEU A 61 -4.99 11.59 2.26
C LEU A 61 -4.72 10.25 2.96
N ASP A 62 -4.11 10.32 4.13
CA ASP A 62 -3.80 9.13 4.91
C ASP A 62 -5.07 8.35 5.24
N GLY A 63 -5.01 7.03 5.12
CA GLY A 63 -6.17 6.21 5.40
C GLY A 63 -5.84 4.72 5.43
N TRP A 64 -6.75 3.91 4.89
CA TRP A 64 -6.55 2.47 4.86
C TRP A 64 -6.54 1.95 3.42
N VAL A 65 -5.57 1.09 3.11
CA VAL A 65 -5.42 0.53 1.77
C VAL A 65 -5.79 -0.95 1.74
N GLY A 66 -6.19 -1.42 0.55
CA GLY A 66 -6.58 -2.81 0.39
C GLY A 66 -5.40 -3.78 0.40
N ARG A 67 -4.30 -3.39 1.04
CA ARG A 67 -3.11 -4.24 1.14
C ARG A 67 -2.36 -4.37 -0.19
N HIS A 68 -3.09 -4.63 -1.28
CA HIS A 68 -2.47 -4.78 -2.60
C HIS A 68 -1.72 -3.51 -2.98
N ARG A 69 -2.06 -2.41 -2.33
CA ARG A 69 -1.43 -1.12 -2.61
C ARG A 69 -0.05 -1.03 -1.94
N ILE A 70 0.12 -1.71 -0.81
CA ILE A 70 1.39 -1.67 -0.09
C ILE A 70 2.32 -2.77 -0.60
N SER A 71 3.59 -2.43 -0.78
CA SER A 71 4.59 -3.38 -1.27
C SER A 71 6.00 -2.93 -0.94
N ASP A 72 6.85 -3.87 -0.54
CA ASP A 72 8.23 -3.58 -0.18
C ASP A 72 9.05 -3.18 -1.42
N ASN A 73 8.59 -3.61 -2.59
CA ASN A 73 9.29 -3.30 -3.84
C ASN A 73 8.52 -2.27 -4.66
N ALA A 74 9.24 -1.27 -5.16
CA ALA A 74 8.63 -0.22 -5.98
C ALA A 74 8.15 -0.76 -7.32
N ASP A 75 8.98 -1.58 -7.96
CA ASP A 75 8.65 -2.16 -9.25
C ASP A 75 7.31 -2.90 -9.19
N ASP A 76 7.08 -3.60 -8.09
CA ASP A 76 5.84 -4.35 -7.90
C ASP A 76 4.70 -3.42 -7.49
N LEU A 77 4.52 -2.34 -8.24
CA LEU A 77 3.47 -1.38 -7.94
C LEU A 77 2.96 -0.69 -9.21
N GLY A 78 3.53 0.46 -9.54
CA GLY A 78 3.11 1.17 -10.74
C GLY A 78 3.93 2.43 -10.99
N GLY A 79 5.25 2.29 -10.91
CA GLY A 79 6.13 3.42 -11.15
C GLY A 79 6.07 4.44 -10.03
N ILE A 80 7.23 4.87 -9.56
CA ILE A 80 7.31 5.87 -8.50
C ILE A 80 6.80 7.21 -9.00
N THR A 81 5.63 7.61 -8.53
CA THR A 81 5.00 8.87 -8.92
C THR A 81 5.19 9.16 -10.40
N VAL A 82 5.04 8.12 -11.19
CA VAL A 82 5.17 8.22 -12.64
C VAL A 82 4.22 7.27 -13.34
N LEU A 83 3.51 7.80 -14.33
CA LEU A 83 2.55 7.01 -15.11
C LEU A 83 2.52 7.49 -16.55
N PRO A 84 2.44 6.55 -17.52
CA PRO A 84 2.41 6.88 -18.95
C PRO A 84 1.31 7.88 -19.30
N ALA A 85 1.68 8.92 -20.04
CA ALA A 85 0.73 9.95 -20.45
C ALA A 85 -0.29 9.41 -21.43
N PRO A 86 -1.56 9.87 -21.36
CA PRO A 86 -2.62 9.41 -22.26
C PRO A 86 -2.23 9.56 -23.73
N PRO A 87 -2.46 8.51 -24.54
CA PRO A 87 -2.13 8.52 -25.97
C PRO A 87 -2.99 9.51 -26.76
N LEU A 88 -2.32 10.33 -27.57
CA LEU A 88 -3.00 11.33 -28.39
C LEU A 88 -3.75 12.36 -27.53
N ALA A 89 -3.46 13.64 -27.79
CA ALA A 89 -4.11 14.74 -27.07
C ALA A 89 -3.98 14.57 -25.56
N PRO A 90 -2.88 15.09 -24.97
CA PRO A 90 -2.65 15.00 -23.52
C PRO A 90 -3.61 15.89 -22.73
N ASP A 91 -4.24 15.31 -21.71
CA ASP A 91 -5.18 16.04 -20.86
C ASP A 91 -5.67 15.17 -19.71
N GLN A 92 -5.79 15.78 -18.53
CA GLN A 92 -6.25 15.06 -17.35
C GLN A 92 -7.64 14.50 -17.56
N GLY A 1 -7.66 -22.76 -1.71
CA GLY A 1 -6.78 -21.62 -1.32
C GLY A 1 -5.98 -21.91 -0.08
N SER A 2 -4.68 -21.60 -0.12
CA SER A 2 -3.80 -21.84 1.01
C SER A 2 -4.21 -20.97 2.21
N HIS A 3 -4.41 -21.61 3.36
CA HIS A 3 -4.81 -20.91 4.57
C HIS A 3 -3.63 -20.11 5.13
N MET A 4 -3.90 -18.91 5.61
CA MET A 4 -2.86 -18.06 6.18
C MET A 4 -2.26 -18.72 7.42
N ASP A 5 -0.96 -19.00 7.37
CA ASP A 5 -0.26 -19.63 8.48
C ASP A 5 0.01 -18.62 9.60
N PRO A 6 -0.17 -19.04 10.86
CA PRO A 6 0.07 -18.17 12.01
C PRO A 6 1.55 -18.00 12.31
N LEU A 7 2.36 -17.90 11.26
CA LEU A 7 3.80 -17.74 11.40
C LEU A 7 4.38 -17.01 10.21
N MET A 8 3.56 -16.17 9.58
CA MET A 8 3.99 -15.39 8.43
C MET A 8 2.93 -14.36 8.05
N GLN A 9 2.48 -13.60 9.06
CA GLN A 9 1.47 -12.58 8.85
C GLN A 9 1.89 -11.61 7.75
N LYS A 10 0.98 -11.34 6.82
CA LYS A 10 1.26 -10.43 5.72
C LYS A 10 1.71 -9.07 6.23
N ILE A 11 2.80 -8.55 5.64
CA ILE A 11 3.35 -7.27 6.02
C ILE A 11 3.73 -7.22 7.50
N ASP A 12 5.01 -7.39 7.78
CA ASP A 12 5.50 -7.34 9.13
C ASP A 12 5.85 -5.91 9.52
N ILE A 13 5.35 -5.46 10.67
CA ILE A 13 5.62 -4.10 11.12
C ILE A 13 6.31 -4.07 12.47
N SER A 14 5.85 -4.91 13.39
CA SER A 14 6.41 -4.97 14.73
C SER A 14 7.93 -5.06 14.68
N GLU A 15 8.44 -5.67 13.62
CA GLU A 15 9.87 -5.83 13.44
C GLU A 15 10.53 -4.56 12.91
N ASN A 16 9.82 -3.85 12.03
CA ASN A 16 10.35 -2.63 11.44
C ASN A 16 9.24 -1.62 11.17
N PRO A 17 8.69 -1.01 12.24
CA PRO A 17 7.62 -0.02 12.11
C PRO A 17 8.11 1.22 11.35
N ASP A 18 9.37 1.57 11.60
CA ASP A 18 9.98 2.72 10.94
C ASP A 18 10.09 2.49 9.43
N LYS A 19 10.25 1.24 9.04
CA LYS A 19 10.37 0.87 7.62
C LYS A 19 9.27 1.51 6.79
N ILE A 20 9.67 2.13 5.69
CA ILE A 20 8.72 2.80 4.79
C ILE A 20 8.21 1.83 3.72
N TYR A 21 6.89 1.85 3.49
CA TYR A 21 6.29 0.98 2.48
C TYR A 21 5.66 1.79 1.36
N PHE A 22 5.74 1.29 0.13
CA PHE A 22 5.17 1.99 -1.01
C PHE A 22 3.72 1.59 -1.23
N ILE A 23 2.90 2.52 -1.72
CA ILE A 23 1.49 2.27 -1.98
C ILE A 23 1.10 2.76 -3.36
N ARG A 24 0.42 1.91 -4.12
CA ARG A 24 -0.02 2.28 -5.45
C ARG A 24 -1.35 3.03 -5.42
N ARG A 25 -1.35 4.24 -5.99
CA ARG A 25 -2.57 5.05 -6.04
C ARG A 25 -3.44 4.64 -7.23
N GLU A 26 -4.68 5.11 -7.24
CA GLU A 26 -5.60 4.77 -8.33
C GLU A 26 -5.05 5.22 -9.68
N ASP A 27 -4.47 6.42 -9.72
CA ASP A 27 -3.89 6.94 -10.94
C ASP A 27 -2.62 6.16 -11.32
N GLY A 28 -2.35 5.12 -10.55
CA GLY A 28 -1.17 4.30 -10.81
C GLY A 28 0.13 5.01 -10.47
N THR A 29 0.15 5.71 -9.34
CA THR A 29 1.35 6.42 -8.92
C THR A 29 1.83 5.93 -7.55
N VAL A 30 2.97 5.26 -7.54
CA VAL A 30 3.54 4.73 -6.31
C VAL A 30 4.05 5.86 -5.41
N HIS A 31 3.74 5.75 -4.12
CA HIS A 31 4.17 6.75 -3.14
C HIS A 31 4.38 6.11 -1.77
N ARG A 32 5.43 6.55 -1.08
CA ARG A 32 5.75 6.00 0.24
C ARG A 32 4.60 6.13 1.22
N GLY A 33 4.62 5.30 2.25
CA GLY A 33 3.59 5.29 3.26
C GLY A 33 3.87 4.26 4.34
N GLN A 34 3.87 4.71 5.60
CA GLN A 34 4.14 3.80 6.72
C GLN A 34 2.90 3.05 7.15
N VAL A 35 3.02 1.73 7.27
CA VAL A 35 1.91 0.89 7.71
C VAL A 35 1.92 0.78 9.22
N LEU A 36 0.75 0.94 9.85
CA LEU A 36 0.67 0.89 11.31
C LEU A 36 -0.24 -0.22 11.81
N GLN A 37 -1.36 -0.44 11.11
CA GLN A 37 -2.32 -1.46 11.52
C GLN A 37 -2.92 -2.19 10.32
N SER A 38 -3.74 -3.19 10.60
CA SER A 38 -4.39 -3.99 9.56
C SER A 38 -5.67 -4.62 10.10
N ARG A 39 -6.66 -4.83 9.22
CA ARG A 39 -7.94 -5.40 9.65
C ARG A 39 -8.59 -6.22 8.54
N THR A 40 -9.09 -7.40 8.92
CA THR A 40 -9.78 -8.28 7.98
C THR A 40 -11.27 -8.04 8.04
N THR A 41 -11.92 -8.01 6.89
CA THR A 41 -13.36 -7.78 6.82
C THR A 41 -14.11 -8.90 7.57
N GLU A 42 -15.44 -8.87 7.49
CA GLU A 42 -16.27 -9.86 8.17
C GLU A 42 -15.86 -11.28 7.79
N ASN A 43 -15.52 -11.48 6.52
CA ASN A 43 -15.11 -12.80 6.05
C ASN A 43 -13.93 -13.33 6.84
N ALA A 44 -12.90 -12.50 6.99
CA ALA A 44 -11.70 -12.89 7.73
C ALA A 44 -11.12 -14.19 7.21
N ALA A 45 -10.88 -14.24 5.90
CA ALA A 45 -10.30 -15.41 5.27
C ALA A 45 -9.62 -15.03 3.97
N ALA A 46 -9.46 -13.72 3.78
CA ALA A 46 -8.83 -13.17 2.60
C ALA A 46 -8.76 -11.65 2.68
N PRO A 47 -9.88 -10.97 3.03
CA PRO A 47 -9.92 -9.51 3.16
C PRO A 47 -9.01 -9.00 4.26
N ASP A 48 -8.34 -7.88 3.99
CA ASP A 48 -7.43 -7.28 4.97
C ASP A 48 -6.90 -5.94 4.46
N GLU A 49 -7.13 -4.89 5.25
CA GLU A 49 -6.69 -3.55 4.90
C GLU A 49 -5.64 -3.07 5.88
N TYR A 50 -4.56 -2.48 5.35
CA TYR A 50 -3.47 -2.00 6.19
C TYR A 50 -3.43 -0.47 6.20
N TYR A 51 -3.46 0.11 7.40
CA TYR A 51 -3.41 1.55 7.57
C TYR A 51 -2.10 2.09 7.00
N VAL A 52 -2.16 3.23 6.32
CA VAL A 52 -0.96 3.83 5.75
C VAL A 52 -0.86 5.32 6.03
N HIS A 53 0.34 5.76 6.38
CA HIS A 53 0.61 7.16 6.66
C HIS A 53 1.65 7.70 5.69
N TYR A 54 1.17 8.34 4.63
CA TYR A 54 2.07 8.90 3.62
C TYR A 54 3.03 9.91 4.23
N VAL A 55 4.33 9.68 4.03
CA VAL A 55 5.36 10.56 4.56
C VAL A 55 5.36 11.91 3.85
N GLY A 56 5.31 12.97 4.64
CA GLY A 56 5.32 14.31 4.07
C GLY A 56 3.97 14.74 3.53
N LEU A 57 3.28 13.81 2.86
CA LEU A 57 1.97 14.09 2.28
C LEU A 57 0.98 14.54 3.35
N ASN A 58 -0.01 15.31 2.93
CA ASN A 58 -1.04 15.83 3.83
C ASN A 58 -1.64 14.73 4.71
N ARG A 59 -1.92 15.09 5.97
CA ARG A 59 -2.49 14.16 6.94
C ARG A 59 -3.85 13.62 6.50
N ARG A 60 -4.65 14.47 5.86
CA ARG A 60 -5.98 14.06 5.40
C ARG A 60 -5.89 12.81 4.53
N LEU A 61 -4.75 12.63 3.86
CA LEU A 61 -4.52 11.48 3.00
C LEU A 61 -4.53 10.19 3.82
N ASP A 62 -4.06 10.26 5.05
CA ASP A 62 -3.98 9.10 5.94
C ASP A 62 -5.27 8.28 5.89
N GLY A 63 -5.12 6.97 5.76
CA GLY A 63 -6.27 6.09 5.70
C GLY A 63 -5.87 4.65 5.42
N TRP A 64 -6.70 3.71 5.84
CA TRP A 64 -6.41 2.29 5.63
C TRP A 64 -6.50 1.95 4.14
N VAL A 65 -5.51 1.22 3.65
CA VAL A 65 -5.46 0.84 2.24
C VAL A 65 -5.29 -0.67 2.09
N GLY A 66 -5.95 -1.23 1.08
CA GLY A 66 -5.87 -2.66 0.84
C GLY A 66 -4.44 -3.16 0.74
N ARG A 67 -4.22 -4.40 1.18
CA ARG A 67 -2.89 -5.01 1.15
C ARG A 67 -2.27 -4.92 -0.24
N HIS A 68 -3.07 -5.16 -1.28
CA HIS A 68 -2.58 -5.11 -2.65
C HIS A 68 -1.96 -3.76 -2.98
N ARG A 69 -2.38 -2.71 -2.27
CA ARG A 69 -1.87 -1.37 -2.52
C ARG A 69 -0.47 -1.18 -1.90
N ILE A 70 -0.28 -1.71 -0.69
CA ILE A 70 1.01 -1.58 -0.02
C ILE A 70 1.93 -2.74 -0.39
N SER A 71 3.20 -2.41 -0.66
CA SER A 71 4.19 -3.41 -1.05
C SER A 71 5.60 -2.87 -0.84
N ASP A 72 6.49 -3.72 -0.35
CA ASP A 72 7.88 -3.33 -0.11
C ASP A 72 8.67 -3.29 -1.42
N ASN A 73 7.96 -3.28 -2.54
CA ASN A 73 8.59 -3.23 -3.85
C ASN A 73 7.92 -2.20 -4.75
N ALA A 74 8.67 -1.17 -5.12
CA ALA A 74 8.15 -0.10 -5.97
C ALA A 74 7.75 -0.64 -7.35
N ASP A 75 8.59 -1.49 -7.92
CA ASP A 75 8.34 -2.06 -9.24
C ASP A 75 6.99 -2.79 -9.27
N ASP A 76 6.70 -3.52 -8.20
CA ASP A 76 5.45 -4.26 -8.11
C ASP A 76 4.32 -3.36 -7.62
N LEU A 77 4.23 -2.17 -8.20
CA LEU A 77 3.19 -1.21 -7.82
C LEU A 77 2.91 -0.24 -8.97
N GLY A 78 3.95 0.22 -9.64
CA GLY A 78 3.79 1.14 -10.74
C GLY A 78 5.05 1.94 -11.02
N GLY A 79 6.19 1.27 -10.93
CA GLY A 79 7.47 1.94 -11.17
C GLY A 79 7.72 3.04 -10.16
N ILE A 80 8.04 4.23 -10.64
CA ILE A 80 8.31 5.36 -9.77
C ILE A 80 7.44 6.56 -10.16
N THR A 81 6.14 6.44 -9.86
CA THR A 81 5.19 7.48 -10.16
C THR A 81 5.27 7.89 -11.64
N VAL A 82 5.33 6.88 -12.51
CA VAL A 82 5.42 7.10 -13.95
C VAL A 82 4.78 5.96 -14.73
N LEU A 83 3.78 6.28 -15.53
CA LEU A 83 3.09 5.28 -16.35
C LEU A 83 3.75 5.17 -17.72
N PRO A 84 4.06 3.93 -18.16
CA PRO A 84 4.69 3.70 -19.47
C PRO A 84 3.76 4.04 -20.63
N ALA A 85 4.25 4.88 -21.54
CA ALA A 85 3.47 5.29 -22.71
C ALA A 85 2.11 5.85 -22.31
N PRO A 86 2.10 7.00 -21.59
CA PRO A 86 0.86 7.63 -21.14
C PRO A 86 0.08 8.25 -22.30
N PRO A 87 -1.23 7.95 -22.41
CA PRO A 87 -2.08 8.49 -23.48
C PRO A 87 -2.50 9.93 -23.23
N LEU A 88 -1.52 10.80 -23.00
CA LEU A 88 -1.79 12.21 -22.76
C LEU A 88 -0.51 13.04 -22.89
N ALA A 89 -0.57 14.05 -23.76
CA ALA A 89 0.58 14.94 -23.98
C ALA A 89 0.73 15.93 -22.84
N PRO A 90 1.99 16.24 -22.44
CA PRO A 90 2.26 17.18 -21.35
C PRO A 90 1.74 18.59 -21.64
N ASP A 91 2.45 19.60 -21.15
CA ASP A 91 2.06 20.98 -21.35
C ASP A 91 1.98 21.32 -22.84
N GLN A 92 3.01 20.96 -23.59
CA GLN A 92 3.06 21.21 -25.03
C GLN A 92 2.90 22.70 -25.32
N GLY A 1 -10.74 -25.94 8.98
CA GLY A 1 -11.19 -24.62 9.52
C GLY A 1 -10.07 -23.84 10.17
N SER A 2 -8.92 -23.80 9.51
CA SER A 2 -7.76 -23.09 10.03
C SER A 2 -8.06 -21.60 10.19
N HIS A 3 -7.74 -21.07 11.36
CA HIS A 3 -7.98 -19.65 11.65
C HIS A 3 -6.87 -18.78 11.08
N MET A 4 -6.38 -19.14 9.89
CA MET A 4 -5.32 -18.39 9.23
C MET A 4 -4.03 -18.41 10.06
N ASP A 5 -2.90 -18.41 9.36
CA ASP A 5 -1.59 -18.44 10.03
C ASP A 5 -1.50 -17.35 11.10
N PRO A 6 -1.15 -17.73 12.35
CA PRO A 6 -1.02 -16.77 13.46
C PRO A 6 0.28 -15.99 13.42
N LEU A 7 0.72 -15.64 12.22
CA LEU A 7 1.96 -14.90 12.04
C LEU A 7 2.19 -14.59 10.57
N MET A 8 2.12 -15.63 9.74
CA MET A 8 2.30 -15.47 8.30
C MET A 8 1.00 -15.00 7.67
N GLN A 9 0.24 -14.20 8.41
CA GLN A 9 -1.03 -13.68 7.93
C GLN A 9 -0.83 -12.48 7.01
N LYS A 10 0.08 -12.64 6.04
CA LYS A 10 0.38 -11.59 5.08
C LYS A 10 0.91 -10.32 5.76
N ILE A 11 2.16 -9.98 5.46
CA ILE A 11 2.80 -8.79 6.00
C ILE A 11 2.77 -8.73 7.53
N ASP A 12 3.88 -8.27 8.10
CA ASP A 12 4.01 -8.14 9.55
C ASP A 12 4.72 -6.83 9.88
N ILE A 13 4.17 -6.08 10.83
CA ILE A 13 4.76 -4.80 11.22
C ILE A 13 5.96 -4.99 12.14
N SER A 14 5.85 -5.92 13.07
CA SER A 14 6.92 -6.19 14.03
C SER A 14 8.26 -6.31 13.32
N GLU A 15 8.19 -6.62 12.04
CA GLU A 15 9.37 -6.77 11.20
C GLU A 15 10.21 -5.50 11.21
N ASN A 16 9.54 -4.36 11.01
CA ASN A 16 10.22 -3.06 10.98
C ASN A 16 9.21 -1.92 11.10
N PRO A 17 9.22 -1.20 12.24
CA PRO A 17 8.32 -0.07 12.47
C PRO A 17 8.71 1.17 11.67
N ASP A 18 10.01 1.43 11.60
CA ASP A 18 10.54 2.58 10.88
C ASP A 18 10.48 2.37 9.37
N LYS A 19 10.65 1.12 8.94
CA LYS A 19 10.64 0.78 7.52
C LYS A 19 9.47 1.45 6.79
N ILE A 20 9.78 2.11 5.68
CA ILE A 20 8.77 2.80 4.89
C ILE A 20 8.16 1.86 3.85
N TYR A 21 6.84 1.76 3.86
CA TYR A 21 6.14 0.91 2.89
C TYR A 21 5.59 1.75 1.75
N PHE A 22 5.62 1.21 0.53
CA PHE A 22 5.13 1.94 -0.64
C PHE A 22 3.67 1.62 -0.91
N ILE A 23 2.89 2.66 -1.21
CA ILE A 23 1.47 2.50 -1.50
C ILE A 23 1.17 2.90 -2.94
N ARG A 24 0.46 2.03 -3.65
CA ARG A 24 0.10 2.30 -5.04
C ARG A 24 -1.32 2.85 -5.13
N ARG A 25 -1.45 4.12 -5.48
CA ARG A 25 -2.76 4.75 -5.58
C ARG A 25 -3.45 4.36 -6.88
N GLU A 26 -4.77 4.50 -6.92
CA GLU A 26 -5.54 4.14 -8.11
C GLU A 26 -5.02 4.87 -9.35
N ASP A 27 -4.68 6.14 -9.19
CA ASP A 27 -4.16 6.94 -10.31
C ASP A 27 -2.88 6.32 -10.86
N GLY A 28 -2.34 5.34 -10.13
CA GLY A 28 -1.12 4.68 -10.54
C GLY A 28 0.12 5.44 -10.11
N THR A 29 0.05 6.06 -8.94
CA THR A 29 1.18 6.81 -8.40
C THR A 29 1.62 6.26 -7.06
N VAL A 30 2.82 5.68 -7.04
CA VAL A 30 3.37 5.12 -5.81
C VAL A 30 3.82 6.22 -4.87
N HIS A 31 3.46 6.10 -3.60
CA HIS A 31 3.84 7.10 -2.60
C HIS A 31 4.17 6.43 -1.28
N ARG A 32 5.25 6.88 -0.65
CA ARG A 32 5.68 6.34 0.62
C ARG A 32 4.59 6.44 1.68
N GLY A 33 4.55 5.46 2.56
CA GLY A 33 3.55 5.43 3.61
C GLY A 33 3.91 4.46 4.72
N GLN A 34 3.85 4.93 5.96
CA GLN A 34 4.18 4.10 7.10
C GLN A 34 2.96 3.34 7.61
N VAL A 35 2.91 2.04 7.32
CA VAL A 35 1.80 1.20 7.77
C VAL A 35 1.89 0.99 9.28
N LEU A 36 0.78 1.23 9.98
CA LEU A 36 0.76 1.10 11.43
C LEU A 36 -0.27 0.08 11.92
N GLN A 37 -1.39 -0.02 11.22
CA GLN A 37 -2.45 -0.95 11.63
C GLN A 37 -2.91 -1.83 10.47
N SER A 38 -3.80 -2.76 10.79
CA SER A 38 -4.35 -3.69 9.79
C SER A 38 -5.57 -4.42 10.33
N ARG A 39 -6.51 -4.76 9.45
CA ARG A 39 -7.72 -5.46 9.86
C ARG A 39 -8.32 -6.24 8.69
N THR A 40 -8.71 -7.48 8.95
CA THR A 40 -9.30 -8.32 7.91
C THR A 40 -10.73 -7.84 7.59
N THR A 41 -11.68 -8.77 7.53
CA THR A 41 -13.07 -8.42 7.23
C THR A 41 -13.99 -9.56 7.64
N GLU A 42 -15.28 -9.44 7.31
CA GLU A 42 -16.26 -10.47 7.65
C GLU A 42 -15.71 -11.87 7.36
N ASN A 43 -14.99 -12.00 6.26
CA ASN A 43 -14.41 -13.28 5.87
C ASN A 43 -13.35 -13.72 6.87
N ALA A 44 -12.39 -12.84 7.14
CA ALA A 44 -11.32 -13.12 8.10
C ALA A 44 -10.58 -14.42 7.76
N ALA A 45 -9.95 -14.44 6.59
CA ALA A 45 -9.21 -15.61 6.14
C ALA A 45 -8.30 -15.26 4.97
N ALA A 46 -8.30 -13.98 4.61
CA ALA A 46 -7.49 -13.48 3.51
C ALA A 46 -7.61 -11.95 3.39
N PRO A 47 -8.85 -11.41 3.37
CA PRO A 47 -9.08 -9.97 3.27
C PRO A 47 -8.48 -9.22 4.45
N ASP A 48 -7.95 -8.03 4.19
CA ASP A 48 -7.34 -7.22 5.24
C ASP A 48 -6.79 -5.90 4.69
N GLU A 49 -7.13 -4.81 5.38
CA GLU A 49 -6.67 -3.47 5.01
C GLU A 49 -5.67 -2.99 6.05
N TYR A 50 -4.56 -2.40 5.59
CA TYR A 50 -3.54 -1.93 6.50
C TYR A 50 -3.50 -0.40 6.55
N TYR A 51 -3.58 0.15 7.76
CA TYR A 51 -3.53 1.59 7.97
C TYR A 51 -2.18 2.12 7.50
N VAL A 52 -2.17 3.24 6.78
CA VAL A 52 -0.91 3.80 6.30
C VAL A 52 -0.88 5.32 6.39
N HIS A 53 0.27 5.83 6.82
CA HIS A 53 0.48 7.26 6.97
C HIS A 53 1.52 7.73 5.94
N TYR A 54 1.04 8.26 4.81
CA TYR A 54 1.94 8.72 3.76
C TYR A 54 2.91 9.77 4.28
N VAL A 55 4.21 9.54 4.05
CA VAL A 55 5.24 10.47 4.49
C VAL A 55 5.23 11.75 3.66
N GLY A 56 5.21 12.89 4.35
CA GLY A 56 5.19 14.16 3.65
C GLY A 56 3.83 14.52 3.09
N LEU A 57 3.16 13.54 2.48
CA LEU A 57 1.84 13.77 1.90
C LEU A 57 0.84 14.22 2.97
N ASN A 58 -0.20 14.93 2.52
CA ASN A 58 -1.23 15.43 3.42
C ASN A 58 -1.77 14.32 4.31
N ARG A 59 -2.02 14.65 5.57
CA ARG A 59 -2.53 13.67 6.53
C ARG A 59 -3.90 13.17 6.08
N ARG A 60 -4.69 14.07 5.53
CA ARG A 60 -6.02 13.74 5.03
C ARG A 60 -5.95 12.61 4.03
N LEU A 61 -4.94 12.64 3.17
CA LEU A 61 -4.74 11.61 2.16
C LEU A 61 -4.49 10.25 2.81
N ASP A 62 -3.80 10.28 3.94
CA ASP A 62 -3.47 9.08 4.67
C ASP A 62 -4.72 8.38 5.22
N GLY A 63 -4.74 7.06 5.10
CA GLY A 63 -5.87 6.28 5.58
C GLY A 63 -5.64 4.79 5.40
N TRP A 64 -6.72 4.04 5.24
CA TRP A 64 -6.63 2.61 5.04
C TRP A 64 -6.34 2.27 3.58
N VAL A 65 -5.43 1.33 3.36
CA VAL A 65 -5.04 0.92 2.02
C VAL A 65 -5.15 -0.59 1.83
N GLY A 66 -5.64 -0.99 0.66
CA GLY A 66 -5.79 -2.39 0.34
C GLY A 66 -4.46 -3.12 0.27
N ARG A 67 -4.47 -4.39 0.66
CA ARG A 67 -3.27 -5.22 0.65
C ARG A 67 -2.59 -5.19 -0.72
N HIS A 68 -3.39 -5.20 -1.78
CA HIS A 68 -2.87 -5.19 -3.14
C HIS A 68 -2.12 -3.89 -3.47
N ARG A 69 -2.48 -2.80 -2.81
CA ARG A 69 -1.84 -1.51 -3.06
C ARG A 69 -0.48 -1.40 -2.39
N ILE A 70 -0.31 -2.08 -1.25
CA ILE A 70 0.97 -2.01 -0.52
C ILE A 70 1.95 -3.07 -1.01
N SER A 71 3.21 -2.67 -1.11
CA SER A 71 4.27 -3.57 -1.55
C SER A 71 5.64 -3.01 -1.14
N ASP A 72 6.52 -3.90 -0.69
CA ASP A 72 7.86 -3.51 -0.26
C ASP A 72 8.77 -3.17 -1.44
N ASN A 73 8.18 -2.95 -2.61
CA ASN A 73 8.97 -2.62 -3.79
C ASN A 73 8.10 -1.93 -4.85
N ALA A 74 8.65 -0.87 -5.44
CA ALA A 74 7.95 -0.11 -6.47
C ALA A 74 7.72 -0.94 -7.72
N ASP A 75 8.64 -1.86 -8.01
CA ASP A 75 8.54 -2.72 -9.19
C ASP A 75 7.15 -3.35 -9.29
N ASP A 76 6.61 -3.79 -8.16
CA ASP A 76 5.30 -4.40 -8.12
C ASP A 76 4.24 -3.39 -7.70
N LEU A 77 4.34 -2.17 -8.25
CA LEU A 77 3.39 -1.11 -7.92
C LEU A 77 3.23 -0.15 -9.11
N GLY A 78 4.14 0.82 -9.22
CA GLY A 78 4.08 1.78 -10.30
C GLY A 78 5.30 2.69 -10.32
N GLY A 79 6.47 2.12 -10.09
CA GLY A 79 7.69 2.89 -10.08
C GLY A 79 7.69 3.96 -9.01
N ILE A 80 8.19 5.14 -9.36
CA ILE A 80 8.24 6.27 -8.43
C ILE A 80 7.43 7.44 -8.97
N THR A 81 6.13 7.21 -9.15
CA THR A 81 5.23 8.22 -9.66
C THR A 81 5.80 8.90 -10.91
N VAL A 82 6.33 8.09 -11.82
CA VAL A 82 6.91 8.61 -13.06
C VAL A 82 5.90 8.56 -14.19
N LEU A 83 4.73 9.11 -13.94
CA LEU A 83 3.66 9.14 -14.92
C LEU A 83 3.83 10.30 -15.89
N PRO A 84 3.65 10.05 -17.21
CA PRO A 84 3.78 11.10 -18.23
C PRO A 84 2.63 12.08 -18.21
N ALA A 85 2.94 13.37 -18.35
CA ALA A 85 1.93 14.42 -18.36
C ALA A 85 2.53 15.76 -18.77
N PRO A 86 1.97 16.40 -19.82
CA PRO A 86 2.46 17.69 -20.31
C PRO A 86 2.22 18.82 -19.32
N PRO A 87 3.25 19.61 -18.99
CA PRO A 87 3.14 20.71 -18.05
C PRO A 87 2.53 21.96 -18.69
N LEU A 88 1.40 21.78 -19.36
CA LEU A 88 0.71 22.89 -20.01
C LEU A 88 -0.67 22.45 -20.51
N ALA A 89 -1.67 23.31 -20.30
CA ALA A 89 -3.03 23.03 -20.73
C ALA A 89 -3.12 22.93 -22.25
N PRO A 90 -3.87 21.94 -22.77
CA PRO A 90 -4.03 21.74 -24.21
C PRO A 90 -4.71 22.93 -24.89
N ASP A 91 -4.23 23.29 -26.07
CA ASP A 91 -4.79 24.41 -26.82
C ASP A 91 -4.21 24.48 -28.23
N GLN A 92 -5.07 24.72 -29.21
CA GLN A 92 -4.64 24.81 -30.60
C GLN A 92 -3.65 25.96 -30.80
N GLY A 1 -13.47 -19.80 6.50
CA GLY A 1 -13.43 -21.11 5.79
C GLY A 1 -12.71 -22.18 6.60
N SER A 2 -11.82 -22.91 5.93
CA SER A 2 -11.06 -23.97 6.59
C SER A 2 -10.19 -23.40 7.71
N HIS A 3 -9.44 -22.35 7.39
CA HIS A 3 -8.56 -21.71 8.36
C HIS A 3 -7.89 -20.48 7.75
N MET A 4 -8.64 -19.75 6.93
CA MET A 4 -8.13 -18.54 6.27
C MET A 4 -7.00 -18.89 5.29
N ASP A 5 -6.97 -18.20 4.16
CA ASP A 5 -5.97 -18.43 3.13
C ASP A 5 -4.56 -18.48 3.74
N PRO A 6 -3.79 -19.54 3.43
CA PRO A 6 -2.43 -19.71 3.95
C PRO A 6 -1.37 -18.94 3.17
N LEU A 7 -1.64 -17.67 2.87
CA LEU A 7 -0.70 -16.84 2.15
C LEU A 7 -1.01 -15.36 2.33
N MET A 8 -2.28 -15.05 2.59
CA MET A 8 -2.70 -13.67 2.79
C MET A 8 -2.28 -13.15 4.16
N GLN A 9 -1.15 -13.64 4.65
CA GLN A 9 -0.62 -13.23 5.95
C GLN A 9 0.65 -12.41 5.75
N LYS A 10 0.62 -11.55 4.75
CA LYS A 10 1.76 -10.72 4.42
C LYS A 10 1.89 -9.52 5.37
N ILE A 11 3.05 -8.87 5.30
CA ILE A 11 3.35 -7.71 6.14
C ILE A 11 3.51 -8.11 7.61
N ASP A 12 4.54 -7.55 8.24
CA ASP A 12 4.83 -7.81 9.64
C ASP A 12 5.50 -6.60 10.27
N ILE A 13 4.72 -5.53 10.42
CA ILE A 13 5.20 -4.28 10.99
C ILE A 13 6.02 -4.49 12.26
N SER A 14 5.64 -5.49 13.04
CA SER A 14 6.32 -5.79 14.30
C SER A 14 7.83 -5.80 14.16
N GLU A 15 8.31 -6.27 13.01
CA GLU A 15 9.74 -6.35 12.77
C GLU A 15 10.34 -5.00 12.37
N ASN A 16 9.59 -4.21 11.60
CA ASN A 16 10.08 -2.91 11.16
C ASN A 16 8.97 -1.87 11.06
N PRO A 17 8.62 -1.24 12.20
CA PRO A 17 7.57 -0.21 12.25
C PRO A 17 7.92 1.03 11.44
N ASP A 18 9.17 1.45 11.50
CA ASP A 18 9.63 2.64 10.79
C ASP A 18 9.79 2.39 9.29
N LYS A 19 10.15 1.16 8.93
CA LYS A 19 10.35 0.79 7.53
C LYS A 19 9.28 1.42 6.64
N ILE A 20 9.72 2.07 5.57
CA ILE A 20 8.81 2.72 4.64
C ILE A 20 8.24 1.75 3.62
N TYR A 21 6.92 1.81 3.42
CA TYR A 21 6.25 0.96 2.44
C TYR A 21 5.70 1.82 1.31
N PHE A 22 5.74 1.30 0.10
CA PHE A 22 5.24 2.04 -1.06
C PHE A 22 3.79 1.68 -1.35
N ILE A 23 2.95 2.71 -1.52
CA ILE A 23 1.53 2.49 -1.80
C ILE A 23 1.15 3.06 -3.16
N ARG A 24 0.46 2.26 -3.97
CA ARG A 24 0.03 2.71 -5.30
C ARG A 24 -1.27 3.48 -5.23
N ARG A 25 -1.27 4.71 -5.73
CA ARG A 25 -2.47 5.54 -5.73
C ARG A 25 -3.47 5.03 -6.76
N GLU A 26 -4.58 5.76 -6.92
CA GLU A 26 -5.62 5.38 -7.87
C GLU A 26 -5.12 5.50 -9.30
N ASP A 27 -4.43 6.60 -9.60
CA ASP A 27 -3.91 6.83 -10.95
C ASP A 27 -2.74 5.91 -11.27
N GLY A 28 -1.91 5.63 -10.26
CA GLY A 28 -0.77 4.75 -10.48
C GLY A 28 0.47 5.22 -9.73
N THR A 29 0.61 6.53 -9.57
CA THR A 29 1.76 7.10 -8.88
C THR A 29 1.86 6.59 -7.45
N VAL A 30 2.90 5.81 -7.19
CA VAL A 30 3.13 5.24 -5.87
C VAL A 30 3.75 6.25 -4.90
N HIS A 31 3.16 6.35 -3.71
CA HIS A 31 3.65 7.27 -2.68
C HIS A 31 3.98 6.50 -1.41
N ARG A 32 5.09 6.86 -0.78
CA ARG A 32 5.53 6.20 0.44
C ARG A 32 4.50 6.30 1.56
N GLY A 33 4.52 5.33 2.47
CA GLY A 33 3.59 5.29 3.58
C GLY A 33 3.92 4.16 4.55
N GLN A 34 3.94 4.48 5.85
CA GLN A 34 4.25 3.48 6.87
C GLN A 34 2.98 2.79 7.39
N VAL A 35 3.01 1.46 7.41
CA VAL A 35 1.87 0.68 7.91
C VAL A 35 1.97 0.55 9.43
N LEU A 36 0.85 0.74 10.12
CA LEU A 36 0.84 0.65 11.58
C LEU A 36 -0.10 -0.43 12.09
N GLN A 37 -1.32 -0.47 11.55
CA GLN A 37 -2.30 -1.46 11.97
C GLN A 37 -2.85 -2.26 10.80
N SER A 38 -3.69 -3.24 11.12
CA SER A 38 -4.30 -4.11 10.11
C SER A 38 -5.46 -4.88 10.71
N ARG A 39 -6.50 -5.13 9.91
CA ARG A 39 -7.68 -5.85 10.40
C ARG A 39 -8.28 -6.71 9.29
N THR A 40 -8.65 -7.94 9.65
CA THR A 40 -9.27 -8.86 8.71
C THR A 40 -10.77 -8.95 8.92
N THR A 41 -11.38 -7.80 9.24
CA THR A 41 -12.82 -7.73 9.48
C THR A 41 -13.26 -8.83 10.45
N GLU A 42 -14.57 -8.97 10.65
CA GLU A 42 -15.10 -9.98 11.57
C GLU A 42 -14.81 -11.38 11.06
N ASN A 43 -14.95 -11.59 9.75
CA ASN A 43 -14.69 -12.89 9.14
C ASN A 43 -13.29 -13.38 9.42
N ALA A 44 -12.30 -12.57 9.08
CA ALA A 44 -10.90 -12.94 9.26
C ALA A 44 -10.63 -14.26 8.55
N ALA A 45 -11.17 -14.38 7.35
CA ALA A 45 -11.03 -15.57 6.54
C ALA A 45 -10.82 -15.18 5.07
N ALA A 46 -10.63 -13.89 4.86
CA ALA A 46 -10.43 -13.33 3.53
C ALA A 46 -10.22 -11.81 3.62
N PRO A 47 -11.12 -11.10 4.35
CA PRO A 47 -11.00 -9.65 4.52
C PRO A 47 -9.70 -9.25 5.19
N ASP A 48 -9.18 -8.07 4.82
CA ASP A 48 -7.93 -7.57 5.39
C ASP A 48 -7.61 -6.19 4.85
N GLU A 49 -7.21 -5.30 5.75
CA GLU A 49 -6.86 -3.93 5.38
C GLU A 49 -5.73 -3.43 6.28
N TYR A 50 -4.72 -2.79 5.68
CA TYR A 50 -3.58 -2.29 6.43
C TYR A 50 -3.54 -0.76 6.43
N TYR A 51 -3.42 -0.18 7.62
CA TYR A 51 -3.33 1.26 7.76
C TYR A 51 -2.03 1.77 7.18
N VAL A 52 -2.03 3.00 6.68
CA VAL A 52 -0.82 3.56 6.09
C VAL A 52 -0.73 5.07 6.29
N HIS A 53 0.48 5.53 6.62
CA HIS A 53 0.73 6.95 6.84
C HIS A 53 1.71 7.48 5.80
N TYR A 54 1.18 8.16 4.78
CA TYR A 54 2.01 8.71 3.72
C TYR A 54 2.96 9.77 4.29
N VAL A 55 4.26 9.56 4.04
CA VAL A 55 5.27 10.49 4.53
C VAL A 55 5.28 11.76 3.70
N GLY A 56 5.22 12.90 4.38
CA GLY A 56 5.22 14.18 3.69
C GLY A 56 3.88 14.51 3.05
N LEU A 57 3.24 13.51 2.44
CA LEU A 57 1.96 13.70 1.79
C LEU A 57 0.89 14.20 2.75
N ASN A 58 -0.14 14.83 2.18
CA ASN A 58 -1.25 15.38 2.95
C ASN A 58 -1.85 14.35 3.89
N ARG A 59 -2.34 14.82 5.04
CA ARG A 59 -2.96 13.94 6.01
C ARG A 59 -4.20 13.27 5.43
N ARG A 60 -4.94 14.02 4.63
CA ARG A 60 -6.15 13.51 3.98
C ARG A 60 -5.83 12.25 3.21
N LEU A 61 -4.68 12.25 2.56
CA LEU A 61 -4.20 11.11 1.79
C LEU A 61 -3.97 9.91 2.71
N ASP A 62 -3.50 10.19 3.92
CA ASP A 62 -3.24 9.16 4.90
C ASP A 62 -4.51 8.47 5.35
N GLY A 63 -4.47 7.14 5.38
CA GLY A 63 -5.63 6.36 5.80
C GLY A 63 -5.41 4.88 5.63
N TRP A 64 -6.50 4.13 5.44
CA TRP A 64 -6.41 2.69 5.25
C TRP A 64 -6.42 2.33 3.77
N VAL A 65 -5.59 1.36 3.41
CA VAL A 65 -5.49 0.92 2.02
C VAL A 65 -5.28 -0.59 1.93
N GLY A 66 -5.87 -1.20 0.91
CA GLY A 66 -5.73 -2.64 0.73
C GLY A 66 -4.29 -3.07 0.59
N ARG A 67 -4.01 -4.30 1.00
CA ARG A 67 -2.66 -4.86 0.94
C ARG A 67 -2.05 -4.71 -0.45
N HIS A 68 -2.86 -4.93 -1.49
CA HIS A 68 -2.39 -4.83 -2.87
C HIS A 68 -1.67 -3.49 -3.11
N ARG A 69 -2.09 -2.46 -2.41
CA ARG A 69 -1.50 -1.14 -2.55
C ARG A 69 -0.18 -1.01 -1.78
N ILE A 70 -0.12 -1.59 -0.59
CA ILE A 70 1.10 -1.52 0.21
C ILE A 70 2.05 -2.66 -0.14
N SER A 71 3.32 -2.31 -0.36
CA SER A 71 4.33 -3.29 -0.72
C SER A 71 5.74 -2.74 -0.51
N ASP A 72 6.65 -3.59 -0.07
CA ASP A 72 8.04 -3.19 0.16
C ASP A 72 8.79 -3.00 -1.15
N ASN A 73 8.04 -2.89 -2.25
CA ASN A 73 8.64 -2.71 -3.57
C ASN A 73 7.69 -1.95 -4.49
N ALA A 74 8.23 -0.95 -5.18
CA ALA A 74 7.44 -0.12 -6.08
C ALA A 74 7.20 -0.79 -7.43
N ASP A 75 8.19 -1.55 -7.91
CA ASP A 75 8.08 -2.23 -9.20
C ASP A 75 6.76 -2.98 -9.33
N ASP A 76 6.33 -3.63 -8.25
CA ASP A 76 5.09 -4.38 -8.24
C ASP A 76 3.89 -3.46 -8.47
N LEU A 77 4.00 -2.25 -7.98
CA LEU A 77 2.93 -1.27 -8.10
C LEU A 77 2.98 -0.51 -9.43
N GLY A 78 3.75 0.58 -9.46
CA GLY A 78 3.85 1.37 -10.67
C GLY A 78 4.98 2.38 -10.63
N GLY A 79 6.18 1.89 -10.33
CA GLY A 79 7.35 2.78 -10.27
C GLY A 79 7.33 3.68 -9.07
N ILE A 80 7.89 4.87 -9.23
CA ILE A 80 7.93 5.85 -8.16
C ILE A 80 7.17 7.11 -8.55
N THR A 81 6.02 7.31 -7.92
CA THR A 81 5.17 8.48 -8.18
C THR A 81 5.16 8.86 -9.65
N VAL A 82 5.14 7.85 -10.49
CA VAL A 82 5.11 8.03 -11.94
C VAL A 82 4.36 6.89 -12.64
N LEU A 83 3.32 7.25 -13.38
CA LEU A 83 2.52 6.28 -14.12
C LEU A 83 1.34 6.97 -14.80
N PRO A 84 1.60 7.82 -15.80
CA PRO A 84 0.56 8.57 -16.52
C PRO A 84 -0.56 7.66 -17.04
N ALA A 85 -1.80 8.11 -16.85
CA ALA A 85 -2.96 7.36 -17.30
C ALA A 85 -4.24 8.18 -17.10
N PRO A 86 -5.14 8.20 -18.10
CA PRO A 86 -6.39 8.97 -18.02
C PRO A 86 -7.21 8.59 -16.78
N PRO A 87 -7.77 9.59 -16.08
CA PRO A 87 -8.58 9.35 -14.87
C PRO A 87 -9.84 8.53 -15.18
N LEU A 88 -10.07 7.51 -14.37
CA LEU A 88 -11.24 6.65 -14.56
C LEU A 88 -12.53 7.45 -14.40
N ALA A 89 -13.43 7.29 -15.36
CA ALA A 89 -14.72 7.98 -15.33
C ALA A 89 -15.61 7.44 -14.22
N PRO A 90 -16.20 8.33 -13.40
CA PRO A 90 -17.09 7.91 -12.31
C PRO A 90 -18.28 7.10 -12.81
N ASP A 91 -18.52 5.96 -12.17
CA ASP A 91 -19.63 5.07 -12.52
C ASP A 91 -19.35 4.32 -13.83
N GLN A 92 -18.86 5.03 -14.84
CA GLN A 92 -18.56 4.43 -16.13
C GLN A 92 -19.80 3.75 -16.72
N GLY A 1 -10.55 -17.89 -6.26
CA GLY A 1 -9.40 -18.12 -5.35
C GLY A 1 -9.69 -17.68 -3.93
N SER A 2 -9.31 -18.52 -2.97
CA SER A 2 -9.53 -18.21 -1.55
C SER A 2 -8.61 -19.05 -0.66
N HIS A 3 -7.36 -19.18 -1.09
CA HIS A 3 -6.37 -19.95 -0.34
C HIS A 3 -6.04 -19.25 0.98
N MET A 4 -6.20 -17.94 0.98
CA MET A 4 -5.94 -17.12 2.17
C MET A 4 -4.45 -17.13 2.53
N ASP A 5 -3.60 -16.84 1.54
CA ASP A 5 -2.17 -16.80 1.74
C ASP A 5 -1.61 -18.16 2.17
N PRO A 6 -0.32 -18.43 1.88
CA PRO A 6 0.33 -19.69 2.24
C PRO A 6 0.14 -20.05 3.70
N LEU A 7 -0.19 -19.02 4.46
CA LEU A 7 -0.43 -19.15 5.90
C LEU A 7 -0.75 -17.78 6.49
N MET A 8 0.13 -16.82 6.23
CA MET A 8 -0.04 -15.47 6.71
C MET A 8 0.99 -14.55 6.06
N GLN A 9 1.33 -14.86 4.82
CA GLN A 9 2.31 -14.08 4.07
C GLN A 9 1.76 -12.71 3.69
N LYS A 10 2.22 -11.67 4.38
CA LYS A 10 1.78 -10.30 4.12
C LYS A 10 2.78 -9.28 4.67
N ILE A 11 2.47 -8.01 4.49
CA ILE A 11 3.34 -6.93 4.95
C ILE A 11 3.56 -6.98 6.47
N ASP A 12 4.81 -6.88 6.86
CA ASP A 12 5.18 -6.91 8.27
C ASP A 12 5.19 -5.49 8.85
N ILE A 13 4.71 -5.33 10.08
CA ILE A 13 4.67 -4.02 10.71
C ILE A 13 5.64 -3.90 11.88
N SER A 14 5.25 -4.42 13.04
CA SER A 14 6.08 -4.36 14.24
C SER A 14 7.48 -4.88 13.97
N GLU A 15 7.56 -5.69 12.93
CA GLU A 15 8.82 -6.29 12.52
C GLU A 15 9.83 -5.22 12.10
N ASN A 16 9.34 -4.20 11.41
CA ASN A 16 10.19 -3.10 10.95
C ASN A 16 9.39 -1.82 10.74
N PRO A 17 8.82 -1.27 11.83
CA PRO A 17 8.02 -0.04 11.76
C PRO A 17 8.74 1.08 11.02
N ASP A 18 10.04 1.21 11.27
CA ASP A 18 10.86 2.23 10.64
C ASP A 18 10.85 2.07 9.11
N LYS A 19 10.84 0.82 8.67
CA LYS A 19 10.83 0.53 7.23
C LYS A 19 9.67 1.24 6.52
N ILE A 20 9.99 1.92 5.43
CA ILE A 20 8.98 2.64 4.65
C ILE A 20 8.36 1.72 3.60
N TYR A 21 7.03 1.79 3.47
CA TYR A 21 6.33 0.95 2.50
C TYR A 21 5.78 1.81 1.36
N PHE A 22 5.79 1.25 0.15
CA PHE A 22 5.29 1.96 -1.02
C PHE A 22 3.82 1.64 -1.27
N ILE A 23 3.02 2.68 -1.50
CA ILE A 23 1.59 2.51 -1.74
C ILE A 23 1.23 2.91 -3.17
N ARG A 24 0.63 1.99 -3.91
CA ARG A 24 0.22 2.26 -5.28
C ARG A 24 -1.22 2.75 -5.32
N ARG A 25 -1.39 4.03 -5.65
CA ARG A 25 -2.72 4.63 -5.74
C ARG A 25 -3.46 4.15 -6.98
N GLU A 26 -4.79 4.15 -6.91
CA GLU A 26 -5.61 3.71 -8.03
C GLU A 26 -5.28 4.44 -9.32
N ASP A 27 -5.04 5.76 -9.22
CA ASP A 27 -4.69 6.56 -10.39
C ASP A 27 -3.33 6.14 -10.93
N GLY A 28 -2.76 5.10 -10.34
CA GLY A 28 -1.47 4.58 -10.76
C GLY A 28 -0.30 5.45 -10.33
N THR A 29 -0.39 6.05 -9.15
CA THR A 29 0.69 6.88 -8.63
C THR A 29 1.20 6.36 -7.30
N VAL A 30 2.42 5.84 -7.30
CA VAL A 30 3.03 5.30 -6.09
C VAL A 30 3.46 6.41 -5.14
N HIS A 31 3.26 6.19 -3.84
CA HIS A 31 3.64 7.15 -2.82
C HIS A 31 3.99 6.45 -1.52
N ARG A 32 5.07 6.88 -0.87
CA ARG A 32 5.51 6.28 0.39
C ARG A 32 4.43 6.31 1.46
N GLY A 33 4.50 5.34 2.38
CA GLY A 33 3.53 5.26 3.45
C GLY A 33 3.90 4.19 4.46
N GLN A 34 3.79 4.51 5.75
CA GLN A 34 4.13 3.56 6.81
C GLN A 34 2.89 2.83 7.32
N VAL A 35 2.98 1.50 7.38
CA VAL A 35 1.88 0.69 7.86
C VAL A 35 1.97 0.50 9.37
N LEU A 36 0.88 0.78 10.07
CA LEU A 36 0.87 0.65 11.53
C LEU A 36 -0.21 -0.33 12.01
N GLN A 37 -1.37 -0.28 11.38
CA GLN A 37 -2.48 -1.14 11.77
C GLN A 37 -3.05 -1.93 10.59
N SER A 38 -4.00 -2.81 10.87
CA SER A 38 -4.65 -3.63 9.85
C SER A 38 -5.93 -4.26 10.41
N ARG A 39 -6.92 -4.48 9.56
CA ARG A 39 -8.19 -5.06 10.00
C ARG A 39 -9.02 -5.59 8.84
N THR A 40 -9.57 -6.79 9.03
CA THR A 40 -10.42 -7.40 8.02
C THR A 40 -11.78 -6.71 8.01
N THR A 41 -12.34 -6.49 6.83
CA THR A 41 -13.64 -5.84 6.71
C THR A 41 -14.72 -6.67 7.41
N GLU A 42 -15.97 -6.26 7.29
CA GLU A 42 -17.08 -6.97 7.92
C GLU A 42 -17.05 -8.46 7.61
N ASN A 43 -16.73 -8.80 6.36
CA ASN A 43 -16.67 -10.20 5.96
C ASN A 43 -15.70 -10.99 6.83
N ALA A 44 -14.50 -10.45 7.01
CA ALA A 44 -13.48 -11.10 7.84
C ALA A 44 -13.23 -12.53 7.39
N ALA A 45 -12.90 -12.70 6.11
CA ALA A 45 -12.62 -14.02 5.56
C ALA A 45 -11.80 -13.89 4.29
N ALA A 46 -11.32 -12.66 4.06
CA ALA A 46 -10.51 -12.35 2.89
C ALA A 46 -10.13 -10.87 2.90
N PRO A 47 -11.11 -9.97 3.11
CA PRO A 47 -10.87 -8.53 3.16
C PRO A 47 -9.99 -8.11 4.32
N ASP A 48 -9.15 -7.11 4.10
CA ASP A 48 -8.25 -6.61 5.12
C ASP A 48 -7.60 -5.31 4.68
N GLU A 49 -7.66 -4.30 5.53
CA GLU A 49 -7.09 -3.01 5.24
C GLU A 49 -5.95 -2.68 6.19
N TYR A 50 -4.84 -2.19 5.65
CA TYR A 50 -3.69 -1.83 6.47
C TYR A 50 -3.52 -0.32 6.52
N TYR A 51 -3.51 0.22 7.74
CA TYR A 51 -3.34 1.66 7.94
C TYR A 51 -2.06 2.14 7.27
N VAL A 52 -2.09 3.34 6.70
CA VAL A 52 -0.93 3.88 6.03
C VAL A 52 -0.70 5.35 6.36
N HIS A 53 0.56 5.70 6.61
CA HIS A 53 0.93 7.07 6.95
C HIS A 53 1.86 7.63 5.88
N TYR A 54 1.29 8.25 4.86
CA TYR A 54 2.08 8.82 3.78
C TYR A 54 3.06 9.87 4.30
N VAL A 55 4.34 9.59 4.16
CA VAL A 55 5.38 10.50 4.62
C VAL A 55 5.33 11.82 3.86
N GLY A 56 5.35 12.92 4.61
CA GLY A 56 5.30 14.23 3.98
C GLY A 56 3.89 14.62 3.55
N LEU A 57 3.19 13.70 2.91
CA LEU A 57 1.83 13.96 2.45
C LEU A 57 0.90 14.27 3.63
N ASN A 58 -0.03 15.18 3.40
CA ASN A 58 -0.99 15.58 4.42
C ASN A 58 -1.77 14.38 4.95
N ARG A 59 -2.38 14.55 6.13
CA ARG A 59 -3.15 13.50 6.77
C ARG A 59 -4.30 13.06 5.87
N ARG A 60 -4.79 13.99 5.06
CA ARG A 60 -5.89 13.74 4.15
C ARG A 60 -5.60 12.53 3.28
N LEU A 61 -4.36 12.40 2.83
CA LEU A 61 -3.96 11.28 1.99
C LEU A 61 -3.95 9.99 2.80
N ASP A 62 -3.57 10.08 4.07
CA ASP A 62 -3.52 8.94 4.96
C ASP A 62 -4.90 8.29 5.11
N GLY A 63 -4.93 6.96 5.10
CA GLY A 63 -6.18 6.25 5.23
C GLY A 63 -5.99 4.75 5.36
N TRP A 64 -6.83 3.99 4.67
CA TRP A 64 -6.75 2.53 4.71
C TRP A 64 -6.73 1.95 3.30
N VAL A 65 -5.81 1.03 3.06
CA VAL A 65 -5.68 0.38 1.76
C VAL A 65 -5.97 -1.11 1.85
N GLY A 66 -6.48 -1.68 0.75
CA GLY A 66 -6.80 -3.10 0.74
C GLY A 66 -5.58 -4.01 0.66
N ARG A 67 -4.47 -3.56 1.26
CA ARG A 67 -3.23 -4.35 1.28
C ARG A 67 -2.54 -4.40 -0.08
N HIS A 68 -3.31 -4.65 -1.14
CA HIS A 68 -2.75 -4.74 -2.49
C HIS A 68 -1.96 -3.48 -2.86
N ARG A 69 -2.26 -2.38 -2.20
CA ARG A 69 -1.58 -1.10 -2.47
C ARG A 69 -0.20 -1.04 -1.81
N ILE A 70 -0.04 -1.68 -0.65
CA ILE A 70 1.24 -1.66 0.05
C ILE A 70 2.15 -2.77 -0.43
N SER A 71 3.44 -2.44 -0.63
CA SER A 71 4.42 -3.40 -1.09
C SER A 71 5.84 -2.95 -0.75
N ASP A 72 6.68 -3.90 -0.36
CA ASP A 72 8.06 -3.61 0.03
C ASP A 72 8.93 -3.33 -1.20
N ASN A 73 8.32 -3.05 -2.34
CA ASN A 73 9.06 -2.76 -3.56
C ASN A 73 8.25 -1.91 -4.53
N ALA A 74 8.88 -0.86 -5.05
CA ALA A 74 8.22 0.05 -5.98
C ALA A 74 8.05 -0.57 -7.36
N ASP A 75 9.06 -1.27 -7.83
CA ASP A 75 9.03 -1.90 -9.15
C ASP A 75 7.75 -2.69 -9.36
N ASP A 76 7.31 -3.39 -8.32
CA ASP A 76 6.08 -4.18 -8.40
C ASP A 76 4.86 -3.27 -8.58
N LEU A 77 4.82 -2.19 -7.81
CA LEU A 77 3.70 -1.25 -7.89
C LEU A 77 3.62 -0.59 -9.27
N GLY A 78 4.41 0.46 -9.48
CA GLY A 78 4.40 1.14 -10.77
C GLY A 78 5.66 1.93 -11.03
N GLY A 79 6.79 1.44 -10.51
CA GLY A 79 8.06 2.11 -10.70
C GLY A 79 7.99 3.59 -10.40
N ILE A 80 7.28 3.92 -9.32
CA ILE A 80 7.10 5.30 -8.90
C ILE A 80 6.48 6.11 -10.02
N THR A 81 5.18 6.38 -9.91
CA THR A 81 4.45 7.14 -10.93
C THR A 81 4.88 6.71 -12.33
N VAL A 82 4.91 7.66 -13.24
CA VAL A 82 5.31 7.40 -14.61
C VAL A 82 4.44 6.35 -15.28
N LEU A 83 3.17 6.64 -15.44
CA LEU A 83 2.24 5.71 -16.08
C LEU A 83 1.32 6.42 -17.06
N PRO A 84 1.19 5.89 -18.29
CA PRO A 84 0.34 6.47 -19.33
C PRO A 84 -1.14 6.31 -19.04
N ALA A 85 -1.93 7.30 -19.44
CA ALA A 85 -3.37 7.28 -19.22
C ALA A 85 -4.00 6.01 -19.79
N PRO A 86 -5.02 5.45 -19.12
CA PRO A 86 -5.70 4.22 -19.57
C PRO A 86 -6.18 4.32 -21.01
N PRO A 87 -5.97 3.25 -21.81
CA PRO A 87 -6.38 3.23 -23.22
C PRO A 87 -7.89 3.42 -23.39
N LEU A 88 -8.27 4.25 -24.35
CA LEU A 88 -9.69 4.52 -24.61
C LEU A 88 -10.33 3.38 -25.40
N ALA A 89 -9.88 2.16 -25.16
CA ALA A 89 -10.42 0.99 -25.85
C ALA A 89 -11.89 0.78 -25.51
N PRO A 90 -12.72 0.44 -26.51
CA PRO A 90 -14.15 0.22 -26.32
C PRO A 90 -14.43 -0.96 -25.39
N ASP A 91 -15.41 -0.79 -24.51
CA ASP A 91 -15.79 -1.83 -23.55
C ASP A 91 -14.68 -2.08 -22.55
N GLN A 92 -15.05 -2.15 -21.27
CA GLN A 92 -14.09 -2.39 -20.20
C GLN A 92 -13.40 -3.74 -20.39
N GLY A 1 0.48 -8.18 15.95
CA GLY A 1 0.56 -7.05 14.98
C GLY A 1 0.23 -7.49 13.57
N SER A 2 0.79 -8.63 13.15
CA SER A 2 0.56 -9.16 11.82
C SER A 2 -0.89 -9.60 11.65
N HIS A 3 -1.11 -10.86 11.26
CA HIS A 3 -2.45 -11.38 11.06
C HIS A 3 -2.43 -12.92 11.08
N MET A 4 -3.38 -13.55 10.40
CA MET A 4 -3.46 -15.01 10.35
C MET A 4 -2.42 -15.59 9.39
N ASP A 5 -1.19 -15.10 9.48
CA ASP A 5 -0.12 -15.57 8.60
C ASP A 5 0.17 -17.06 8.81
N PRO A 6 -0.06 -17.88 7.78
CA PRO A 6 0.17 -19.34 7.86
C PRO A 6 1.55 -19.69 8.39
N LEU A 7 2.44 -18.74 8.29
CA LEU A 7 3.82 -18.89 8.75
C LEU A 7 4.56 -17.56 8.67
N MET A 8 4.30 -16.83 7.59
CA MET A 8 4.92 -15.53 7.38
C MET A 8 4.44 -14.96 6.05
N GLN A 9 3.17 -15.19 5.73
CA GLN A 9 2.60 -14.71 4.48
C GLN A 9 2.28 -13.21 4.56
N LYS A 10 2.51 -12.52 3.46
CA LYS A 10 2.24 -11.07 3.38
C LYS A 10 3.12 -10.29 4.36
N ILE A 11 3.53 -9.09 3.94
CA ILE A 11 4.38 -8.23 4.75
C ILE A 11 3.83 -8.06 6.16
N ASP A 12 4.68 -8.28 7.16
CA ASP A 12 4.30 -8.13 8.55
C ASP A 12 4.72 -6.75 9.06
N ILE A 13 3.79 -6.04 9.68
CA ILE A 13 4.07 -4.71 10.21
C ILE A 13 5.03 -4.77 11.39
N SER A 14 4.76 -5.70 12.30
CA SER A 14 5.58 -5.86 13.50
C SER A 14 6.95 -6.43 13.14
N GLU A 15 7.70 -5.68 12.35
CA GLU A 15 9.02 -6.09 11.91
C GLU A 15 9.92 -4.86 11.76
N ASN A 16 9.30 -3.76 11.34
CA ASN A 16 10.01 -2.51 11.12
C ASN A 16 9.04 -1.37 10.82
N PRO A 17 8.20 -0.99 11.80
CA PRO A 17 7.22 0.08 11.62
C PRO A 17 7.88 1.35 11.06
N ASP A 18 9.08 1.64 11.53
CA ASP A 18 9.83 2.80 11.08
C ASP A 18 10.11 2.72 9.58
N LYS A 19 10.38 1.50 9.11
CA LYS A 19 10.67 1.28 7.70
C LYS A 19 9.57 1.88 6.82
N ILE A 20 9.98 2.47 5.70
CA ILE A 20 9.04 3.09 4.77
C ILE A 20 8.47 2.08 3.78
N TYR A 21 7.15 2.04 3.67
CA TYR A 21 6.48 1.13 2.74
C TYR A 21 5.96 1.89 1.53
N PHE A 22 6.01 1.26 0.37
CA PHE A 22 5.53 1.88 -0.88
C PHE A 22 4.05 1.58 -1.09
N ILE A 23 3.27 2.60 -1.43
CA ILE A 23 1.84 2.43 -1.67
C ILE A 23 1.43 3.03 -3.01
N ARG A 24 0.73 2.24 -3.82
CA ARG A 24 0.28 2.69 -5.13
C ARG A 24 -1.14 3.28 -5.05
N ARG A 25 -1.28 4.53 -5.47
CA ARG A 25 -2.59 5.17 -5.47
C ARG A 25 -3.48 4.57 -6.54
N GLU A 26 -4.79 4.72 -6.38
CA GLU A 26 -5.75 4.17 -7.33
C GLU A 26 -5.37 4.57 -8.76
N ASP A 27 -4.84 5.78 -8.91
CA ASP A 27 -4.43 6.28 -10.23
C ASP A 27 -3.17 5.57 -10.73
N GLY A 28 -2.25 5.25 -9.82
CA GLY A 28 -1.02 4.58 -10.22
C GLY A 28 0.22 5.16 -9.56
N THR A 29 0.22 6.47 -9.35
CA THR A 29 1.36 7.15 -8.76
C THR A 29 1.68 6.61 -7.36
N VAL A 30 2.84 5.96 -7.26
CA VAL A 30 3.31 5.40 -6.01
C VAL A 30 3.76 6.48 -5.04
N HIS A 31 3.53 6.25 -3.75
CA HIS A 31 3.90 7.22 -2.71
C HIS A 31 4.21 6.49 -1.40
N ARG A 32 5.25 6.96 -0.71
CA ARG A 32 5.67 6.37 0.56
C ARG A 32 4.58 6.44 1.62
N GLY A 33 4.60 5.48 2.53
CA GLY A 33 3.62 5.41 3.61
C GLY A 33 3.99 4.39 4.67
N GLN A 34 3.86 4.77 5.93
CA GLN A 34 4.22 3.87 7.04
C GLN A 34 3.03 3.05 7.53
N VAL A 35 3.07 1.74 7.29
CA VAL A 35 2.00 0.85 7.74
C VAL A 35 2.10 0.59 9.23
N LEU A 36 0.97 0.70 9.94
CA LEU A 36 0.97 0.50 11.39
C LEU A 36 0.02 -0.63 11.82
N GLN A 37 -1.17 -0.66 11.24
CA GLN A 37 -2.17 -1.67 11.61
C GLN A 37 -2.73 -2.40 10.39
N SER A 38 -3.61 -3.37 10.66
CA SER A 38 -4.24 -4.16 9.61
C SER A 38 -5.59 -4.69 10.09
N ARG A 39 -6.49 -5.02 9.17
CA ARG A 39 -7.81 -5.51 9.56
C ARG A 39 -8.44 -6.41 8.48
N THR A 40 -9.05 -7.50 8.91
CA THR A 40 -9.72 -8.43 8.00
C THR A 40 -11.20 -8.13 7.95
N THR A 41 -11.78 -8.12 6.75
CA THR A 41 -13.19 -7.84 6.58
C THR A 41 -14.04 -8.91 7.29
N GLU A 42 -15.36 -8.82 7.11
CA GLU A 42 -16.28 -9.77 7.74
C GLU A 42 -15.89 -11.21 7.43
N ASN A 43 -15.48 -11.48 6.20
CA ASN A 43 -15.10 -12.82 5.79
C ASN A 43 -14.01 -13.38 6.71
N ALA A 44 -12.94 -12.60 6.89
CA ALA A 44 -11.83 -13.01 7.74
C ALA A 44 -11.28 -14.37 7.35
N ALA A 45 -10.88 -14.49 6.09
CA ALA A 45 -10.32 -15.73 5.56
C ALA A 45 -9.55 -15.43 4.28
N ALA A 46 -9.34 -14.14 4.04
CA ALA A 46 -8.63 -13.64 2.87
C ALA A 46 -8.55 -12.12 2.92
N PRO A 47 -9.68 -11.42 3.17
CA PRO A 47 -9.72 -9.96 3.25
C PRO A 47 -8.82 -9.40 4.33
N ASP A 48 -8.11 -8.32 4.01
CA ASP A 48 -7.22 -7.68 4.97
C ASP A 48 -6.66 -6.37 4.40
N GLU A 49 -6.87 -5.28 5.14
CA GLU A 49 -6.40 -3.97 4.74
C GLU A 49 -5.32 -3.49 5.70
N TYR A 50 -4.30 -2.81 5.16
CA TYR A 50 -3.21 -2.32 5.98
C TYR A 50 -3.25 -0.81 6.12
N TYR A 51 -3.28 -0.34 7.37
CA TYR A 51 -3.28 1.08 7.66
C TYR A 51 -1.99 1.71 7.14
N VAL A 52 -2.03 2.98 6.76
CA VAL A 52 -0.85 3.64 6.24
C VAL A 52 -0.86 5.14 6.52
N HIS A 53 0.27 5.63 7.03
CA HIS A 53 0.43 7.04 7.33
C HIS A 53 1.43 7.66 6.35
N TYR A 54 0.92 8.19 5.24
CA TYR A 54 1.76 8.80 4.22
C TYR A 54 2.69 9.85 4.83
N VAL A 55 3.95 9.81 4.43
CA VAL A 55 4.96 10.75 4.91
C VAL A 55 4.63 12.19 4.51
N GLY A 56 5.55 12.85 3.81
CA GLY A 56 5.37 14.23 3.39
C GLY A 56 3.96 14.56 2.91
N LEU A 57 3.27 13.56 2.36
CA LEU A 57 1.91 13.78 1.86
C LEU A 57 0.99 14.27 2.98
N ASN A 58 0.10 15.20 2.63
CA ASN A 58 -0.83 15.77 3.60
C ASN A 58 -1.65 14.68 4.29
N ARG A 59 -2.12 15.00 5.49
CA ARG A 59 -2.89 14.05 6.29
C ARG A 59 -4.09 13.50 5.52
N ARG A 60 -4.63 14.28 4.59
CA ARG A 60 -5.79 13.86 3.81
C ARG A 60 -5.57 12.50 3.15
N LEU A 61 -4.37 12.28 2.63
CA LEU A 61 -4.05 11.03 1.97
C LEU A 61 -3.95 9.89 2.99
N ASP A 62 -3.44 10.20 4.18
CA ASP A 62 -3.28 9.21 5.23
C ASP A 62 -4.60 8.53 5.57
N GLY A 63 -4.59 7.20 5.61
CA GLY A 63 -5.78 6.43 5.92
C GLY A 63 -5.58 4.95 5.68
N TRP A 64 -6.64 4.28 5.25
CA TRP A 64 -6.57 2.85 4.98
C TRP A 64 -6.42 2.58 3.49
N VAL A 65 -5.59 1.60 3.14
CA VAL A 65 -5.36 1.25 1.74
C VAL A 65 -5.27 -0.26 1.57
N GLY A 66 -5.75 -0.75 0.43
CA GLY A 66 -5.73 -2.17 0.16
C GLY A 66 -4.33 -2.76 0.15
N ARG A 67 -4.23 -4.02 0.57
CA ARG A 67 -2.96 -4.74 0.62
C ARG A 67 -2.21 -4.65 -0.72
N HIS A 68 -2.94 -4.72 -1.81
CA HIS A 68 -2.35 -4.66 -3.15
C HIS A 68 -1.55 -3.38 -3.36
N ARG A 69 -1.95 -2.31 -2.68
CA ARG A 69 -1.29 -1.03 -2.82
C ARG A 69 0.02 -0.97 -2.03
N ILE A 70 0.04 -1.55 -0.84
CA ILE A 70 1.25 -1.55 -0.02
C ILE A 70 2.14 -2.74 -0.36
N SER A 71 3.44 -2.46 -0.53
CA SER A 71 4.42 -3.48 -0.87
C SER A 71 5.84 -2.97 -0.64
N ASP A 72 6.72 -3.87 -0.22
CA ASP A 72 8.12 -3.51 0.04
C ASP A 72 8.88 -3.23 -1.26
N ASN A 73 8.17 -3.00 -2.35
CA ASN A 73 8.79 -2.72 -3.64
C ASN A 73 7.77 -2.16 -4.63
N ALA A 74 8.16 -1.08 -5.31
CA ALA A 74 7.28 -0.43 -6.29
C ALA A 74 7.06 -1.30 -7.53
N ASP A 75 7.86 -2.35 -7.67
CA ASP A 75 7.75 -3.26 -8.81
C ASP A 75 6.33 -3.82 -8.94
N ASP A 76 5.73 -4.18 -7.80
CA ASP A 76 4.39 -4.73 -7.78
C ASP A 76 3.33 -3.63 -7.86
N LEU A 77 3.78 -2.39 -7.80
CA LEU A 77 2.87 -1.25 -7.85
C LEU A 77 2.77 -0.68 -9.26
N GLY A 78 3.60 0.32 -9.55
CA GLY A 78 3.58 0.94 -10.86
C GLY A 78 4.72 1.92 -11.06
N GLY A 79 5.89 1.57 -10.53
CA GLY A 79 7.05 2.44 -10.66
C GLY A 79 6.90 3.74 -9.90
N ILE A 80 7.97 4.16 -9.24
CA ILE A 80 7.97 5.39 -8.50
C ILE A 80 7.75 6.55 -9.46
N THR A 81 6.74 7.36 -9.17
CA THR A 81 6.40 8.51 -9.99
C THR A 81 6.48 8.17 -11.49
N VAL A 82 6.75 9.19 -12.29
CA VAL A 82 6.87 9.06 -13.74
C VAL A 82 5.75 8.21 -14.34
N LEU A 83 4.52 8.65 -14.11
CA LEU A 83 3.34 7.95 -14.64
C LEU A 83 2.37 8.95 -15.25
N PRO A 84 1.73 8.58 -16.38
CA PRO A 84 0.77 9.44 -17.08
C PRO A 84 -0.57 9.53 -16.36
N ALA A 85 -0.54 9.71 -15.05
CA ALA A 85 -1.77 9.82 -14.27
C ALA A 85 -2.60 11.02 -14.71
N PRO A 86 -3.92 10.84 -14.87
CA PRO A 86 -4.82 11.93 -15.29
C PRO A 86 -4.86 13.06 -14.26
N PRO A 87 -4.68 14.31 -14.71
CA PRO A 87 -4.70 15.48 -13.82
C PRO A 87 -6.09 15.74 -13.24
N LEU A 88 -6.18 15.80 -11.91
CA LEU A 88 -7.44 16.05 -11.24
C LEU A 88 -7.69 17.54 -11.07
N ALA A 89 -8.91 17.97 -11.32
CA ALA A 89 -9.28 19.38 -11.19
C ALA A 89 -9.09 19.85 -9.75
N PRO A 90 -8.54 21.06 -9.55
CA PRO A 90 -8.31 21.61 -8.21
C PRO A 90 -9.61 21.80 -7.44
N ASP A 91 -9.62 21.32 -6.20
CA ASP A 91 -10.81 21.42 -5.35
C ASP A 91 -10.52 20.88 -3.95
N GLN A 92 -9.38 21.25 -3.40
CA GLN A 92 -8.99 20.80 -2.05
C GLN A 92 -10.00 21.26 -1.01
N GLY A 1 4.07 -12.78 -5.83
CA GLY A 1 3.06 -13.87 -5.98
C GLY A 1 1.65 -13.38 -5.75
N SER A 2 0.85 -14.17 -5.03
CA SER A 2 -0.53 -13.82 -4.73
C SER A 2 -1.08 -14.68 -3.60
N HIS A 3 -0.82 -15.98 -3.67
CA HIS A 3 -1.30 -16.91 -2.65
C HIS A 3 -0.68 -16.58 -1.29
N MET A 4 -1.49 -16.68 -0.24
CA MET A 4 -1.01 -16.39 1.10
C MET A 4 0.02 -17.43 1.54
N ASP A 5 1.17 -16.98 2.00
CA ASP A 5 2.23 -17.87 2.45
C ASP A 5 1.79 -18.63 3.69
N PRO A 6 2.06 -19.95 3.76
CA PRO A 6 1.69 -20.78 4.91
C PRO A 6 2.60 -20.54 6.12
N LEU A 7 2.98 -19.28 6.31
CA LEU A 7 3.85 -18.90 7.40
C LEU A 7 3.81 -17.39 7.65
N MET A 8 3.01 -16.69 6.86
CA MET A 8 2.89 -15.24 6.97
C MET A 8 1.80 -14.71 6.04
N GLN A 9 0.55 -15.07 6.32
CA GLN A 9 -0.58 -14.63 5.51
C GLN A 9 -0.96 -13.19 5.82
N LYS A 10 0.05 -12.38 6.11
CA LYS A 10 -0.13 -10.97 6.43
C LYS A 10 1.21 -10.33 6.78
N ILE A 11 1.40 -9.09 6.35
CA ILE A 11 2.64 -8.38 6.63
C ILE A 11 2.84 -8.21 8.13
N ASP A 12 4.02 -8.58 8.61
CA ASP A 12 4.35 -8.48 10.01
C ASP A 12 4.92 -7.10 10.34
N ILE A 13 4.07 -6.08 10.28
CA ILE A 13 4.46 -4.71 10.56
C ILE A 13 5.33 -4.62 11.81
N SER A 14 4.90 -5.31 12.85
CA SER A 14 5.60 -5.32 14.13
C SER A 14 7.01 -5.91 14.00
N GLU A 15 7.91 -5.14 13.40
CA GLU A 15 9.29 -5.57 13.21
C GLU A 15 10.13 -4.45 12.63
N ASN A 16 9.49 -3.61 11.82
CA ASN A 16 10.18 -2.48 11.20
C ASN A 16 9.22 -1.33 10.89
N PRO A 17 8.53 -0.79 11.92
CA PRO A 17 7.60 0.33 11.74
C PRO A 17 8.25 1.49 11.00
N ASP A 18 9.53 1.72 11.32
CA ASP A 18 10.28 2.80 10.70
C ASP A 18 10.40 2.58 9.19
N LYS A 19 10.49 1.32 8.80
CA LYS A 19 10.61 0.97 7.38
C LYS A 19 9.49 1.61 6.57
N ILE A 20 9.87 2.39 5.56
CA ILE A 20 8.91 3.07 4.71
C ILE A 20 8.43 2.17 3.57
N TYR A 21 7.12 2.07 3.42
CA TYR A 21 6.54 1.25 2.35
C TYR A 21 5.96 2.15 1.26
N PHE A 22 6.08 1.73 0.00
CA PHE A 22 5.55 2.51 -1.11
C PHE A 22 4.11 2.12 -1.39
N ILE A 23 3.27 3.11 -1.68
CA ILE A 23 1.85 2.87 -1.95
C ILE A 23 1.49 3.24 -3.38
N ARG A 24 0.82 2.31 -4.07
CA ARG A 24 0.38 2.53 -5.45
C ARG A 24 -1.00 3.18 -5.45
N ARG A 25 -1.04 4.50 -5.45
CA ARG A 25 -2.32 5.22 -5.45
C ARG A 25 -3.17 4.79 -6.65
N GLU A 26 -4.49 4.92 -6.49
CA GLU A 26 -5.43 4.53 -7.55
C GLU A 26 -5.11 5.25 -8.85
N ASP A 27 -4.85 6.55 -8.77
CA ASP A 27 -4.52 7.33 -9.96
C ASP A 27 -3.29 6.74 -10.63
N GLY A 28 -2.60 5.89 -9.90
CA GLY A 28 -1.40 5.24 -10.40
C GLY A 28 -0.13 6.01 -10.08
N THR A 29 -0.08 6.57 -8.88
CA THR A 29 1.09 7.33 -8.43
C THR A 29 1.68 6.72 -7.16
N VAL A 30 2.87 6.13 -7.29
CA VAL A 30 3.54 5.52 -6.14
C VAL A 30 4.04 6.60 -5.19
N HIS A 31 3.77 6.43 -3.90
CA HIS A 31 4.21 7.39 -2.90
C HIS A 31 4.42 6.70 -1.55
N ARG A 32 5.53 7.02 -0.90
CA ARG A 32 5.87 6.44 0.39
C ARG A 32 4.73 6.56 1.39
N GLY A 33 4.70 5.60 2.32
CA GLY A 33 3.68 5.58 3.36
C GLY A 33 3.99 4.54 4.42
N GLN A 34 3.91 4.94 5.68
CA GLN A 34 4.21 4.03 6.78
C GLN A 34 2.98 3.23 7.20
N VAL A 35 3.14 1.90 7.28
CA VAL A 35 2.04 1.04 7.71
C VAL A 35 2.07 0.88 9.22
N LEU A 36 0.92 1.02 9.86
CA LEU A 36 0.85 0.93 11.31
C LEU A 36 -0.09 -0.19 11.78
N GLN A 37 -1.20 -0.38 11.08
CA GLN A 37 -2.16 -1.41 11.46
C GLN A 37 -2.72 -2.16 10.25
N SER A 38 -3.55 -3.16 10.53
CA SER A 38 -4.16 -3.98 9.49
C SER A 38 -5.33 -4.77 10.06
N ARG A 39 -6.34 -5.04 9.22
CA ARG A 39 -7.52 -5.77 9.67
C ARG A 39 -8.26 -6.42 8.49
N THR A 40 -8.67 -7.66 8.67
CA THR A 40 -9.42 -8.38 7.64
C THR A 40 -10.87 -7.90 7.62
N THR A 41 -11.82 -8.84 7.67
CA THR A 41 -13.24 -8.48 7.66
C THR A 41 -14.08 -9.67 8.11
N GLU A 42 -15.40 -9.54 8.03
CA GLU A 42 -16.32 -10.59 8.43
C GLU A 42 -15.86 -11.95 7.91
N ASN A 43 -15.47 -12.01 6.64
CA ASN A 43 -15.02 -13.25 6.03
C ASN A 43 -13.71 -13.72 6.66
N ALA A 44 -12.73 -12.83 6.70
CA ALA A 44 -11.43 -13.14 7.29
C ALA A 44 -10.82 -14.40 6.66
N ALA A 45 -10.76 -14.41 5.34
CA ALA A 45 -10.21 -15.54 4.59
C ALA A 45 -9.60 -15.05 3.29
N ALA A 46 -9.49 -13.73 3.20
CA ALA A 46 -8.94 -13.05 2.03
C ALA A 46 -8.91 -11.55 2.26
N PRO A 47 -10.03 -10.95 2.74
CA PRO A 47 -10.11 -9.51 3.01
C PRO A 47 -9.07 -9.05 4.01
N ASP A 48 -8.55 -7.85 3.79
CA ASP A 48 -7.55 -7.27 4.67
C ASP A 48 -7.20 -5.86 4.23
N GLU A 49 -7.10 -4.95 5.20
CA GLU A 49 -6.76 -3.56 4.92
C GLU A 49 -5.64 -3.09 5.84
N TYR A 50 -4.66 -2.41 5.27
CA TYR A 50 -3.53 -1.92 6.04
C TYR A 50 -3.51 -0.40 6.13
N TYR A 51 -3.43 0.11 7.35
CA TYR A 51 -3.38 1.55 7.58
C TYR A 51 -2.10 2.12 6.98
N VAL A 52 -2.16 3.32 6.43
CA VAL A 52 -0.97 3.92 5.83
C VAL A 52 -0.90 5.42 6.05
N HIS A 53 0.26 5.85 6.51
CA HIS A 53 0.53 7.27 6.76
C HIS A 53 1.57 7.76 5.77
N TYR A 54 1.10 8.23 4.61
CA TYR A 54 1.99 8.71 3.57
C TYR A 54 2.96 9.74 4.11
N VAL A 55 4.24 9.39 4.09
CA VAL A 55 5.29 10.29 4.58
C VAL A 55 5.33 11.57 3.77
N GLY A 56 5.33 12.70 4.46
CA GLY A 56 5.36 13.99 3.80
C GLY A 56 3.99 14.42 3.28
N LEU A 57 3.26 13.48 2.67
CA LEU A 57 1.95 13.76 2.13
C LEU A 57 0.98 14.26 3.20
N ASN A 58 -0.08 14.93 2.76
CA ASN A 58 -1.09 15.47 3.67
C ASN A 58 -1.64 14.39 4.60
N ARG A 59 -1.91 14.78 5.84
CA ARG A 59 -2.44 13.85 6.83
C ARG A 59 -3.80 13.28 6.40
N ARG A 60 -4.60 14.12 5.75
CA ARG A 60 -5.92 13.70 5.28
C ARG A 60 -5.81 12.48 4.36
N LEU A 61 -4.71 12.39 3.63
CA LEU A 61 -4.47 11.28 2.71
C LEU A 61 -4.54 9.95 3.44
N ASP A 62 -4.19 9.95 4.72
CA ASP A 62 -4.19 8.73 5.53
C ASP A 62 -5.51 7.98 5.41
N GLY A 63 -5.42 6.65 5.35
CA GLY A 63 -6.60 5.82 5.24
C GLY A 63 -6.26 4.35 5.31
N TRP A 64 -7.06 3.51 4.64
CA TRP A 64 -6.82 2.08 4.64
C TRP A 64 -6.77 1.53 3.21
N VAL A 65 -5.76 0.71 2.94
CA VAL A 65 -5.58 0.13 1.61
C VAL A 65 -5.88 -1.36 1.63
N GLY A 66 -6.28 -1.89 0.47
CA GLY A 66 -6.58 -3.31 0.39
C GLY A 66 -5.33 -4.16 0.30
N ARG A 67 -4.24 -3.67 0.92
CA ARG A 67 -2.95 -4.37 0.94
C ARG A 67 -2.26 -4.35 -0.43
N HIS A 68 -3.03 -4.46 -1.50
CA HIS A 68 -2.49 -4.45 -2.85
C HIS A 68 -1.71 -3.17 -3.14
N ARG A 69 -2.07 -2.08 -2.46
CA ARG A 69 -1.41 -0.80 -2.67
C ARG A 69 -0.07 -0.73 -1.94
N ILE A 70 0.01 -1.29 -0.75
CA ILE A 70 1.25 -1.27 0.02
C ILE A 70 2.10 -2.49 -0.33
N SER A 71 3.38 -2.25 -0.62
CA SER A 71 4.29 -3.33 -0.98
C SER A 71 5.74 -2.98 -0.66
N ASP A 72 6.47 -3.97 -0.16
CA ASP A 72 7.88 -3.78 0.18
C ASP A 72 8.70 -3.52 -1.08
N ASN A 73 8.18 -4.01 -2.22
CA ASN A 73 8.86 -3.83 -3.50
C ASN A 73 8.09 -2.84 -4.35
N ALA A 74 8.82 -1.90 -4.96
CA ALA A 74 8.22 -0.88 -5.81
C ALA A 74 7.65 -1.45 -7.10
N ASP A 75 8.40 -2.35 -7.73
CA ASP A 75 7.97 -2.95 -8.99
C ASP A 75 6.62 -3.65 -8.86
N ASP A 76 6.42 -4.34 -7.74
CA ASP A 76 5.16 -5.05 -7.50
C ASP A 76 3.99 -4.08 -7.57
N LEU A 77 4.22 -2.86 -7.13
CA LEU A 77 3.20 -1.81 -7.14
C LEU A 77 2.66 -1.59 -8.57
N GLY A 78 3.39 -0.79 -9.34
CA GLY A 78 2.96 -0.50 -10.69
C GLY A 78 4.06 0.21 -11.49
N GLY A 79 4.91 0.94 -10.78
CA GLY A 79 6.00 1.66 -11.43
C GLY A 79 6.45 2.86 -10.62
N ILE A 80 7.75 3.13 -10.62
CA ILE A 80 8.30 4.27 -9.89
C ILE A 80 7.75 5.59 -10.42
N THR A 81 6.52 5.90 -10.04
CA THR A 81 5.87 7.13 -10.48
C THR A 81 6.06 8.22 -9.43
N VAL A 82 7.30 8.49 -9.08
CA VAL A 82 7.63 9.49 -8.09
C VAL A 82 7.83 10.86 -8.72
N LEU A 83 6.99 11.82 -8.32
CA LEU A 83 7.08 13.18 -8.84
C LEU A 83 6.59 14.21 -7.82
N PRO A 84 7.20 14.24 -6.63
CA PRO A 84 6.84 15.18 -5.56
C PRO A 84 7.19 16.62 -5.92
N ALA A 85 6.43 17.56 -5.38
CA ALA A 85 6.66 18.98 -5.65
C ALA A 85 8.13 19.34 -5.45
N PRO A 86 8.70 20.17 -6.34
CA PRO A 86 10.10 20.57 -6.26
C PRO A 86 10.44 21.25 -4.93
N PRO A 87 11.34 20.63 -4.14
CA PRO A 87 11.76 21.17 -2.84
C PRO A 87 12.92 22.14 -2.97
N LEU A 88 13.62 22.35 -1.87
CA LEU A 88 14.77 23.25 -1.85
C LEU A 88 16.03 22.53 -2.30
N ALA A 89 15.93 21.82 -3.43
CA ALA A 89 17.05 21.06 -3.97
C ALA A 89 17.43 19.89 -3.07
N PRO A 90 17.55 18.67 -3.64
CA PRO A 90 17.89 17.47 -2.87
C PRO A 90 19.34 17.48 -2.38
N ASP A 91 19.53 17.04 -1.13
CA ASP A 91 20.86 16.98 -0.52
C ASP A 91 21.48 18.37 -0.37
N GLN A 92 22.07 18.62 0.80
CA GLN A 92 22.70 19.90 1.08
C GLN A 92 21.71 21.05 0.94
N GLY A 1 -5.26 -18.74 16.45
CA GLY A 1 -5.14 -18.04 15.15
C GLY A 1 -6.06 -18.62 14.09
N SER A 2 -5.53 -18.80 12.88
CA SER A 2 -6.31 -19.35 11.78
C SER A 2 -5.44 -19.56 10.55
N HIS A 3 -5.50 -20.76 9.97
CA HIS A 3 -4.72 -21.09 8.79
C HIS A 3 -5.24 -20.35 7.57
N MET A 4 -4.33 -19.75 6.81
CA MET A 4 -4.69 -19.01 5.61
C MET A 4 -3.45 -18.53 4.87
N ASP A 5 -3.35 -18.87 3.59
CA ASP A 5 -2.22 -18.48 2.77
C ASP A 5 -0.90 -18.81 3.47
N PRO A 6 -0.49 -20.09 3.44
CA PRO A 6 0.75 -20.55 4.07
C PRO A 6 2.01 -20.12 3.32
N LEU A 7 2.00 -18.88 2.82
CA LEU A 7 3.13 -18.35 2.08
C LEU A 7 2.96 -16.85 1.87
N MET A 8 1.74 -16.43 1.54
CA MET A 8 1.44 -15.02 1.33
C MET A 8 0.98 -14.37 2.64
N GLN A 9 1.71 -14.66 3.72
CA GLN A 9 1.38 -14.11 5.02
C GLN A 9 1.47 -12.59 5.03
N LYS A 10 0.54 -11.97 5.73
CA LYS A 10 0.47 -10.51 5.84
C LYS A 10 1.79 -9.94 6.36
N ILE A 11 2.20 -8.80 5.80
CA ILE A 11 3.43 -8.14 6.21
C ILE A 11 3.39 -7.79 7.70
N ASP A 12 4.46 -8.11 8.41
CA ASP A 12 4.55 -7.82 9.82
C ASP A 12 5.12 -6.44 10.06
N ILE A 13 4.44 -5.65 10.87
CA ILE A 13 4.88 -4.30 11.18
C ILE A 13 5.75 -4.28 12.44
N SER A 14 5.42 -5.18 13.37
CA SER A 14 6.16 -5.28 14.62
C SER A 14 7.54 -5.89 14.40
N GLU A 15 8.36 -5.20 13.61
CA GLU A 15 9.70 -5.66 13.30
C GLU A 15 10.48 -4.54 12.63
N ASN A 16 9.75 -3.66 11.97
CA ASN A 16 10.36 -2.52 11.28
C ASN A 16 9.36 -1.38 11.10
N PRO A 17 8.89 -0.81 12.23
CA PRO A 17 7.92 0.29 12.21
C PRO A 17 8.40 1.47 11.35
N ASP A 18 9.68 1.79 11.44
CA ASP A 18 10.26 2.89 10.68
C ASP A 18 10.33 2.58 9.19
N LYS A 19 10.53 1.31 8.86
CA LYS A 19 10.62 0.90 7.46
C LYS A 19 9.52 1.54 6.62
N ILE A 20 9.94 2.19 5.54
CA ILE A 20 9.00 2.87 4.64
C ILE A 20 8.43 1.91 3.59
N TYR A 21 7.10 1.85 3.50
CA TYR A 21 6.44 0.99 2.51
C TYR A 21 5.84 1.85 1.40
N PHE A 22 5.88 1.34 0.18
CA PHE A 22 5.33 2.06 -0.97
C PHE A 22 3.87 1.70 -1.19
N ILE A 23 3.05 2.72 -1.48
CA ILE A 23 1.62 2.49 -1.72
C ILE A 23 1.22 2.96 -3.11
N ARG A 24 0.58 2.08 -3.87
CA ARG A 24 0.14 2.42 -5.23
C ARG A 24 -1.28 2.96 -5.21
N ARG A 25 -1.46 4.17 -5.73
CA ARG A 25 -2.79 4.78 -5.80
C ARG A 25 -3.55 4.29 -7.02
N GLU A 26 -4.83 4.66 -7.10
CA GLU A 26 -5.67 4.26 -8.22
C GLU A 26 -5.04 4.64 -9.54
N ASP A 27 -5.01 5.93 -9.85
CA ASP A 27 -4.42 6.42 -11.09
C ASP A 27 -3.12 5.68 -11.40
N GLY A 28 -2.43 5.28 -10.34
CA GLY A 28 -1.19 4.53 -10.50
C GLY A 28 0.04 5.33 -10.07
N THR A 29 -0.10 6.08 -8.99
CA THR A 29 1.02 6.87 -8.48
C THR A 29 1.47 6.37 -7.12
N VAL A 30 2.66 5.79 -7.10
CA VAL A 30 3.23 5.25 -5.86
C VAL A 30 3.67 6.36 -4.92
N HIS A 31 3.43 6.14 -3.62
CA HIS A 31 3.79 7.12 -2.60
C HIS A 31 4.15 6.42 -1.30
N ARG A 32 5.26 6.83 -0.68
CA ARG A 32 5.72 6.23 0.56
C ARG A 32 4.67 6.31 1.67
N GLY A 33 4.70 5.34 2.57
CA GLY A 33 3.75 5.30 3.67
C GLY A 33 4.08 4.20 4.66
N GLN A 34 4.09 4.54 5.95
CA GLN A 34 4.39 3.58 7.01
C GLN A 34 3.12 2.91 7.54
N VAL A 35 2.98 1.62 7.26
CA VAL A 35 1.81 0.87 7.73
C VAL A 35 1.84 0.77 9.25
N LEU A 36 0.70 1.02 9.89
CA LEU A 36 0.62 0.96 11.34
C LEU A 36 -0.38 -0.09 11.82
N GLN A 37 -1.55 -0.12 11.19
CA GLN A 37 -2.59 -1.08 11.57
C GLN A 37 -3.03 -1.93 10.39
N SER A 38 -3.89 -2.90 10.67
CA SER A 38 -4.41 -3.80 9.64
C SER A 38 -5.62 -4.58 10.15
N ARG A 39 -6.58 -4.84 9.28
CA ARG A 39 -7.78 -5.57 9.68
C ARG A 39 -8.46 -6.23 8.49
N THR A 40 -8.84 -7.49 8.66
CA THR A 40 -9.52 -8.24 7.61
C THR A 40 -11.02 -7.98 7.62
N THR A 41 -11.40 -6.74 7.88
CA THR A 41 -12.82 -6.37 7.93
C THR A 41 -13.59 -7.32 8.86
N GLU A 42 -14.91 -7.20 8.90
CA GLU A 42 -15.72 -8.07 9.75
C GLU A 42 -15.44 -9.54 9.46
N ASN A 43 -15.46 -9.91 8.17
CA ASN A 43 -15.20 -11.28 7.76
C ASN A 43 -13.70 -11.51 7.56
N ALA A 44 -13.11 -12.36 8.39
CA ALA A 44 -11.68 -12.65 8.29
C ALA A 44 -11.43 -13.89 7.45
N ALA A 45 -12.00 -13.92 6.24
CA ALA A 45 -11.84 -15.06 5.35
C ALA A 45 -11.31 -14.62 3.99
N ALA A 46 -11.30 -13.32 3.77
CA ALA A 46 -10.83 -12.75 2.51
C ALA A 46 -10.51 -11.26 2.67
N PRO A 47 -11.44 -10.46 3.22
CA PRO A 47 -11.23 -9.02 3.43
C PRO A 47 -9.91 -8.71 4.12
N ASP A 48 -9.36 -7.53 3.84
CA ASP A 48 -8.10 -7.11 4.43
C ASP A 48 -7.76 -5.68 4.03
N GLU A 49 -7.29 -4.89 5.00
CA GLU A 49 -6.91 -3.50 4.77
C GLU A 49 -5.79 -3.09 5.71
N TYR A 50 -4.79 -2.38 5.18
CA TYR A 50 -3.67 -1.93 5.97
C TYR A 50 -3.61 -0.41 6.06
N TYR A 51 -3.55 0.12 7.28
CA TYR A 51 -3.48 1.56 7.49
C TYR A 51 -2.16 2.10 6.96
N VAL A 52 -2.19 3.31 6.39
CA VAL A 52 -0.98 3.90 5.82
C VAL A 52 -0.74 5.31 6.34
N HIS A 53 0.51 5.61 6.67
CA HIS A 53 0.89 6.93 7.14
C HIS A 53 1.95 7.52 6.21
N TYR A 54 1.51 8.23 5.17
CA TYR A 54 2.42 8.82 4.20
C TYR A 54 3.42 9.75 4.90
N VAL A 55 4.70 9.55 4.60
CA VAL A 55 5.77 10.36 5.18
C VAL A 55 5.95 11.67 4.43
N GLY A 56 4.84 12.21 3.93
CA GLY A 56 4.91 13.46 3.20
C GLY A 56 3.54 13.95 2.75
N LEU A 57 2.71 13.04 2.28
CA LEU A 57 1.37 13.37 1.80
C LEU A 57 0.55 14.01 2.91
N ASN A 58 -0.46 14.78 2.52
CA ASN A 58 -1.34 15.46 3.44
C ASN A 58 -1.86 14.52 4.52
N ARG A 59 -2.01 15.05 5.73
CA ARG A 59 -2.50 14.27 6.86
C ARG A 59 -3.87 13.65 6.55
N ARG A 60 -4.72 14.41 5.87
CA ARG A 60 -6.05 13.93 5.51
C ARG A 60 -5.95 12.72 4.59
N LEU A 61 -4.91 12.70 3.77
CA LEU A 61 -4.69 11.60 2.83
C LEU A 61 -4.50 10.28 3.58
N ASP A 62 -3.91 10.35 4.77
CA ASP A 62 -3.66 9.16 5.59
C ASP A 62 -4.93 8.32 5.67
N GLY A 63 -4.79 7.03 5.38
CA GLY A 63 -5.94 6.14 5.43
C GLY A 63 -5.57 4.71 5.11
N TRP A 64 -6.49 3.79 5.40
CA TRP A 64 -6.25 2.37 5.15
C TRP A 64 -6.37 2.07 3.66
N VAL A 65 -5.35 1.40 3.11
CA VAL A 65 -5.35 1.06 1.69
C VAL A 65 -5.27 -0.46 1.52
N GLY A 66 -5.80 -0.94 0.40
CA GLY A 66 -5.78 -2.36 0.12
C GLY A 66 -4.38 -2.94 0.12
N ARG A 67 -4.28 -4.20 0.52
CA ARG A 67 -3.00 -4.92 0.57
C ARG A 67 -2.21 -4.77 -0.73
N HIS A 68 -2.91 -4.89 -1.86
CA HIS A 68 -2.27 -4.79 -3.16
C HIS A 68 -1.47 -3.50 -3.33
N ARG A 69 -1.90 -2.45 -2.64
CA ARG A 69 -1.25 -1.15 -2.74
C ARG A 69 0.05 -1.08 -1.93
N ILE A 70 0.07 -1.69 -0.75
CA ILE A 70 1.28 -1.66 0.08
C ILE A 70 2.20 -2.83 -0.26
N SER A 71 3.48 -2.51 -0.47
CA SER A 71 4.48 -3.53 -0.81
C SER A 71 5.89 -2.96 -0.72
N ASP A 72 6.81 -3.76 -0.20
CA ASP A 72 8.20 -3.33 -0.04
C ASP A 72 8.87 -3.11 -1.40
N ASN A 73 8.24 -3.62 -2.46
CA ASN A 73 8.78 -3.47 -3.81
C ASN A 73 7.93 -2.49 -4.62
N ALA A 74 8.60 -1.54 -5.27
CA ALA A 74 7.93 -0.53 -6.08
C ALA A 74 7.44 -1.10 -7.41
N ASP A 75 8.20 -2.04 -7.97
CA ASP A 75 7.85 -2.64 -9.25
C ASP A 75 6.44 -3.22 -9.23
N ASP A 76 6.07 -3.86 -8.12
CA ASP A 76 4.75 -4.46 -7.97
C ASP A 76 3.66 -3.40 -8.02
N LEU A 77 4.03 -2.17 -7.73
CA LEU A 77 3.07 -1.07 -7.74
C LEU A 77 3.03 -0.34 -9.08
N GLY A 78 3.89 0.66 -9.23
CA GLY A 78 3.93 1.42 -10.45
C GLY A 78 5.20 2.25 -10.57
N GLY A 79 6.34 1.61 -10.35
CA GLY A 79 7.60 2.31 -10.43
C GLY A 79 7.80 3.28 -9.30
N ILE A 80 8.15 4.51 -9.64
CA ILE A 80 8.36 5.56 -8.64
C ILE A 80 7.57 6.81 -8.99
N THR A 81 6.23 6.68 -8.95
CA THR A 81 5.33 7.79 -9.27
C THR A 81 5.85 8.61 -10.44
N VAL A 82 6.16 7.91 -11.51
CA VAL A 82 6.66 8.53 -12.72
C VAL A 82 6.18 7.78 -13.97
N LEU A 83 4.85 7.73 -14.12
CA LEU A 83 4.24 7.05 -15.25
C LEU A 83 4.85 7.50 -16.58
N PRO A 84 4.94 6.59 -17.56
CA PRO A 84 5.52 6.90 -18.88
C PRO A 84 4.97 8.19 -19.48
N ALA A 85 5.83 8.95 -20.14
CA ALA A 85 5.44 10.21 -20.75
C ALA A 85 6.40 10.59 -21.88
N PRO A 86 5.86 11.10 -23.00
CA PRO A 86 6.68 11.49 -24.17
C PRO A 86 7.72 12.56 -23.82
N PRO A 87 8.98 12.36 -24.24
CA PRO A 87 10.07 13.30 -23.98
C PRO A 87 9.87 14.63 -24.71
N LEU A 88 10.28 15.72 -24.07
CA LEU A 88 10.13 17.05 -24.65
C LEU A 88 10.76 17.11 -26.04
N ALA A 89 10.18 17.93 -26.91
CA ALA A 89 10.65 18.08 -28.28
C ALA A 89 10.51 16.78 -29.07
N PRO A 90 9.90 16.85 -30.28
CA PRO A 90 9.70 15.66 -31.12
C PRO A 90 11.02 15.11 -31.67
N ASP A 91 11.17 13.79 -31.57
CA ASP A 91 12.38 13.13 -32.05
C ASP A 91 12.24 11.61 -31.94
N GLN A 92 12.45 10.91 -33.05
CA GLN A 92 12.35 9.46 -33.07
C GLN A 92 13.49 8.82 -32.28
N GLY A 1 -1.45 -19.62 10.43
CA GLY A 1 -2.93 -19.70 10.34
C GLY A 1 -3.60 -18.35 10.44
N SER A 2 -3.08 -17.38 9.69
CA SER A 2 -3.64 -16.03 9.70
C SER A 2 -3.23 -15.27 8.44
N HIS A 3 -3.34 -15.94 7.30
CA HIS A 3 -2.99 -15.34 6.02
C HIS A 3 -3.45 -16.23 4.87
N MET A 4 -3.98 -15.61 3.82
CA MET A 4 -4.48 -16.34 2.66
C MET A 4 -3.34 -17.06 1.93
N ASP A 5 -3.54 -18.35 1.67
CA ASP A 5 -2.56 -19.17 0.96
C ASP A 5 -1.21 -19.21 1.69
N PRO A 6 -0.70 -20.42 1.97
CA PRO A 6 0.60 -20.59 2.65
C PRO A 6 1.78 -20.39 1.71
N LEU A 7 1.67 -19.40 0.83
CA LEU A 7 2.72 -19.12 -0.13
C LEU A 7 2.76 -17.64 -0.50
N MET A 8 2.27 -16.81 0.41
CA MET A 8 2.23 -15.38 0.19
C MET A 8 1.80 -14.65 1.46
N GLN A 9 2.65 -14.71 2.48
CA GLN A 9 2.36 -14.08 3.75
C GLN A 9 2.13 -12.57 3.59
N LYS A 10 1.00 -12.10 4.07
CA LYS A 10 0.65 -10.68 4.00
C LYS A 10 1.69 -9.82 4.70
N ILE A 11 1.84 -8.59 4.24
CA ILE A 11 2.82 -7.65 4.80
C ILE A 11 2.77 -7.64 6.33
N ASP A 12 3.94 -7.81 6.95
CA ASP A 12 4.04 -7.79 8.40
C ASP A 12 4.59 -6.45 8.86
N ILE A 13 3.94 -5.84 9.85
CA ILE A 13 4.37 -4.54 10.36
C ILE A 13 5.50 -4.67 11.36
N SER A 14 5.40 -5.65 12.25
CA SER A 14 6.42 -5.87 13.28
C SER A 14 7.82 -5.86 12.69
N GLU A 15 7.88 -6.13 11.40
CA GLU A 15 9.15 -6.17 10.70
C GLU A 15 9.92 -4.86 10.87
N ASN A 16 9.21 -3.74 10.69
CA ASN A 16 9.81 -2.42 10.82
C ASN A 16 8.73 -1.34 10.86
N PRO A 17 8.58 -0.66 12.03
CA PRO A 17 7.58 0.40 12.20
C PRO A 17 7.93 1.68 11.43
N ASP A 18 9.20 2.04 11.45
CA ASP A 18 9.67 3.25 10.77
C ASP A 18 9.87 3.02 9.27
N LYS A 19 10.31 1.82 8.91
CA LYS A 19 10.56 1.50 7.50
C LYS A 19 9.44 2.00 6.60
N ILE A 20 9.79 2.79 5.59
CA ILE A 20 8.83 3.34 4.67
C ILE A 20 8.38 2.32 3.63
N TYR A 21 7.07 2.19 3.44
CA TYR A 21 6.51 1.26 2.45
C TYR A 21 5.87 2.06 1.31
N PHE A 22 5.98 1.56 0.09
CA PHE A 22 5.39 2.24 -1.06
C PHE A 22 3.95 1.79 -1.29
N ILE A 23 3.05 2.74 -1.52
CA ILE A 23 1.64 2.44 -1.75
C ILE A 23 1.20 2.92 -3.13
N ARG A 24 0.49 2.06 -3.86
CA ARG A 24 0.03 2.42 -5.20
C ARG A 24 -1.40 2.97 -5.14
N ARG A 25 -1.56 4.24 -5.50
CA ARG A 25 -2.89 4.86 -5.49
C ARG A 25 -3.69 4.41 -6.70
N GLU A 26 -5.02 4.50 -6.60
CA GLU A 26 -5.90 4.08 -7.69
C GLU A 26 -5.53 4.78 -8.99
N ASP A 27 -5.28 6.08 -8.92
CA ASP A 27 -4.89 6.86 -10.08
C ASP A 27 -3.66 6.21 -10.73
N GLY A 28 -2.87 5.52 -9.90
CA GLY A 28 -1.69 4.84 -10.39
C GLY A 28 -0.41 5.59 -10.07
N THR A 29 -0.34 6.18 -8.87
CA THR A 29 0.85 6.91 -8.45
C THR A 29 1.43 6.33 -7.16
N VAL A 30 2.61 5.73 -7.27
CA VAL A 30 3.27 5.16 -6.11
C VAL A 30 3.74 6.25 -5.16
N HIS A 31 3.45 6.08 -3.88
CA HIS A 31 3.83 7.06 -2.87
C HIS A 31 4.16 6.40 -1.54
N ARG A 32 5.25 6.83 -0.93
CA ARG A 32 5.70 6.29 0.35
C ARG A 32 4.59 6.34 1.41
N GLY A 33 4.69 5.42 2.37
CA GLY A 33 3.69 5.35 3.44
C GLY A 33 4.00 4.24 4.43
N GLN A 34 3.97 4.57 5.73
CA GLN A 34 4.27 3.58 6.78
C GLN A 34 2.99 2.88 7.27
N VAL A 35 3.06 1.56 7.39
CA VAL A 35 1.93 0.77 7.87
C VAL A 35 1.93 0.68 9.39
N LEU A 36 0.78 0.91 10.01
CA LEU A 36 0.66 0.86 11.47
C LEU A 36 -0.36 -0.17 11.93
N GLN A 37 -1.53 -0.16 11.31
CA GLN A 37 -2.60 -1.09 11.68
C GLN A 37 -3.12 -1.85 10.47
N SER A 38 -4.06 -2.76 10.72
CA SER A 38 -4.65 -3.57 9.66
C SER A 38 -5.97 -4.21 10.12
N ARG A 39 -6.95 -4.23 9.23
CA ARG A 39 -8.26 -4.80 9.53
C ARG A 39 -8.90 -5.40 8.29
N THR A 40 -9.52 -6.56 8.45
CA THR A 40 -10.18 -7.25 7.34
C THR A 40 -11.69 -7.06 7.43
N THR A 41 -12.10 -5.84 7.75
CA THR A 41 -13.53 -5.51 7.89
C THR A 41 -14.23 -6.51 8.81
N GLU A 42 -15.55 -6.41 8.91
CA GLU A 42 -16.32 -7.30 9.76
C GLU A 42 -16.22 -8.74 9.27
N ASN A 43 -16.20 -8.90 7.95
CA ASN A 43 -16.09 -10.22 7.33
C ASN A 43 -14.87 -10.97 7.82
N ALA A 44 -13.71 -10.32 7.74
CA ALA A 44 -12.45 -10.95 8.16
C ALA A 44 -12.22 -12.26 7.43
N ALA A 45 -12.21 -12.19 6.10
CA ALA A 45 -12.01 -13.37 5.28
C ALA A 45 -11.60 -12.99 3.86
N ALA A 46 -11.58 -11.69 3.60
CA ALA A 46 -11.24 -11.17 2.29
C ALA A 46 -11.03 -9.66 2.32
N PRO A 47 -11.94 -8.89 2.98
CA PRO A 47 -11.85 -7.43 3.06
C PRO A 47 -10.69 -6.92 3.91
N ASP A 48 -9.50 -7.47 3.68
CA ASP A 48 -8.31 -7.05 4.41
C ASP A 48 -7.90 -5.64 4.03
N GLU A 49 -7.41 -4.89 5.01
CA GLU A 49 -6.98 -3.51 4.79
C GLU A 49 -5.83 -3.16 5.72
N TYR A 50 -4.92 -2.31 5.26
CA TYR A 50 -3.78 -1.91 6.07
C TYR A 50 -3.65 -0.40 6.16
N TYR A 51 -3.60 0.11 7.39
CA TYR A 51 -3.46 1.54 7.63
C TYR A 51 -2.11 1.99 7.08
N VAL A 52 -2.02 3.25 6.65
CA VAL A 52 -0.76 3.73 6.10
C VAL A 52 -0.65 5.26 6.13
N HIS A 53 0.50 5.73 6.58
CA HIS A 53 0.79 7.15 6.65
C HIS A 53 1.76 7.51 5.54
N TYR A 54 1.27 8.18 4.49
CA TYR A 54 2.12 8.56 3.39
C TYR A 54 3.22 9.49 3.87
N VAL A 55 4.39 8.91 4.06
CA VAL A 55 5.56 9.63 4.55
C VAL A 55 5.79 10.93 3.78
N GLY A 56 5.82 12.02 4.52
CA GLY A 56 6.02 13.33 3.93
C GLY A 56 4.75 13.95 3.38
N LEU A 57 3.84 13.13 2.88
CA LEU A 57 2.59 13.62 2.31
C LEU A 57 1.67 14.23 3.37
N ASN A 58 0.45 14.57 2.92
CA ASN A 58 -0.55 15.16 3.78
C ASN A 58 -1.17 14.11 4.70
N ARG A 59 -1.52 14.53 5.92
CA ARG A 59 -2.12 13.62 6.90
C ARG A 59 -3.48 13.12 6.44
N ARG A 60 -4.26 14.02 5.82
CA ARG A 60 -5.59 13.66 5.35
C ARG A 60 -5.52 12.49 4.36
N LEU A 61 -4.46 12.46 3.55
CA LEU A 61 -4.27 11.41 2.56
C LEU A 61 -4.28 10.03 3.22
N ASP A 62 -3.75 9.96 4.43
CA ASP A 62 -3.67 8.71 5.17
C ASP A 62 -5.03 8.01 5.25
N GLY A 63 -5.00 6.68 5.15
CA GLY A 63 -6.22 5.90 5.21
C GLY A 63 -5.93 4.41 5.27
N TRP A 64 -6.76 3.62 4.59
CA TRP A 64 -6.57 2.17 4.57
C TRP A 64 -6.45 1.66 3.14
N VAL A 65 -5.53 0.74 2.91
CA VAL A 65 -5.29 0.18 1.58
C VAL A 65 -5.76 -1.26 1.49
N GLY A 66 -6.00 -1.72 0.27
CA GLY A 66 -6.44 -3.09 0.05
C GLY A 66 -5.30 -4.09 0.05
N ARG A 67 -4.33 -3.90 0.96
CA ARG A 67 -3.17 -4.79 1.07
C ARG A 67 -2.23 -4.70 -0.14
N HIS A 68 -2.68 -5.24 -1.27
CA HIS A 68 -1.88 -5.25 -2.50
C HIS A 68 -1.24 -3.89 -2.82
N ARG A 69 -1.72 -2.83 -2.18
CA ARG A 69 -1.19 -1.50 -2.43
C ARG A 69 0.14 -1.28 -1.70
N ILE A 70 0.28 -1.85 -0.51
CA ILE A 70 1.52 -1.69 0.26
C ILE A 70 2.52 -2.78 -0.09
N SER A 71 3.76 -2.37 -0.34
CA SER A 71 4.83 -3.30 -0.68
C SER A 71 6.19 -2.62 -0.57
N ASP A 72 7.16 -3.36 -0.04
CA ASP A 72 8.52 -2.84 0.12
C ASP A 72 9.13 -2.48 -1.24
N ASN A 73 8.63 -3.09 -2.30
CA ASN A 73 9.13 -2.83 -3.64
C ASN A 73 8.12 -2.04 -4.46
N ALA A 74 8.59 -0.98 -5.10
CA ALA A 74 7.74 -0.12 -5.92
C ALA A 74 7.38 -0.76 -7.26
N ASP A 75 8.30 -1.57 -7.79
CA ASP A 75 8.09 -2.24 -9.07
C ASP A 75 6.78 -3.01 -9.10
N ASP A 76 6.47 -3.67 -7.98
CA ASP A 76 5.24 -4.45 -7.86
C ASP A 76 4.01 -3.55 -8.00
N LEU A 77 4.20 -2.27 -7.73
CA LEU A 77 3.11 -1.32 -7.80
C LEU A 77 3.01 -0.65 -9.17
N GLY A 78 3.79 0.41 -9.37
CA GLY A 78 3.76 1.11 -10.64
C GLY A 78 5.01 1.93 -10.91
N GLY A 79 6.16 1.26 -10.89
CA GLY A 79 7.41 1.95 -11.14
C GLY A 79 7.77 2.93 -10.05
N ILE A 80 8.09 4.16 -10.45
CA ILE A 80 8.46 5.20 -9.50
C ILE A 80 7.78 6.53 -9.86
N THR A 81 7.40 7.28 -8.82
CA THR A 81 6.74 8.59 -8.97
C THR A 81 5.55 8.53 -9.92
N VAL A 82 4.91 9.68 -10.09
CA VAL A 82 3.74 9.79 -10.94
C VAL A 82 4.02 9.34 -12.36
N LEU A 83 3.13 8.50 -12.88
CA LEU A 83 3.25 7.99 -14.24
C LEU A 83 1.86 7.75 -14.84
N PRO A 84 1.04 8.81 -14.95
CA PRO A 84 -0.31 8.72 -15.49
C PRO A 84 -0.34 8.74 -17.02
N ALA A 85 -1.12 7.83 -17.60
CA ALA A 85 -1.27 7.73 -19.06
C ALA A 85 0.06 7.38 -19.73
N PRO A 86 0.04 6.36 -20.62
CA PRO A 86 1.24 5.93 -21.35
C PRO A 86 1.65 6.94 -22.42
N PRO A 87 2.97 7.08 -22.66
CA PRO A 87 3.48 8.02 -23.67
C PRO A 87 3.02 7.67 -25.08
N LEU A 88 2.58 8.69 -25.82
CA LEU A 88 2.11 8.50 -27.18
C LEU A 88 1.83 9.85 -27.83
N ALA A 89 2.12 9.95 -29.12
CA ALA A 89 1.90 11.19 -29.87
C ALA A 89 0.53 11.79 -29.60
N PRO A 90 0.44 13.14 -29.55
CA PRO A 90 -0.82 13.84 -29.28
C PRO A 90 -1.79 13.83 -30.47
N ASP A 91 -1.91 12.67 -31.11
CA ASP A 91 -2.80 12.54 -32.26
C ASP A 91 -4.21 12.14 -31.83
N GLN A 92 -4.30 11.22 -30.87
CA GLN A 92 -5.58 10.73 -30.37
C GLN A 92 -6.40 10.12 -31.49
N GLY A 1 -5.10 -14.77 -5.28
CA GLY A 1 -3.96 -15.42 -4.57
C GLY A 1 -3.74 -14.84 -3.19
N SER A 2 -2.47 -14.60 -2.86
CA SER A 2 -2.10 -14.04 -1.55
C SER A 2 -2.64 -14.91 -0.42
N HIS A 3 -2.47 -16.22 -0.56
CA HIS A 3 -2.94 -17.16 0.46
C HIS A 3 -2.28 -16.86 1.81
N MET A 4 -3.08 -16.90 2.87
CA MET A 4 -2.58 -16.61 4.22
C MET A 4 -1.47 -17.58 4.60
N ASP A 5 -0.30 -17.02 4.93
CA ASP A 5 0.86 -17.82 5.32
C ASP A 5 0.75 -18.27 6.77
N PRO A 6 1.13 -19.53 7.06
CA PRO A 6 1.08 -20.08 8.41
C PRO A 6 2.26 -19.64 9.27
N LEU A 7 2.62 -18.36 9.17
CA LEU A 7 3.72 -17.80 9.93
C LEU A 7 3.75 -16.28 9.76
N MET A 8 3.68 -15.84 8.51
CA MET A 8 3.68 -14.41 8.20
C MET A 8 2.28 -13.93 7.86
N GLN A 9 1.37 -14.07 8.82
CA GLN A 9 -0.03 -13.67 8.63
C GLN A 9 -0.11 -12.24 8.11
N LYS A 10 -0.39 -12.10 6.82
CA LYS A 10 -0.52 -10.81 6.18
C LYS A 10 0.60 -9.84 6.61
N ILE A 11 1.84 -10.24 6.35
CA ILE A 11 3.00 -9.43 6.69
C ILE A 11 3.13 -9.22 8.20
N ASP A 12 4.32 -9.45 8.71
CA ASP A 12 4.60 -9.29 10.14
C ASP A 12 5.04 -7.86 10.44
N ILE A 13 4.09 -6.93 10.49
CA ILE A 13 4.39 -5.54 10.76
C ILE A 13 5.29 -5.38 11.98
N SER A 14 5.02 -6.17 13.01
CA SER A 14 5.78 -6.12 14.25
C SER A 14 7.23 -6.56 14.03
N GLU A 15 8.02 -5.67 13.44
CA GLU A 15 9.43 -5.94 13.17
C GLU A 15 10.10 -4.70 12.61
N ASN A 16 9.32 -3.87 11.95
CA ASN A 16 9.83 -2.64 11.36
C ASN A 16 8.76 -1.58 11.17
N PRO A 17 8.16 -1.12 12.29
CA PRO A 17 7.11 -0.09 12.25
C PRO A 17 7.55 1.16 11.49
N ASP A 18 8.80 1.57 11.69
CA ASP A 18 9.35 2.75 11.04
C ASP A 18 9.57 2.53 9.55
N LYS A 19 9.94 1.30 9.18
CA LYS A 19 10.19 0.96 7.79
C LYS A 19 9.13 1.55 6.87
N ILE A 20 9.57 2.23 5.82
CA ILE A 20 8.67 2.87 4.88
C ILE A 20 8.14 1.87 3.86
N TYR A 21 6.82 1.75 3.77
CA TYR A 21 6.20 0.85 2.81
C TYR A 21 5.67 1.63 1.61
N PHE A 22 5.78 1.06 0.43
CA PHE A 22 5.32 1.72 -0.79
C PHE A 22 3.85 1.38 -1.07
N ILE A 23 3.08 2.38 -1.49
CA ILE A 23 1.66 2.17 -1.79
C ILE A 23 1.29 2.76 -3.15
N ARG A 24 0.56 1.99 -3.94
CA ARG A 24 0.12 2.45 -5.26
C ARG A 24 -1.24 3.14 -5.17
N ARG A 25 -1.29 4.40 -5.58
CA ARG A 25 -2.55 5.16 -5.55
C ARG A 25 -3.48 4.69 -6.66
N GLU A 26 -4.75 5.05 -6.55
CA GLU A 26 -5.74 4.67 -7.56
C GLU A 26 -5.39 5.24 -8.92
N ASP A 27 -5.00 6.52 -8.95
CA ASP A 27 -4.62 7.16 -10.19
C ASP A 27 -3.41 6.48 -10.79
N GLY A 28 -2.78 5.63 -9.99
CA GLY A 28 -1.61 4.89 -10.43
C GLY A 28 -0.32 5.63 -10.14
N THR A 29 -0.24 6.21 -8.96
CA THR A 29 0.95 6.96 -8.54
C THR A 29 1.55 6.38 -7.26
N VAL A 30 2.74 5.80 -7.38
CA VAL A 30 3.41 5.21 -6.23
C VAL A 30 3.86 6.29 -5.25
N HIS A 31 3.59 6.06 -3.97
CA HIS A 31 3.95 7.03 -2.92
C HIS A 31 4.26 6.31 -1.61
N ARG A 32 5.31 6.75 -0.93
CA ARG A 32 5.72 6.17 0.34
C ARG A 32 4.63 6.30 1.40
N GLY A 33 4.63 5.37 2.34
CA GLY A 33 3.64 5.39 3.40
C GLY A 33 3.95 4.37 4.49
N GLN A 34 4.01 4.83 5.73
CA GLN A 34 4.29 3.94 6.86
C GLN A 34 3.06 3.14 7.27
N VAL A 35 3.22 1.83 7.40
CA VAL A 35 2.13 0.97 7.82
C VAL A 35 2.25 0.68 9.32
N LEU A 36 1.18 0.92 10.06
CA LEU A 36 1.20 0.74 11.50
C LEU A 36 0.24 -0.36 11.96
N GLN A 37 -0.98 -0.34 11.45
CA GLN A 37 -1.98 -1.33 11.85
C GLN A 37 -2.61 -2.01 10.63
N SER A 38 -3.48 -2.99 10.89
CA SER A 38 -4.16 -3.72 9.83
C SER A 38 -5.34 -4.51 10.39
N ARG A 39 -6.43 -4.56 9.62
CA ARG A 39 -7.63 -5.28 10.03
C ARG A 39 -8.28 -5.97 8.83
N THR A 40 -8.68 -7.22 9.02
CA THR A 40 -9.32 -7.98 7.95
C THR A 40 -10.81 -7.68 7.83
N THR A 41 -11.18 -6.40 7.98
CA THR A 41 -12.57 -5.99 7.88
C THR A 41 -13.45 -6.86 8.78
N GLU A 42 -14.76 -6.69 8.69
CA GLU A 42 -15.68 -7.48 9.50
C GLU A 42 -15.46 -8.97 9.27
N ASN A 43 -15.42 -9.37 8.00
CA ASN A 43 -15.20 -10.77 7.65
C ASN A 43 -13.71 -11.09 7.63
N ALA A 44 -13.29 -12.00 8.49
CA ALA A 44 -11.88 -12.39 8.56
C ALA A 44 -11.63 -13.71 7.85
N ALA A 45 -11.60 -13.66 6.52
CA ALA A 45 -11.37 -14.85 5.71
C ALA A 45 -10.92 -14.47 4.31
N ALA A 46 -10.61 -13.18 4.13
CA ALA A 46 -10.16 -12.65 2.86
C ALA A 46 -9.84 -11.16 2.96
N PRO A 47 -10.78 -10.35 3.49
CA PRO A 47 -10.59 -8.90 3.65
C PRO A 47 -9.36 -8.55 4.47
N ASP A 48 -8.82 -7.36 4.22
CA ASP A 48 -7.64 -6.88 4.93
C ASP A 48 -7.25 -5.48 4.47
N GLU A 49 -7.03 -4.58 5.44
CA GLU A 49 -6.66 -3.21 5.16
C GLU A 49 -5.55 -2.77 6.09
N TYR A 50 -4.54 -2.10 5.56
CA TYR A 50 -3.41 -1.67 6.36
C TYR A 50 -3.36 -0.14 6.51
N TYR A 51 -3.22 0.32 7.74
CA TYR A 51 -3.13 1.75 8.01
C TYR A 51 -1.85 2.28 7.38
N VAL A 52 -1.87 3.48 6.82
CA VAL A 52 -0.68 4.00 6.18
C VAL A 52 -0.55 5.53 6.28
N HIS A 53 0.43 5.97 7.06
CA HIS A 53 0.70 7.39 7.22
C HIS A 53 1.65 7.86 6.11
N TYR A 54 1.07 8.31 5.00
CA TYR A 54 1.87 8.76 3.86
C TYR A 54 2.92 9.79 4.28
N VAL A 55 4.17 9.54 3.90
CA VAL A 55 5.27 10.44 4.22
C VAL A 55 5.19 11.71 3.39
N GLY A 56 5.24 12.85 4.06
CA GLY A 56 5.19 14.14 3.38
C GLY A 56 3.79 14.51 2.92
N LEU A 57 3.07 13.55 2.34
CA LEU A 57 1.71 13.79 1.86
C LEU A 57 0.80 14.22 2.99
N ASN A 58 -0.19 15.05 2.66
CA ASN A 58 -1.14 15.55 3.62
C ASN A 58 -1.82 14.43 4.39
N ARG A 59 -1.97 14.63 5.70
CA ARG A 59 -2.59 13.66 6.58
C ARG A 59 -3.97 13.24 6.07
N ARG A 60 -4.67 14.17 5.42
CA ARG A 60 -6.00 13.89 4.89
C ARG A 60 -5.96 12.68 3.97
N LEU A 61 -4.90 12.56 3.17
CA LEU A 61 -4.73 11.44 2.26
C LEU A 61 -4.56 10.13 3.04
N ASP A 62 -3.89 10.23 4.19
CA ASP A 62 -3.64 9.08 5.04
C ASP A 62 -4.93 8.35 5.41
N GLY A 63 -4.88 7.02 5.38
CA GLY A 63 -6.03 6.22 5.70
C GLY A 63 -5.73 4.73 5.62
N TRP A 64 -6.69 3.96 5.12
CA TRP A 64 -6.52 2.52 4.97
C TRP A 64 -6.32 2.14 3.51
N VAL A 65 -5.42 1.21 3.26
CA VAL A 65 -5.12 0.77 1.91
C VAL A 65 -5.10 -0.76 1.79
N GLY A 66 -5.61 -1.26 0.67
CA GLY A 66 -5.63 -2.69 0.44
C GLY A 66 -4.24 -3.28 0.31
N ARG A 67 -4.10 -4.55 0.70
CA ARG A 67 -2.82 -5.25 0.63
C ARG A 67 -2.18 -5.13 -0.75
N HIS A 68 -3.01 -5.18 -1.79
CA HIS A 68 -2.55 -5.08 -3.16
C HIS A 68 -1.83 -3.76 -3.45
N ARG A 69 -2.22 -2.71 -2.73
CA ARG A 69 -1.61 -1.40 -2.93
C ARG A 69 -0.23 -1.31 -2.27
N ILE A 70 -0.08 -1.96 -1.11
CA ILE A 70 1.18 -1.92 -0.39
C ILE A 70 2.11 -3.04 -0.82
N SER A 71 3.40 -2.70 -0.94
CA SER A 71 4.42 -3.66 -1.34
C SER A 71 5.81 -3.14 -0.99
N ASP A 72 6.67 -4.01 -0.50
CA ASP A 72 8.03 -3.63 -0.12
C ASP A 72 8.92 -3.45 -1.35
N ASN A 73 8.29 -3.32 -2.52
CA ASN A 73 9.03 -3.12 -3.77
C ASN A 73 8.23 -2.26 -4.73
N ALA A 74 8.89 -1.25 -5.29
CA ALA A 74 8.25 -0.33 -6.23
C ALA A 74 7.94 -1.00 -7.56
N ASP A 75 8.84 -1.87 -8.00
CA ASP A 75 8.67 -2.56 -9.28
C ASP A 75 7.28 -3.21 -9.36
N ASP A 76 6.85 -3.80 -8.26
CA ASP A 76 5.54 -4.46 -8.21
C ASP A 76 4.45 -3.48 -7.78
N LEU A 77 4.42 -2.31 -8.42
CA LEU A 77 3.42 -1.29 -8.09
C LEU A 77 2.99 -0.49 -9.32
N GLY A 78 3.76 0.53 -9.68
CA GLY A 78 3.43 1.34 -10.83
C GLY A 78 4.54 2.27 -11.26
N GLY A 79 5.78 1.78 -11.22
CA GLY A 79 6.92 2.59 -11.61
C GLY A 79 7.14 3.77 -10.69
N ILE A 80 8.41 4.12 -10.47
CA ILE A 80 8.76 5.24 -9.61
C ILE A 80 8.15 6.53 -10.15
N THR A 81 6.93 6.84 -9.69
CA THR A 81 6.21 8.04 -10.12
C THR A 81 6.40 8.30 -11.61
N VAL A 82 6.32 7.23 -12.38
CA VAL A 82 6.49 7.31 -13.83
C VAL A 82 5.16 7.55 -14.54
N LEU A 83 4.43 8.55 -14.08
CA LEU A 83 3.14 8.90 -14.68
C LEU A 83 3.22 10.22 -15.45
N PRO A 84 2.45 10.35 -16.54
CA PRO A 84 2.44 11.55 -17.37
C PRO A 84 2.21 12.83 -16.56
N ALA A 85 2.79 13.93 -17.01
CA ALA A 85 2.65 15.21 -16.33
C ALA A 85 2.92 16.38 -17.29
N PRO A 86 2.17 17.48 -17.16
CA PRO A 86 2.33 18.66 -18.03
C PRO A 86 3.78 19.10 -18.17
N PRO A 87 4.24 19.29 -19.42
CA PRO A 87 5.62 19.72 -19.70
C PRO A 87 5.83 21.21 -19.43
N LEU A 88 7.07 21.57 -19.08
CA LEU A 88 7.43 22.95 -18.81
C LEU A 88 6.72 23.47 -17.55
N ALA A 89 7.38 24.38 -16.85
CA ALA A 89 6.82 24.96 -15.63
C ALA A 89 7.49 26.30 -15.33
N PRO A 90 6.69 27.30 -14.91
CA PRO A 90 7.21 28.63 -14.58
C PRO A 90 7.91 28.69 -13.22
N ASP A 91 8.70 27.67 -12.92
CA ASP A 91 9.43 27.61 -11.66
C ASP A 91 10.60 28.59 -11.67
N GLN A 92 11.76 28.16 -11.16
CA GLN A 92 12.95 29.00 -11.13
C GLN A 92 12.67 30.30 -10.36
N GLY A 1 -1.29 -11.01 -3.81
CA GLY A 1 -2.66 -10.62 -3.36
C GLY A 1 -3.63 -11.77 -3.40
N SER A 2 -3.60 -12.54 -4.49
CA SER A 2 -4.48 -13.68 -4.65
C SER A 2 -4.26 -14.71 -3.54
N HIS A 3 -3.01 -15.03 -3.28
CA HIS A 3 -2.66 -15.99 -2.23
C HIS A 3 -2.95 -15.38 -0.85
N MET A 4 -1.96 -15.43 0.05
CA MET A 4 -2.14 -14.88 1.39
C MET A 4 -0.81 -14.90 2.13
N ASP A 5 0.24 -14.44 1.45
CA ASP A 5 1.59 -14.40 2.02
C ASP A 5 1.97 -15.72 2.68
N PRO A 6 2.47 -16.69 1.87
CA PRO A 6 2.87 -18.01 2.39
C PRO A 6 4.19 -17.95 3.15
N LEU A 7 4.30 -17.01 4.08
CA LEU A 7 5.51 -16.84 4.87
C LEU A 7 5.22 -16.01 6.12
N MET A 8 4.16 -15.23 6.07
CA MET A 8 3.77 -14.38 7.19
C MET A 8 2.30 -14.01 7.13
N GLN A 9 1.57 -14.71 6.27
CA GLN A 9 0.13 -14.50 6.07
C GLN A 9 -0.26 -13.03 6.18
N LYS A 10 0.67 -12.15 5.76
CA LYS A 10 0.50 -10.69 5.76
C LYS A 10 1.80 -10.00 6.21
N ILE A 11 2.08 -8.84 5.63
CA ILE A 11 3.28 -8.10 5.99
C ILE A 11 3.26 -7.74 7.48
N ASP A 12 4.34 -8.07 8.18
CA ASP A 12 4.43 -7.78 9.60
C ASP A 12 5.03 -6.41 9.85
N ILE A 13 4.34 -5.62 10.68
CA ILE A 13 4.81 -4.28 11.02
C ILE A 13 5.80 -4.32 12.16
N SER A 14 5.53 -5.19 13.13
CA SER A 14 6.39 -5.36 14.30
C SER A 14 7.73 -5.94 13.92
N GLU A 15 8.56 -5.11 13.28
CA GLU A 15 9.87 -5.52 12.83
C GLU A 15 10.61 -4.31 12.26
N ASN A 16 9.83 -3.38 11.73
CA ASN A 16 10.38 -2.16 11.13
C ASN A 16 9.27 -1.17 10.77
N PRO A 17 8.44 -0.77 11.76
CA PRO A 17 7.35 0.17 11.51
C PRO A 17 7.83 1.45 10.82
N ASP A 18 9.00 1.92 11.23
CA ASP A 18 9.58 3.12 10.65
C ASP A 18 9.86 2.92 9.17
N LYS A 19 10.24 1.69 8.80
CA LYS A 19 10.56 1.38 7.42
C LYS A 19 9.46 1.88 6.48
N ILE A 20 9.84 2.74 5.54
CA ILE A 20 8.90 3.32 4.60
C ILE A 20 8.39 2.28 3.59
N TYR A 21 7.07 2.21 3.44
CA TYR A 21 6.46 1.27 2.49
C TYR A 21 5.86 2.04 1.32
N PHE A 22 5.92 1.45 0.13
CA PHE A 22 5.37 2.09 -1.06
C PHE A 22 3.88 1.79 -1.21
N ILE A 23 3.07 2.83 -1.38
CA ILE A 23 1.63 2.67 -1.54
C ILE A 23 1.19 3.08 -2.94
N ARG A 24 0.45 2.20 -3.61
CA ARG A 24 -0.02 2.47 -4.96
C ARG A 24 -1.46 2.98 -4.96
N ARG A 25 -1.65 4.19 -5.49
CA ARG A 25 -2.97 4.78 -5.56
C ARG A 25 -3.72 4.27 -6.79
N GLU A 26 -5.05 4.34 -6.74
CA GLU A 26 -5.88 3.88 -7.85
C GLU A 26 -5.49 4.58 -9.16
N ASP A 27 -5.18 5.87 -9.08
CA ASP A 27 -4.81 6.64 -10.26
C ASP A 27 -3.41 6.25 -10.77
N GLY A 28 -2.82 5.24 -10.15
CA GLY A 28 -1.50 4.78 -10.56
C GLY A 28 -0.37 5.70 -10.14
N THR A 29 -0.42 6.17 -8.90
CA THR A 29 0.63 7.05 -8.38
C THR A 29 1.28 6.47 -7.13
N VAL A 30 2.55 6.07 -7.25
CA VAL A 30 3.29 5.52 -6.11
C VAL A 30 3.56 6.60 -5.07
N HIS A 31 3.34 6.26 -3.80
CA HIS A 31 3.57 7.21 -2.72
C HIS A 31 3.95 6.49 -1.42
N ARG A 32 4.99 6.97 -0.77
CA ARG A 32 5.46 6.38 0.49
C ARG A 32 4.37 6.38 1.56
N GLY A 33 4.48 5.42 2.49
CA GLY A 33 3.51 5.30 3.57
C GLY A 33 3.89 4.22 4.58
N GLN A 34 3.83 4.54 5.87
CA GLN A 34 4.17 3.59 6.92
C GLN A 34 2.92 2.91 7.49
N VAL A 35 2.80 1.60 7.24
CA VAL A 35 1.65 0.85 7.74
C VAL A 35 1.66 0.83 9.27
N LEU A 36 0.50 1.03 9.88
CA LEU A 36 0.41 1.05 11.33
C LEU A 36 -0.55 -0.01 11.86
N GLN A 37 -1.66 -0.23 11.16
CA GLN A 37 -2.65 -1.21 11.59
C GLN A 37 -3.21 -2.00 10.40
N SER A 38 -4.07 -2.97 10.71
CA SER A 38 -4.69 -3.81 9.69
C SER A 38 -5.90 -4.53 10.26
N ARG A 39 -6.89 -4.83 9.41
CA ARG A 39 -8.09 -5.52 9.87
C ARG A 39 -8.79 -6.26 8.72
N THR A 40 -9.18 -7.50 8.99
CA THR A 40 -9.89 -8.32 8.01
C THR A 40 -11.35 -7.89 7.93
N THR A 41 -11.87 -7.80 6.71
CA THR A 41 -13.25 -7.39 6.49
C THR A 41 -14.21 -8.42 7.10
N GLU A 42 -15.51 -8.23 6.88
CA GLU A 42 -16.54 -9.12 7.41
C GLU A 42 -16.22 -10.59 7.15
N ASN A 43 -15.77 -10.90 5.93
CA ASN A 43 -15.46 -12.28 5.57
C ASN A 43 -14.44 -12.89 6.53
N ALA A 44 -13.36 -12.19 6.78
CA ALA A 44 -12.31 -12.66 7.69
C ALA A 44 -11.76 -14.01 7.25
N ALA A 45 -11.22 -14.06 6.03
CA ALA A 45 -10.65 -15.28 5.47
C ALA A 45 -9.60 -14.94 4.43
N ALA A 46 -9.45 -13.65 4.19
CA ALA A 46 -8.50 -13.11 3.23
C ALA A 46 -8.54 -11.59 3.22
N PRO A 47 -9.75 -10.99 3.13
CA PRO A 47 -9.89 -9.53 3.13
C PRO A 47 -9.24 -8.89 4.33
N ASP A 48 -8.63 -7.73 4.11
CA ASP A 48 -7.95 -7.00 5.17
C ASP A 48 -7.39 -5.67 4.65
N GLU A 49 -7.67 -4.60 5.40
CA GLU A 49 -7.18 -3.28 5.04
C GLU A 49 -6.08 -2.86 5.99
N TYR A 50 -5.00 -2.31 5.46
CA TYR A 50 -3.88 -1.89 6.28
C TYR A 50 -3.77 -0.38 6.38
N TYR A 51 -3.85 0.13 7.60
CA TYR A 51 -3.72 1.57 7.84
C TYR A 51 -2.36 2.03 7.36
N VAL A 52 -2.31 3.17 6.69
CA VAL A 52 -1.04 3.67 6.19
C VAL A 52 -0.84 5.16 6.41
N HIS A 53 0.33 5.49 6.97
CA HIS A 53 0.70 6.88 7.22
C HIS A 53 1.68 7.34 6.14
N TYR A 54 1.14 7.88 5.05
CA TYR A 54 1.98 8.32 3.96
C TYR A 54 3.17 9.14 4.46
N VAL A 55 4.36 8.70 4.10
CA VAL A 55 5.59 9.34 4.52
C VAL A 55 5.81 10.63 3.74
N GLY A 56 5.99 11.71 4.47
CA GLY A 56 6.19 13.01 3.86
C GLY A 56 4.90 13.65 3.40
N LEU A 57 4.03 12.84 2.79
CA LEU A 57 2.74 13.33 2.29
C LEU A 57 1.84 13.78 3.44
N ASN A 58 0.95 14.73 3.15
CA ASN A 58 0.03 15.26 4.14
C ASN A 58 -0.83 14.15 4.75
N ARG A 59 -1.40 14.43 5.92
CA ARG A 59 -2.25 13.48 6.62
C ARG A 59 -3.48 13.15 5.79
N ARG A 60 -3.86 14.10 4.94
CA ARG A 60 -5.01 13.95 4.07
C ARG A 60 -4.95 12.66 3.26
N LEU A 61 -3.75 12.28 2.85
CA LEU A 61 -3.56 11.07 2.06
C LEU A 61 -3.83 9.81 2.89
N ASP A 62 -3.49 9.87 4.17
CA ASP A 62 -3.68 8.74 5.08
C ASP A 62 -5.06 8.10 4.92
N GLY A 63 -5.08 6.77 4.99
CA GLY A 63 -6.34 6.03 4.87
C GLY A 63 -6.13 4.53 5.02
N TRP A 64 -6.88 3.75 4.23
CA TRP A 64 -6.78 2.30 4.28
C TRP A 64 -6.60 1.73 2.88
N VAL A 65 -5.71 0.74 2.77
CA VAL A 65 -5.42 0.10 1.49
C VAL A 65 -5.60 -1.42 1.58
N GLY A 66 -5.99 -2.04 0.47
CA GLY A 66 -6.20 -3.48 0.45
C GLY A 66 -4.92 -4.31 0.41
N ARG A 67 -3.83 -3.79 0.97
CA ARG A 67 -2.55 -4.51 1.02
C ARG A 67 -1.82 -4.53 -0.34
N HIS A 68 -2.55 -4.79 -1.42
CA HIS A 68 -1.94 -4.84 -2.75
C HIS A 68 -1.14 -3.58 -3.02
N ARG A 69 -1.59 -2.51 -2.41
CA ARG A 69 -0.99 -1.20 -2.58
C ARG A 69 0.28 -1.02 -1.75
N ILE A 70 0.36 -1.67 -0.59
CA ILE A 70 1.55 -1.57 0.24
C ILE A 70 2.56 -2.65 -0.14
N SER A 71 3.81 -2.24 -0.37
CA SER A 71 4.87 -3.16 -0.76
C SER A 71 6.24 -2.52 -0.60
N ASP A 72 7.23 -3.33 -0.19
CA ASP A 72 8.59 -2.86 0.02
C ASP A 72 9.30 -2.60 -1.31
N ASN A 73 8.53 -2.51 -2.39
CA ASN A 73 9.11 -2.26 -3.71
C ASN A 73 8.07 -1.70 -4.67
N ALA A 74 8.47 -0.67 -5.42
CA ALA A 74 7.59 -0.01 -6.38
C ALA A 74 7.26 -0.91 -7.57
N ASP A 75 8.15 -1.84 -7.88
CA ASP A 75 7.96 -2.75 -9.02
C ASP A 75 6.55 -3.34 -9.05
N ASP A 76 6.03 -3.71 -7.88
CA ASP A 76 4.70 -4.28 -7.76
C ASP A 76 3.63 -3.22 -7.98
N LEU A 77 3.94 -2.00 -7.55
CA LEU A 77 3.01 -0.89 -7.67
C LEU A 77 2.98 -0.32 -9.10
N GLY A 78 3.92 0.57 -9.40
CA GLY A 78 3.96 1.16 -10.72
C GLY A 78 5.38 1.50 -11.16
N GLY A 79 6.35 0.74 -10.66
CA GLY A 79 7.74 0.97 -11.00
C GLY A 79 8.14 2.43 -10.90
N ILE A 80 7.93 3.00 -9.72
CA ILE A 80 8.25 4.39 -9.48
C ILE A 80 7.42 5.30 -10.37
N THR A 81 6.52 6.10 -9.79
CA THR A 81 5.67 6.98 -10.57
C THR A 81 5.08 8.11 -9.72
N VAL A 82 5.19 9.33 -10.22
CA VAL A 82 4.66 10.51 -9.53
C VAL A 82 5.07 10.52 -8.06
N LEU A 83 6.38 10.58 -7.83
CA LEU A 83 6.90 10.59 -6.47
C LEU A 83 7.01 12.02 -5.94
N PRO A 84 6.55 12.25 -4.70
CA PRO A 84 6.59 13.58 -4.06
C PRO A 84 8.01 14.13 -3.98
N ALA A 85 8.15 15.43 -4.19
CA ALA A 85 9.44 16.10 -4.13
C ALA A 85 9.28 17.62 -4.12
N PRO A 86 9.89 18.30 -3.13
CA PRO A 86 9.80 19.75 -3.01
C PRO A 86 10.57 20.48 -4.11
N PRO A 87 9.96 21.50 -4.74
CA PRO A 87 10.61 22.27 -5.82
C PRO A 87 11.86 22.98 -5.32
N LEU A 88 12.96 22.82 -6.05
CA LEU A 88 14.23 23.45 -5.69
C LEU A 88 14.75 22.91 -4.35
N ALA A 89 16.02 22.55 -4.32
CA ALA A 89 16.65 22.02 -3.11
C ALA A 89 16.60 23.04 -1.98
N PRO A 90 16.02 22.66 -0.82
CA PRO A 90 15.91 23.53 0.34
C PRO A 90 17.22 23.61 1.13
N ASP A 91 18.33 23.70 0.42
CA ASP A 91 19.64 23.79 1.04
C ASP A 91 20.64 24.51 0.14
N GLN A 92 21.41 25.41 0.73
CA GLN A 92 22.41 26.19 0.00
C GLN A 92 23.26 27.02 0.94
N GLY A 1 -12.88 -21.94 7.33
CA GLY A 1 -12.28 -22.80 6.27
C GLY A 1 -11.22 -23.74 6.82
N SER A 2 -10.34 -23.20 7.67
CA SER A 2 -9.28 -23.99 8.28
C SER A 2 -8.54 -23.18 9.34
N HIS A 3 -9.30 -22.49 10.17
CA HIS A 3 -8.73 -21.67 11.23
C HIS A 3 -7.77 -20.64 10.65
N MET A 4 -8.26 -19.88 9.67
CA MET A 4 -7.45 -18.85 9.03
C MET A 4 -6.93 -17.85 10.05
N ASP A 5 -5.62 -17.62 10.02
CA ASP A 5 -4.99 -16.70 10.96
C ASP A 5 -5.44 -15.25 10.69
N PRO A 6 -6.04 -14.59 11.69
CA PRO A 6 -6.51 -13.22 11.56
C PRO A 6 -5.47 -12.19 11.96
N LEU A 7 -4.23 -12.40 11.51
CA LEU A 7 -3.14 -11.49 11.83
C LEU A 7 -1.94 -11.71 10.91
N MET A 8 -1.63 -12.97 10.65
CA MET A 8 -0.50 -13.31 9.79
C MET A 8 -0.91 -13.24 8.32
N GLN A 9 -1.60 -12.16 7.94
CA GLN A 9 -2.05 -11.98 6.57
C GLN A 9 -0.95 -11.39 5.70
N LYS A 10 0.26 -11.91 5.87
CA LYS A 10 1.40 -11.45 5.09
C LYS A 10 1.78 -10.00 5.44
N ILE A 11 3.09 -9.75 5.53
CA ILE A 11 3.61 -8.43 5.86
C ILE A 11 3.04 -7.91 7.17
N ASP A 12 3.74 -8.20 8.26
CA ASP A 12 3.33 -7.77 9.59
C ASP A 12 3.93 -6.40 9.90
N ILE A 13 3.15 -5.56 10.58
CA ILE A 13 3.62 -4.22 10.93
C ILE A 13 4.70 -4.26 12.01
N SER A 14 4.48 -5.09 13.03
CA SER A 14 5.43 -5.22 14.14
C SER A 14 6.85 -5.42 13.65
N GLU A 15 6.97 -5.85 12.41
CA GLU A 15 8.27 -6.10 11.79
C GLU A 15 9.14 -4.84 11.77
N ASN A 16 8.55 -3.73 11.34
CA ASN A 16 9.26 -2.46 11.26
C ASN A 16 8.33 -1.33 10.84
N PRO A 17 7.45 -0.89 11.75
CA PRO A 17 6.50 0.19 11.47
C PRO A 17 7.16 1.43 10.88
N ASP A 18 8.34 1.77 11.41
CA ASP A 18 9.07 2.93 10.93
C ASP A 18 9.47 2.78 9.47
N LYS A 19 9.82 1.55 9.08
CA LYS A 19 10.22 1.27 7.70
C LYS A 19 9.19 1.82 6.71
N ILE A 20 9.67 2.61 5.75
CA ILE A 20 8.82 3.22 4.75
C ILE A 20 8.33 2.20 3.72
N TYR A 21 7.02 2.23 3.45
CA TYR A 21 6.42 1.33 2.46
C TYR A 21 5.81 2.14 1.32
N PHE A 22 5.88 1.61 0.11
CA PHE A 22 5.30 2.29 -1.05
C PHE A 22 3.82 1.96 -1.20
N ILE A 23 3.02 2.97 -1.53
CA ILE A 23 1.58 2.79 -1.71
C ILE A 23 1.19 3.08 -3.15
N ARG A 24 0.50 2.14 -3.77
CA ARG A 24 0.05 2.31 -5.16
C ARG A 24 -1.35 2.91 -5.19
N ARG A 25 -1.44 4.16 -5.66
CA ARG A 25 -2.72 4.83 -5.76
C ARG A 25 -3.55 4.22 -6.89
N GLU A 26 -4.86 4.41 -6.82
CA GLU A 26 -5.77 3.87 -7.83
C GLU A 26 -5.29 4.21 -9.24
N ASP A 27 -4.83 5.43 -9.43
CA ASP A 27 -4.35 5.87 -10.73
C ASP A 27 -3.02 5.21 -11.10
N GLY A 28 -2.16 4.99 -10.11
CA GLY A 28 -0.87 4.36 -10.37
C GLY A 28 0.27 5.04 -9.64
N THR A 29 0.12 6.33 -9.36
CA THR A 29 1.15 7.09 -8.67
C THR A 29 1.46 6.51 -7.30
N VAL A 30 2.67 5.96 -7.17
CA VAL A 30 3.12 5.36 -5.92
C VAL A 30 3.71 6.43 -4.98
N HIS A 31 3.41 6.29 -3.69
CA HIS A 31 3.90 7.25 -2.69
C HIS A 31 4.23 6.56 -1.37
N ARG A 32 5.32 6.98 -0.75
CA ARG A 32 5.77 6.41 0.52
C ARG A 32 4.67 6.48 1.59
N GLY A 33 4.73 5.53 2.53
CA GLY A 33 3.76 5.47 3.61
C GLY A 33 4.05 4.33 4.57
N GLN A 34 4.12 4.64 5.86
CA GLN A 34 4.40 3.63 6.89
C GLN A 34 3.16 2.88 7.32
N VAL A 35 3.25 1.55 7.35
CA VAL A 35 2.12 0.72 7.78
C VAL A 35 2.11 0.64 9.31
N LEU A 36 0.94 0.80 9.92
CA LEU A 36 0.84 0.77 11.38
C LEU A 36 -0.10 -0.32 11.87
N GLN A 37 -1.25 -0.48 11.22
CA GLN A 37 -2.23 -1.48 11.62
C GLN A 37 -2.78 -2.26 10.43
N SER A 38 -3.62 -3.24 10.72
CA SER A 38 -4.22 -4.08 9.69
C SER A 38 -5.39 -4.88 10.26
N ARG A 39 -6.43 -5.06 9.45
CA ARG A 39 -7.62 -5.81 9.89
C ARG A 39 -8.32 -6.47 8.71
N THR A 40 -8.68 -7.73 8.90
CA THR A 40 -9.36 -8.50 7.85
C THR A 40 -10.87 -8.23 7.84
N THR A 41 -11.23 -6.95 7.97
CA THR A 41 -12.63 -6.54 7.98
C THR A 41 -13.44 -7.37 8.98
N GLU A 42 -14.76 -7.18 9.00
CA GLU A 42 -15.63 -7.91 9.92
C GLU A 42 -15.64 -9.40 9.60
N ASN A 43 -15.70 -9.73 8.32
CA ASN A 43 -15.74 -11.12 7.87
C ASN A 43 -14.51 -11.88 8.38
N ALA A 44 -13.33 -11.33 8.14
CA ALA A 44 -12.07 -11.95 8.57
C ALA A 44 -11.94 -13.38 8.05
N ALA A 45 -11.87 -13.52 6.74
CA ALA A 45 -11.73 -14.83 6.10
C ALA A 45 -11.20 -14.65 4.68
N ALA A 46 -10.83 -13.42 4.37
CA ALA A 46 -10.30 -13.05 3.06
C ALA A 46 -9.98 -11.56 3.04
N PRO A 47 -10.92 -10.70 3.48
CA PRO A 47 -10.72 -9.25 3.50
C PRO A 47 -9.53 -8.84 4.36
N ASP A 48 -9.03 -7.63 4.15
CA ASP A 48 -7.89 -7.11 4.90
C ASP A 48 -7.51 -5.72 4.42
N GLU A 49 -7.13 -4.86 5.37
CA GLU A 49 -6.72 -3.50 5.07
C GLU A 49 -5.57 -3.06 5.96
N TYR A 50 -4.56 -2.44 5.37
CA TYR A 50 -3.39 -2.00 6.13
C TYR A 50 -3.34 -0.49 6.25
N TYR A 51 -3.28 -0.01 7.49
CA TYR A 51 -3.21 1.42 7.76
C TYR A 51 -1.89 1.97 7.23
N VAL A 52 -1.91 3.13 6.60
CA VAL A 52 -0.70 3.72 6.05
C VAL A 52 -0.61 5.21 6.35
N HIS A 53 0.59 5.64 6.72
CA HIS A 53 0.85 7.04 7.02
C HIS A 53 1.91 7.58 6.07
N TYR A 54 1.49 8.43 5.14
CA TYR A 54 2.42 9.01 4.17
C TYR A 54 3.58 9.70 4.87
N VAL A 55 4.78 9.30 4.50
CA VAL A 55 6.01 9.84 5.09
C VAL A 55 6.36 11.21 4.52
N GLY A 56 5.34 11.95 4.10
CA GLY A 56 5.58 13.28 3.55
C GLY A 56 4.34 13.92 2.96
N LEU A 57 3.50 13.13 2.31
CA LEU A 57 2.29 13.66 1.67
C LEU A 57 1.33 14.29 2.68
N ASN A 58 0.11 14.53 2.23
CA ASN A 58 -0.93 15.14 3.04
C ASN A 58 -1.31 14.27 4.24
N ARG A 59 -1.67 14.92 5.35
CA ARG A 59 -2.06 14.20 6.56
C ARG A 59 -3.44 13.57 6.39
N ARG A 60 -4.36 14.31 5.80
CA ARG A 60 -5.72 13.80 5.58
C ARG A 60 -5.67 12.61 4.62
N LEU A 61 -4.62 12.59 3.80
CA LEU A 61 -4.41 11.53 2.84
C LEU A 61 -4.33 10.17 3.52
N ASP A 62 -3.79 10.16 4.74
CA ASP A 62 -3.64 8.93 5.51
C ASP A 62 -4.95 8.14 5.58
N GLY A 63 -4.83 6.83 5.40
CA GLY A 63 -6.00 5.97 5.44
C GLY A 63 -5.64 4.51 5.25
N TRP A 64 -6.63 3.63 5.38
CA TRP A 64 -6.41 2.21 5.22
C TRP A 64 -6.41 1.82 3.74
N VAL A 65 -5.50 0.92 3.36
CA VAL A 65 -5.38 0.47 1.98
C VAL A 65 -5.87 -0.96 1.80
N GLY A 66 -6.19 -1.33 0.57
CA GLY A 66 -6.66 -2.67 0.29
C GLY A 66 -5.54 -3.71 0.30
N ARG A 67 -4.47 -3.41 1.03
CA ARG A 67 -3.32 -4.33 1.14
C ARG A 67 -2.49 -4.42 -0.14
N HIS A 68 -3.16 -4.55 -1.29
CA HIS A 68 -2.46 -4.65 -2.57
C HIS A 68 -1.73 -3.35 -2.91
N ARG A 69 -2.06 -2.28 -2.21
CA ARG A 69 -1.45 -0.99 -2.44
C ARG A 69 -0.07 -0.88 -1.79
N ILE A 70 0.08 -1.48 -0.61
CA ILE A 70 1.36 -1.43 0.11
C ILE A 70 2.29 -2.56 -0.33
N SER A 71 3.54 -2.20 -0.61
CA SER A 71 4.55 -3.16 -1.04
C SER A 71 5.94 -2.56 -0.91
N ASP A 72 6.90 -3.36 -0.44
CA ASP A 72 8.27 -2.90 -0.27
C ASP A 72 8.91 -2.57 -1.62
N ASN A 73 8.37 -3.15 -2.69
CA ASN A 73 8.88 -2.90 -4.04
C ASN A 73 7.90 -2.06 -4.84
N ALA A 74 8.41 -0.99 -5.47
CA ALA A 74 7.58 -0.10 -6.26
C ALA A 74 7.33 -0.67 -7.67
N ASP A 75 8.37 -1.25 -8.26
CA ASP A 75 8.26 -1.82 -9.60
C ASP A 75 7.07 -2.76 -9.69
N ASP A 76 6.86 -3.56 -8.65
CA ASP A 76 5.75 -4.49 -8.62
C ASP A 76 4.43 -3.72 -8.61
N LEU A 77 4.42 -2.60 -7.90
CA LEU A 77 3.24 -1.75 -7.81
C LEU A 77 2.84 -1.24 -9.20
N GLY A 78 3.48 -0.15 -9.64
CA GLY A 78 3.17 0.41 -10.94
C GLY A 78 3.13 1.92 -10.90
N GLY A 79 4.20 2.53 -10.38
CA GLY A 79 4.23 3.97 -10.31
C GLY A 79 5.61 4.56 -10.12
N ILE A 80 6.17 4.36 -8.94
CA ILE A 80 7.49 4.90 -8.61
C ILE A 80 7.43 6.42 -8.70
N THR A 81 8.27 7.10 -7.92
CA THR A 81 8.27 8.55 -7.93
C THR A 81 8.25 9.07 -9.37
N VAL A 82 7.13 9.66 -9.76
CA VAL A 82 6.95 10.19 -11.11
C VAL A 82 7.02 9.08 -12.16
N LEU A 83 5.92 8.88 -12.88
CA LEU A 83 5.84 7.86 -13.93
C LEU A 83 6.67 8.25 -15.14
N PRO A 84 7.38 7.27 -15.74
CA PRO A 84 8.23 7.50 -16.93
C PRO A 84 7.42 7.94 -18.14
N ALA A 85 7.89 7.55 -19.32
CA ALA A 85 7.23 7.90 -20.58
C ALA A 85 7.60 6.92 -21.68
N PRO A 86 7.01 5.70 -21.65
CA PRO A 86 7.29 4.67 -22.64
C PRO A 86 6.88 5.08 -24.06
N PRO A 87 7.77 4.86 -25.06
CA PRO A 87 7.49 5.21 -26.45
C PRO A 87 6.32 4.41 -27.02
N LEU A 88 5.49 5.10 -27.81
CA LEU A 88 4.32 4.45 -28.42
C LEU A 88 4.75 3.38 -29.42
N ALA A 89 4.20 2.18 -29.26
CA ALA A 89 4.51 1.05 -30.13
C ALA A 89 5.99 0.69 -30.10
N PRO A 90 6.31 -0.57 -29.74
CA PRO A 90 7.69 -1.04 -29.67
C PRO A 90 8.26 -1.38 -31.04
N ASP A 91 9.40 -0.78 -31.38
CA ASP A 91 10.05 -1.03 -32.67
C ASP A 91 9.05 -0.87 -33.82
N GLN A 92 8.34 0.26 -33.82
CA GLN A 92 7.36 0.54 -34.86
C GLN A 92 6.29 -0.56 -34.91
N GLY A 1 -5.52 -22.53 -1.04
CA GLY A 1 -5.06 -21.20 -0.58
C GLY A 1 -4.12 -21.29 0.61
N SER A 2 -4.37 -20.46 1.62
CA SER A 2 -3.55 -20.45 2.82
C SER A 2 -4.29 -19.76 3.98
N HIS A 3 -4.27 -20.40 5.15
CA HIS A 3 -4.94 -19.87 6.32
C HIS A 3 -4.28 -18.56 6.77
N MET A 4 -5.10 -17.56 7.06
CA MET A 4 -4.59 -16.26 7.51
C MET A 4 -3.90 -16.37 8.87
N ASP A 5 -2.67 -15.88 8.95
CA ASP A 5 -1.92 -15.94 10.19
C ASP A 5 -2.59 -15.11 11.28
N PRO A 6 -2.79 -15.68 12.49
CA PRO A 6 -3.44 -14.98 13.60
C PRO A 6 -2.61 -13.87 14.17
N LEU A 7 -1.34 -14.16 14.35
CA LEU A 7 -0.38 -13.21 14.90
C LEU A 7 -0.42 -11.91 14.09
N MET A 8 -0.36 -12.04 12.78
CA MET A 8 -0.39 -10.89 11.88
C MET A 8 -0.78 -11.31 10.46
N GLN A 9 -1.89 -10.76 9.97
CA GLN A 9 -2.35 -11.07 8.63
C GLN A 9 -1.43 -10.41 7.60
N LYS A 10 -0.47 -11.19 7.12
CA LYS A 10 0.50 -10.70 6.13
C LYS A 10 1.37 -9.58 6.71
N ILE A 11 2.67 -9.66 6.44
CA ILE A 11 3.64 -8.68 6.91
C ILE A 11 3.69 -8.62 8.44
N ASP A 12 4.84 -8.97 8.99
CA ASP A 12 5.04 -8.95 10.43
C ASP A 12 5.54 -7.58 10.88
N ILE A 13 4.63 -6.61 10.95
CA ILE A 13 4.98 -5.25 11.36
C ILE A 13 5.93 -5.23 12.54
N SER A 14 5.75 -6.18 13.46
CA SER A 14 6.59 -6.27 14.65
C SER A 14 8.01 -6.70 14.29
N GLU A 15 8.73 -5.83 13.62
CA GLU A 15 10.11 -6.10 13.22
C GLU A 15 10.72 -4.86 12.61
N ASN A 16 9.88 -4.01 12.04
CA ASN A 16 10.35 -2.78 11.41
C ASN A 16 9.20 -1.77 11.21
N PRO A 17 8.52 -1.37 12.30
CA PRO A 17 7.42 -0.40 12.21
C PRO A 17 7.87 0.88 11.51
N ASP A 18 9.13 1.25 11.76
CA ASP A 18 9.71 2.44 11.15
C ASP A 18 9.83 2.28 9.63
N LYS A 19 10.09 1.06 9.19
CA LYS A 19 10.24 0.77 7.77
C LYS A 19 9.13 1.42 6.95
N ILE A 20 9.52 2.10 5.88
CA ILE A 20 8.56 2.77 5.00
C ILE A 20 8.02 1.82 3.94
N TYR A 21 6.70 1.71 3.86
CA TYR A 21 6.06 0.85 2.86
C TYR A 21 5.50 1.68 1.72
N PHE A 22 5.57 1.14 0.51
CA PHE A 22 5.08 1.84 -0.68
C PHE A 22 3.59 1.63 -0.89
N ILE A 23 2.87 2.72 -1.14
CA ILE A 23 1.42 2.66 -1.37
C ILE A 23 1.11 3.07 -2.80
N ARG A 24 0.53 2.15 -3.57
CA ARG A 24 0.19 2.42 -4.96
C ARG A 24 -1.18 3.08 -5.06
N ARG A 25 -1.21 4.33 -5.53
CA ARG A 25 -2.46 5.06 -5.68
C ARG A 25 -3.31 4.42 -6.77
N GLU A 26 -4.62 4.60 -6.67
CA GLU A 26 -5.53 4.04 -7.65
C GLU A 26 -5.14 4.45 -9.06
N ASP A 27 -4.70 5.70 -9.20
CA ASP A 27 -4.28 6.21 -10.50
C ASP A 27 -3.04 5.47 -10.99
N GLY A 28 -2.15 5.10 -10.07
CA GLY A 28 -0.95 4.38 -10.46
C GLY A 28 0.30 4.91 -9.77
N THR A 29 0.35 6.22 -9.56
CA THR A 29 1.49 6.87 -8.93
C THR A 29 1.76 6.33 -7.53
N VAL A 30 2.88 5.63 -7.38
CA VAL A 30 3.27 5.06 -6.09
C VAL A 30 3.77 6.14 -5.14
N HIS A 31 3.46 6.01 -3.86
CA HIS A 31 3.87 6.98 -2.85
C HIS A 31 4.12 6.30 -1.50
N ARG A 32 5.25 6.64 -0.89
CA ARG A 32 5.63 6.08 0.40
C ARG A 32 4.55 6.30 1.46
N GLY A 33 4.55 5.42 2.47
CA GLY A 33 3.58 5.52 3.55
C GLY A 33 3.89 4.56 4.68
N GLN A 34 3.88 5.06 5.90
CA GLN A 34 4.18 4.24 7.07
C GLN A 34 2.96 3.45 7.54
N VAL A 35 3.01 2.13 7.36
CA VAL A 35 1.91 1.27 7.79
C VAL A 35 2.05 0.98 9.29
N LEU A 36 0.95 1.11 10.02
CA LEU A 36 0.97 0.89 11.46
C LEU A 36 0.00 -0.21 11.89
N GLN A 37 -1.11 -0.34 11.18
CA GLN A 37 -2.13 -1.33 11.54
C GLN A 37 -2.73 -2.00 10.30
N SER A 38 -3.60 -2.98 10.54
CA SER A 38 -4.25 -3.70 9.45
C SER A 38 -5.45 -4.49 9.98
N ARG A 39 -6.46 -4.69 9.13
CA ARG A 39 -7.66 -5.42 9.52
C ARG A 39 -8.35 -6.04 8.31
N THR A 40 -8.81 -7.27 8.45
CA THR A 40 -9.50 -7.97 7.37
C THR A 40 -10.87 -7.34 7.10
N THR A 41 -11.91 -8.17 6.98
CA THR A 41 -13.26 -7.68 6.72
C THR A 41 -14.28 -8.76 7.07
N GLU A 42 -15.55 -8.50 6.74
CA GLU A 42 -16.62 -9.45 7.02
C GLU A 42 -16.19 -10.89 6.74
N ASN A 43 -15.57 -11.10 5.58
CA ASN A 43 -15.10 -12.43 5.20
C ASN A 43 -13.98 -12.90 6.12
N ALA A 44 -12.97 -12.04 6.28
CA ALA A 44 -11.84 -12.35 7.15
C ALA A 44 -11.18 -13.67 6.76
N ALA A 45 -10.77 -13.78 5.50
CA ALA A 45 -10.13 -14.99 4.99
C ALA A 45 -9.19 -14.64 3.85
N ALA A 46 -8.97 -13.34 3.66
CA ALA A 46 -8.10 -12.83 2.60
C ALA A 46 -8.07 -11.30 2.62
N PRO A 47 -9.25 -10.64 2.67
CA PRO A 47 -9.32 -9.18 2.70
C PRO A 47 -8.58 -8.59 3.89
N ASP A 48 -8.01 -7.40 3.70
CA ASP A 48 -7.27 -6.73 4.76
C ASP A 48 -6.76 -5.36 4.30
N GLU A 49 -6.99 -4.36 5.14
CA GLU A 49 -6.56 -3.00 4.84
C GLU A 49 -5.52 -2.55 5.87
N TYR A 50 -4.45 -1.91 5.41
CA TYR A 50 -3.40 -1.46 6.31
C TYR A 50 -3.38 0.05 6.46
N TYR A 51 -3.34 0.50 7.71
CA TYR A 51 -3.28 1.93 8.01
C TYR A 51 -2.00 2.49 7.40
N VAL A 52 -2.04 3.74 6.95
CA VAL A 52 -0.85 4.31 6.33
C VAL A 52 -0.76 5.83 6.50
N HIS A 53 0.43 6.28 6.88
CA HIS A 53 0.70 7.70 7.07
C HIS A 53 1.76 8.14 6.07
N TYR A 54 1.35 8.90 5.07
CA TYR A 54 2.27 9.37 4.04
C TYR A 54 3.36 10.25 4.64
N VAL A 55 4.61 9.88 4.38
CA VAL A 55 5.77 10.60 4.89
C VAL A 55 6.08 11.82 4.03
N GLY A 56 5.05 12.41 3.47
CA GLY A 56 5.22 13.58 2.63
C GLY A 56 3.92 14.17 2.17
N LEU A 57 2.99 13.32 1.73
CA LEU A 57 1.69 13.77 1.24
C LEU A 57 0.88 14.44 2.35
N ASN A 58 -0.40 14.63 2.08
CA ASN A 58 -1.32 15.26 3.02
C ASN A 58 -1.67 14.33 4.18
N ARG A 59 -1.85 14.91 5.36
CA ARG A 59 -2.20 14.14 6.55
C ARG A 59 -3.59 13.52 6.40
N ARG A 60 -4.51 14.28 5.80
CA ARG A 60 -5.87 13.81 5.59
C ARG A 60 -5.88 12.49 4.83
N LEU A 61 -4.94 12.35 3.91
CA LEU A 61 -4.82 11.15 3.09
C LEU A 61 -4.74 9.89 3.95
N ASP A 62 -4.27 10.04 5.18
CA ASP A 62 -4.16 8.90 6.10
C ASP A 62 -5.46 8.12 6.16
N GLY A 63 -5.34 6.80 6.12
CA GLY A 63 -6.50 5.93 6.17
C GLY A 63 -6.14 4.46 6.03
N TRP A 64 -6.96 3.73 5.30
CA TRP A 64 -6.71 2.30 5.08
C TRP A 64 -6.60 1.99 3.59
N VAL A 65 -5.64 1.14 3.25
CA VAL A 65 -5.42 0.76 1.85
C VAL A 65 -5.24 -0.75 1.69
N GLY A 66 -5.78 -1.28 0.59
CA GLY A 66 -5.65 -2.69 0.33
C GLY A 66 -4.21 -3.11 0.13
N ARG A 67 -3.87 -4.31 0.58
CA ARG A 67 -2.51 -4.83 0.45
C ARG A 67 -2.04 -4.82 -1.00
N HIS A 68 -2.99 -4.93 -1.91
CA HIS A 68 -2.70 -4.94 -3.35
C HIS A 68 -1.94 -3.69 -3.72
N ARG A 69 -2.24 -2.64 -2.98
CA ARG A 69 -1.65 -1.33 -3.20
C ARG A 69 -0.29 -1.22 -2.49
N ILE A 70 -0.17 -1.84 -1.33
CA ILE A 70 1.07 -1.81 -0.56
C ILE A 70 2.02 -2.94 -0.95
N SER A 71 3.29 -2.61 -1.12
CA SER A 71 4.31 -3.60 -1.50
C SER A 71 5.71 -3.06 -1.20
N ASP A 72 6.57 -3.95 -0.70
CA ASP A 72 7.94 -3.57 -0.36
C ASP A 72 8.79 -3.35 -1.61
N ASN A 73 8.14 -3.19 -2.76
CA ASN A 73 8.84 -2.97 -4.01
C ASN A 73 8.04 -2.06 -4.94
N ALA A 74 8.72 -1.05 -5.49
CA ALA A 74 8.08 -0.10 -6.39
C ALA A 74 7.68 -0.76 -7.71
N ASP A 75 8.56 -1.60 -8.24
CA ASP A 75 8.31 -2.28 -9.50
C ASP A 75 6.99 -3.06 -9.44
N ASP A 76 6.73 -3.69 -8.31
CA ASP A 76 5.51 -4.47 -8.12
C ASP A 76 4.35 -3.56 -7.72
N LEU A 77 4.25 -2.40 -8.37
CA LEU A 77 3.19 -1.44 -8.08
C LEU A 77 2.84 -0.61 -9.31
N GLY A 78 3.62 0.46 -9.55
CA GLY A 78 3.38 1.32 -10.69
C GLY A 78 4.54 2.25 -10.96
N GLY A 79 5.75 1.71 -10.90
CA GLY A 79 6.94 2.52 -11.13
C GLY A 79 7.10 3.62 -10.11
N ILE A 80 7.44 4.82 -10.58
CA ILE A 80 7.62 5.96 -9.69
C ILE A 80 6.77 7.14 -10.17
N THR A 81 5.67 7.39 -9.46
CA THR A 81 4.74 8.47 -9.77
C THR A 81 4.54 8.63 -11.27
N VAL A 82 4.54 7.49 -11.94
CA VAL A 82 4.36 7.43 -13.39
C VAL A 82 3.77 6.09 -13.80
N LEU A 83 2.67 6.14 -14.56
CA LEU A 83 2.01 4.94 -15.04
C LEU A 83 2.45 4.61 -16.46
N PRO A 84 2.97 3.39 -16.68
CA PRO A 84 3.44 2.94 -18.00
C PRO A 84 2.29 2.55 -18.92
N ALA A 85 1.39 3.50 -19.20
CA ALA A 85 0.25 3.24 -20.07
C ALA A 85 -0.41 4.54 -20.55
N PRO A 86 0.35 5.42 -21.23
CA PRO A 86 -0.18 6.69 -21.74
C PRO A 86 -1.30 6.47 -22.75
N PRO A 87 -2.41 7.22 -22.62
CA PRO A 87 -3.56 7.09 -23.53
C PRO A 87 -3.33 7.79 -24.86
N LEU A 88 -2.14 7.61 -25.42
CA LEU A 88 -1.77 8.22 -26.69
C LEU A 88 -2.17 9.69 -26.75
N ALA A 89 -1.99 10.39 -25.64
CA ALA A 89 -2.34 11.82 -25.56
C ALA A 89 -1.92 12.42 -24.23
N PRO A 90 -1.27 13.61 -24.26
CA PRO A 90 -0.82 14.30 -23.04
C PRO A 90 -1.98 14.82 -22.22
N ASP A 91 -1.90 14.66 -20.90
CA ASP A 91 -2.95 15.12 -20.00
C ASP A 91 -2.48 15.00 -18.55
N GLN A 92 -1.35 15.62 -18.25
CA GLN A 92 -0.79 15.58 -16.90
C GLN A 92 -1.76 16.19 -15.89
N GLY A 1 -3.94 -17.39 15.85
CA GLY A 1 -4.48 -16.06 16.23
C GLY A 1 -4.97 -15.27 15.02
N SER A 2 -4.18 -15.29 13.95
CA SER A 2 -4.53 -14.58 12.72
C SER A 2 -3.55 -14.92 11.60
N HIS A 3 -3.27 -16.21 11.43
CA HIS A 3 -2.36 -16.67 10.39
C HIS A 3 -2.87 -16.27 9.02
N MET A 4 -4.19 -16.30 8.88
CA MET A 4 -4.86 -15.95 7.63
C MET A 4 -4.42 -16.84 6.48
N ASP A 5 -4.53 -18.16 6.67
CA ASP A 5 -4.15 -19.13 5.63
C ASP A 5 -2.67 -19.07 5.32
N PRO A 6 -2.01 -20.23 5.12
CA PRO A 6 -0.60 -20.28 4.78
C PRO A 6 -0.38 -19.77 3.37
N LEU A 7 0.71 -20.21 2.75
CA LEU A 7 1.07 -19.82 1.38
C LEU A 7 0.72 -18.35 1.09
N MET A 8 0.60 -17.54 2.13
CA MET A 8 0.27 -16.14 1.98
C MET A 8 0.42 -15.40 3.31
N GLN A 9 1.56 -15.62 3.96
CA GLN A 9 1.83 -14.98 5.25
C GLN A 9 1.77 -13.46 5.14
N LYS A 10 0.93 -12.84 5.97
CA LYS A 10 0.77 -11.40 5.97
C LYS A 10 2.03 -10.73 6.50
N ILE A 11 2.41 -9.61 5.87
CA ILE A 11 3.60 -8.86 6.27
C ILE A 11 3.53 -8.47 7.74
N ASP A 12 4.63 -8.67 8.47
CA ASP A 12 4.69 -8.34 9.87
C ASP A 12 5.12 -6.90 10.05
N ILE A 13 4.19 -6.07 10.51
CA ILE A 13 4.47 -4.65 10.73
C ILE A 13 5.47 -4.43 11.86
N SER A 14 5.30 -5.17 12.96
CA SER A 14 6.19 -5.05 14.10
C SER A 14 7.56 -5.61 13.79
N GLU A 15 8.25 -4.96 12.86
CA GLU A 15 9.57 -5.38 12.44
C GLU A 15 10.38 -4.16 12.00
N ASN A 16 9.66 -3.14 11.53
CA ASN A 16 10.28 -1.91 11.07
C ASN A 16 9.23 -0.84 10.77
N PRO A 17 8.43 -0.43 11.78
CA PRO A 17 7.40 0.59 11.61
C PRO A 17 7.95 1.84 10.94
N ASP A 18 9.18 2.19 11.30
CA ASP A 18 9.84 3.36 10.74
C ASP A 18 10.04 3.21 9.23
N LYS A 19 10.29 1.98 8.80
CA LYS A 19 10.50 1.70 7.38
C LYS A 19 9.34 2.24 6.53
N ILE A 20 9.68 3.06 5.54
CA ILE A 20 8.68 3.66 4.66
C ILE A 20 8.23 2.68 3.57
N TYR A 21 6.92 2.46 3.48
CA TYR A 21 6.37 1.57 2.46
C TYR A 21 5.71 2.37 1.35
N PHE A 22 5.81 1.91 0.12
CA PHE A 22 5.20 2.62 -1.00
C PHE A 22 3.81 2.05 -1.31
N ILE A 23 2.85 2.95 -1.53
CA ILE A 23 1.48 2.56 -1.84
C ILE A 23 1.08 3.09 -3.21
N ARG A 24 0.61 2.21 -4.08
CA ARG A 24 0.21 2.61 -5.42
C ARG A 24 -1.26 3.02 -5.45
N ARG A 25 -1.52 4.25 -5.86
CA ARG A 25 -2.88 4.76 -5.94
C ARG A 25 -3.56 4.26 -7.22
N GLU A 26 -4.87 4.45 -7.29
CA GLU A 26 -5.65 4.01 -8.45
C GLU A 26 -5.09 4.61 -9.74
N ASP A 27 -4.76 5.90 -9.69
CA ASP A 27 -4.22 6.60 -10.86
C ASP A 27 -2.79 6.18 -11.18
N GLY A 28 -2.29 5.17 -10.46
CA GLY A 28 -0.94 4.69 -10.71
C GLY A 28 0.14 5.65 -10.21
N THR A 29 -0.01 6.11 -8.97
CA THR A 29 0.96 7.02 -8.38
C THR A 29 1.60 6.45 -7.12
N VAL A 30 2.89 6.11 -7.21
CA VAL A 30 3.60 5.56 -6.06
C VAL A 30 3.80 6.64 -5.00
N HIS A 31 3.41 6.35 -3.77
CA HIS A 31 3.55 7.33 -2.69
C HIS A 31 3.88 6.64 -1.36
N ARG A 32 4.83 7.20 -0.63
CA ARG A 32 5.24 6.66 0.65
C ARG A 32 4.08 6.51 1.62
N GLY A 33 4.24 5.59 2.57
CA GLY A 33 3.21 5.31 3.55
C GLY A 33 3.63 4.18 4.49
N GLN A 34 3.58 4.44 5.80
CA GLN A 34 3.98 3.43 6.78
C GLN A 34 2.79 2.59 7.23
N VAL A 35 2.95 1.27 7.17
CA VAL A 35 1.89 0.36 7.62
C VAL A 35 1.96 0.20 9.13
N LEU A 36 0.86 0.43 9.83
CA LEU A 36 0.85 0.34 11.28
C LEU A 36 -0.15 -0.70 11.79
N GLN A 37 -1.37 -0.66 11.24
CA GLN A 37 -2.42 -1.58 11.66
C GLN A 37 -2.97 -2.36 10.48
N SER A 38 -3.89 -3.28 10.78
CA SER A 38 -4.52 -4.11 9.76
C SER A 38 -5.78 -4.75 10.31
N ARG A 39 -6.79 -4.93 9.46
CA ARG A 39 -8.05 -5.52 9.90
C ARG A 39 -8.88 -6.01 8.70
N THR A 40 -9.49 -7.17 8.84
CA THR A 40 -10.33 -7.73 7.79
C THR A 40 -11.62 -6.91 7.67
N THR A 41 -12.77 -7.58 7.74
CA THR A 41 -14.06 -6.90 7.64
C THR A 41 -15.17 -7.82 8.12
N GLU A 42 -16.42 -7.40 7.97
CA GLU A 42 -17.56 -8.20 8.40
C GLU A 42 -17.39 -9.66 7.99
N ASN A 43 -16.89 -9.87 6.77
CA ASN A 43 -16.66 -11.22 6.26
C ASN A 43 -15.54 -11.91 7.03
N ALA A 44 -14.38 -11.24 7.11
CA ALA A 44 -13.22 -11.78 7.81
C ALA A 44 -12.91 -13.21 7.36
N ALA A 45 -12.81 -13.39 6.06
CA ALA A 45 -12.49 -14.67 5.47
C ALA A 45 -11.79 -14.47 4.13
N ALA A 46 -11.41 -13.23 3.90
CA ALA A 46 -10.73 -12.82 2.68
C ALA A 46 -10.36 -11.33 2.75
N PRO A 47 -11.34 -10.47 3.14
CA PRO A 47 -11.11 -9.03 3.24
C PRO A 47 -10.03 -8.68 4.27
N ASP A 48 -9.32 -7.59 4.02
CA ASP A 48 -8.25 -7.14 4.90
C ASP A 48 -7.72 -5.80 4.45
N GLU A 49 -7.48 -4.90 5.41
CA GLU A 49 -6.98 -3.57 5.10
C GLU A 49 -5.86 -3.19 6.05
N TYR A 50 -4.79 -2.63 5.50
CA TYR A 50 -3.64 -2.23 6.30
C TYR A 50 -3.52 -0.71 6.38
N TYR A 51 -3.47 -0.19 7.59
CA TYR A 51 -3.36 1.25 7.82
C TYR A 51 -2.05 1.76 7.25
N VAL A 52 -2.06 2.97 6.70
CA VAL A 52 -0.86 3.55 6.12
C VAL A 52 -0.76 5.05 6.33
N HIS A 53 0.40 5.48 6.84
CA HIS A 53 0.67 6.88 7.07
C HIS A 53 1.59 7.41 5.96
N TYR A 54 0.99 8.04 4.96
CA TYR A 54 1.76 8.55 3.84
C TYR A 54 2.89 9.45 4.30
N VAL A 55 4.10 8.91 4.22
CA VAL A 55 5.29 9.62 4.63
C VAL A 55 5.58 10.82 3.73
N GLY A 56 5.80 11.97 4.34
CA GLY A 56 6.05 13.19 3.59
C GLY A 56 4.78 13.84 3.08
N LEU A 57 3.88 13.04 2.51
CA LEU A 57 2.61 13.55 1.98
C LEU A 57 1.73 14.10 3.09
N ASN A 58 0.69 14.84 2.69
CA ASN A 58 -0.24 15.45 3.64
C ASN A 58 -0.82 14.41 4.61
N ARG A 59 -1.01 14.83 5.85
CA ARG A 59 -1.56 13.95 6.88
C ARG A 59 -2.96 13.47 6.52
N ARG A 60 -3.76 14.36 5.95
CA ARG A 60 -5.13 14.03 5.56
C ARG A 60 -5.18 12.82 4.63
N LEU A 61 -4.14 12.68 3.80
CA LEU A 61 -4.06 11.58 2.86
C LEU A 61 -4.13 10.22 3.57
N ASP A 62 -3.68 10.18 4.82
CA ASP A 62 -3.68 8.95 5.60
C ASP A 62 -5.03 8.24 5.52
N GLY A 63 -4.99 6.91 5.41
CA GLY A 63 -6.21 6.14 5.33
C GLY A 63 -5.96 4.65 5.42
N TRP A 64 -6.79 3.86 4.74
CA TRP A 64 -6.64 2.41 4.75
C TRP A 64 -6.64 1.85 3.34
N VAL A 65 -5.74 0.89 3.10
CA VAL A 65 -5.61 0.26 1.80
C VAL A 65 -5.99 -1.21 1.85
N GLY A 66 -6.38 -1.76 0.69
CA GLY A 66 -6.78 -3.15 0.62
C GLY A 66 -5.61 -4.13 0.60
N ARG A 67 -4.50 -3.76 1.24
CA ARG A 67 -3.32 -4.64 1.31
C ARG A 67 -2.57 -4.72 -0.04
N HIS A 68 -3.31 -4.91 -1.12
CA HIS A 68 -2.71 -5.02 -2.45
C HIS A 68 -1.97 -3.74 -2.84
N ARG A 69 -2.35 -2.63 -2.20
CA ARG A 69 -1.74 -1.33 -2.51
C ARG A 69 -0.38 -1.16 -1.84
N ILE A 70 -0.15 -1.85 -0.73
CA ILE A 70 1.13 -1.74 -0.02
C ILE A 70 2.14 -2.76 -0.55
N SER A 71 3.38 -2.30 -0.75
CA SER A 71 4.44 -3.16 -1.24
C SER A 71 5.81 -2.57 -0.90
N ASP A 72 6.73 -3.43 -0.49
CA ASP A 72 8.08 -2.99 -0.13
C ASP A 72 8.87 -2.57 -1.37
N ASN A 73 8.51 -3.14 -2.51
CA ASN A 73 9.19 -2.82 -3.77
C ASN A 73 8.23 -2.08 -4.71
N ALA A 74 8.70 -0.97 -5.25
CA ALA A 74 7.90 -0.17 -6.18
C ALA A 74 7.65 -0.92 -7.47
N ASP A 75 8.62 -1.74 -7.88
CA ASP A 75 8.50 -2.51 -9.11
C ASP A 75 7.19 -3.28 -9.15
N ASP A 76 6.81 -3.84 -8.01
CA ASP A 76 5.56 -4.59 -7.91
C ASP A 76 4.37 -3.65 -8.06
N LEU A 77 4.51 -2.47 -7.47
CA LEU A 77 3.46 -1.44 -7.52
C LEU A 77 3.18 -1.02 -8.96
N GLY A 78 3.83 0.06 -9.39
CA GLY A 78 3.63 0.57 -10.74
C GLY A 78 4.69 1.56 -11.14
N GLY A 79 5.94 1.29 -10.75
CA GLY A 79 7.04 2.17 -11.06
C GLY A 79 6.94 3.49 -10.33
N ILE A 80 8.02 3.92 -9.69
CA ILE A 80 8.03 5.17 -8.95
C ILE A 80 7.68 6.33 -9.88
N THR A 81 6.52 6.95 -9.63
CA THR A 81 6.09 8.06 -10.45
C THR A 81 4.92 8.81 -9.82
N VAL A 82 5.07 10.13 -9.76
CA VAL A 82 4.04 10.98 -9.20
C VAL A 82 3.24 11.64 -10.33
N LEU A 83 1.92 11.44 -10.28
CA LEU A 83 1.03 12.00 -11.31
C LEU A 83 0.08 13.04 -10.70
N PRO A 84 0.60 14.21 -10.29
CA PRO A 84 -0.22 15.27 -9.68
C PRO A 84 -1.30 15.77 -10.62
N ALA A 85 -2.56 15.61 -10.20
CA ALA A 85 -3.71 16.05 -10.98
C ALA A 85 -3.77 15.35 -12.34
N PRO A 86 -4.88 14.66 -12.64
CA PRO A 86 -5.05 13.95 -13.91
C PRO A 86 -5.10 14.92 -15.09
N PRO A 87 -4.29 14.70 -16.14
CA PRO A 87 -4.26 15.57 -17.32
C PRO A 87 -5.57 15.53 -18.08
N LEU A 88 -6.19 16.70 -18.26
CA LEU A 88 -7.45 16.80 -18.99
C LEU A 88 -7.23 16.60 -20.48
N ALA A 89 -8.11 15.80 -21.10
CA ALA A 89 -8.02 15.53 -22.53
C ALA A 89 -6.65 14.97 -22.89
N PRO A 90 -6.39 13.68 -22.58
CA PRO A 90 -5.11 13.05 -22.89
C PRO A 90 -4.89 12.85 -24.38
N ASP A 91 -5.68 13.55 -25.19
CA ASP A 91 -5.58 13.46 -26.64
C ASP A 91 -4.49 14.42 -27.15
N GLN A 92 -3.57 13.89 -27.95
CA GLN A 92 -2.49 14.70 -28.50
C GLN A 92 -1.65 13.87 -29.47
N GLY A 1 -11.63 -12.08 -4.41
CA GLY A 1 -11.12 -11.84 -3.02
C GLY A 1 -9.63 -11.66 -2.98
N SER A 2 -9.09 -10.87 -3.92
CA SER A 2 -7.66 -10.62 -3.99
C SER A 2 -6.88 -11.93 -4.12
N HIS A 3 -5.89 -12.13 -3.26
CA HIS A 3 -5.07 -13.35 -3.28
C HIS A 3 -4.19 -13.45 -2.05
N MET A 4 -4.40 -14.51 -1.27
CA MET A 4 -3.62 -14.74 -0.06
C MET A 4 -2.45 -15.65 -0.34
N ASP A 5 -1.25 -15.21 -0.01
CA ASP A 5 -0.04 -16.00 -0.25
C ASP A 5 0.03 -17.18 0.72
N PRO A 6 -0.13 -18.41 0.21
CA PRO A 6 -0.08 -19.62 1.04
C PRO A 6 1.35 -20.11 1.23
N LEU A 7 2.30 -19.18 1.31
CA LEU A 7 3.69 -19.53 1.48
C LEU A 7 4.47 -18.45 2.22
N MET A 8 3.76 -17.45 2.76
CA MET A 8 4.41 -16.37 3.49
C MET A 8 3.37 -15.46 4.12
N GLN A 9 2.12 -15.88 4.07
CA GLN A 9 1.00 -15.15 4.65
C GLN A 9 1.10 -13.65 4.36
N LYS A 10 0.34 -12.85 5.10
CA LYS A 10 0.33 -11.40 4.93
C LYS A 10 1.61 -10.80 5.49
N ILE A 11 2.04 -9.68 4.92
CA ILE A 11 3.24 -8.99 5.37
C ILE A 11 3.20 -8.74 6.87
N ASP A 12 4.31 -9.01 7.55
CA ASP A 12 4.39 -8.82 9.00
C ASP A 12 4.83 -7.41 9.34
N ILE A 13 4.08 -6.76 10.23
CA ILE A 13 4.40 -5.40 10.65
C ILE A 13 5.42 -5.41 11.78
N SER A 14 5.20 -6.29 12.76
CA SER A 14 6.10 -6.40 13.90
C SER A 14 7.48 -6.86 13.46
N GLU A 15 8.26 -5.93 12.93
CA GLU A 15 9.60 -6.21 12.46
C GLU A 15 10.28 -4.93 12.05
N ASN A 16 9.49 -3.96 11.61
CA ASN A 16 10.02 -2.67 11.18
C ASN A 16 8.89 -1.68 10.89
N PRO A 17 8.07 -1.33 11.90
CA PRO A 17 6.97 -0.39 11.74
C PRO A 17 7.44 0.93 11.14
N ASP A 18 8.61 1.38 11.56
CA ASP A 18 9.18 2.63 11.07
C ASP A 18 9.51 2.53 9.59
N LYS A 19 9.91 1.34 9.14
CA LYS A 19 10.27 1.12 7.74
C LYS A 19 9.20 1.69 6.81
N ILE A 20 9.64 2.54 5.89
CA ILE A 20 8.74 3.17 4.93
C ILE A 20 8.22 2.17 3.90
N TYR A 21 6.91 1.99 3.83
CA TYR A 21 6.29 1.09 2.87
C TYR A 21 5.77 1.90 1.68
N PHE A 22 5.86 1.35 0.48
CA PHE A 22 5.39 2.05 -0.71
C PHE A 22 3.90 1.76 -0.96
N ILE A 23 3.13 2.81 -1.23
CA ILE A 23 1.70 2.67 -1.47
C ILE A 23 1.33 3.10 -2.89
N ARG A 24 0.36 2.40 -3.47
CA ARG A 24 -0.11 2.70 -4.82
C ARG A 24 -1.61 2.95 -4.82
N ARG A 25 -2.01 4.23 -4.92
CA ARG A 25 -3.43 4.58 -4.93
C ARG A 25 -4.12 4.03 -6.18
N GLU A 26 -5.44 3.94 -6.13
CA GLU A 26 -6.25 3.39 -7.22
C GLU A 26 -5.87 3.97 -8.59
N ASP A 27 -5.70 5.28 -8.67
CA ASP A 27 -5.37 5.91 -9.93
C ASP A 27 -4.05 5.40 -10.50
N GLY A 28 -3.10 5.09 -9.61
CA GLY A 28 -1.80 4.60 -10.05
C GLY A 28 -0.67 5.51 -9.65
N THR A 29 -0.69 5.99 -8.42
CA THR A 29 0.33 6.88 -7.90
C THR A 29 1.12 6.26 -6.76
N VAL A 30 2.38 5.97 -6.99
CA VAL A 30 3.22 5.39 -5.95
C VAL A 30 3.70 6.50 -5.00
N HIS A 31 3.61 6.24 -3.71
CA HIS A 31 4.00 7.21 -2.70
C HIS A 31 4.35 6.53 -1.39
N ARG A 32 5.46 6.96 -0.80
CA ARG A 32 5.94 6.39 0.46
C ARG A 32 4.92 6.58 1.58
N GLY A 33 4.86 5.58 2.46
CA GLY A 33 3.93 5.63 3.58
C GLY A 33 4.13 4.47 4.54
N GLN A 34 4.27 4.76 5.82
CA GLN A 34 4.47 3.71 6.83
C GLN A 34 3.17 3.01 7.18
N VAL A 35 3.18 1.69 7.13
CA VAL A 35 2.01 0.91 7.50
C VAL A 35 2.01 0.63 9.00
N LEU A 36 0.87 0.87 9.66
CA LEU A 36 0.78 0.69 11.09
C LEU A 36 -0.01 -0.55 11.50
N GLN A 37 -1.19 -0.73 10.91
CA GLN A 37 -2.05 -1.86 11.24
C GLN A 37 -2.78 -2.38 10.01
N SER A 38 -3.57 -3.44 10.22
CA SER A 38 -4.35 -4.05 9.15
C SER A 38 -5.64 -4.65 9.71
N ARG A 39 -6.69 -4.68 8.91
CA ARG A 39 -7.97 -5.22 9.39
C ARG A 39 -8.88 -5.64 8.24
N THR A 40 -9.54 -6.78 8.41
CA THR A 40 -10.50 -7.30 7.43
C THR A 40 -11.87 -6.70 7.68
N THR A 41 -12.57 -6.34 6.62
CA THR A 41 -13.90 -5.76 6.76
C THR A 41 -14.85 -6.74 7.45
N GLU A 42 -16.12 -6.38 7.53
CA GLU A 42 -17.13 -7.23 8.18
C GLU A 42 -17.09 -8.65 7.66
N ASN A 43 -16.94 -8.81 6.35
CA ASN A 43 -16.90 -10.13 5.73
C ASN A 43 -15.75 -10.97 6.31
N ALA A 44 -14.56 -10.38 6.34
CA ALA A 44 -13.37 -11.07 6.86
C ALA A 44 -13.18 -12.42 6.20
N ALA A 45 -13.25 -12.42 4.87
CA ALA A 45 -13.07 -13.64 4.08
C ALA A 45 -12.38 -13.30 2.77
N ALA A 46 -11.90 -12.06 2.71
CA ALA A 46 -11.22 -11.53 1.54
C ALA A 46 -10.80 -10.08 1.80
N PRO A 47 -11.72 -9.24 2.31
CA PRO A 47 -11.43 -7.83 2.61
C PRO A 47 -10.27 -7.67 3.58
N ASP A 48 -9.48 -6.64 3.37
CA ASP A 48 -8.33 -6.35 4.22
C ASP A 48 -7.73 -4.99 3.88
N GLU A 49 -7.41 -4.22 4.90
CA GLU A 49 -6.86 -2.88 4.72
C GLU A 49 -5.76 -2.61 5.73
N TYR A 50 -4.65 -2.05 5.26
CA TYR A 50 -3.53 -1.73 6.13
C TYR A 50 -3.39 -0.22 6.33
N TYR A 51 -3.51 0.22 7.57
CA TYR A 51 -3.36 1.63 7.90
C TYR A 51 -2.00 2.12 7.44
N VAL A 52 -1.91 3.38 7.01
CA VAL A 52 -0.63 3.89 6.53
C VAL A 52 -0.52 5.40 6.65
N HIS A 53 0.58 5.85 7.25
CA HIS A 53 0.87 7.27 7.41
C HIS A 53 1.89 7.68 6.36
N TYR A 54 1.48 8.51 5.41
CA TYR A 54 2.39 8.96 4.36
C TYR A 54 3.57 9.72 4.94
N VAL A 55 4.76 9.36 4.47
CA VAL A 55 6.00 9.96 4.93
C VAL A 55 6.23 11.33 4.29
N GLY A 56 5.14 12.00 3.91
CA GLY A 56 5.26 13.30 3.29
C GLY A 56 3.94 13.84 2.77
N LEU A 57 3.17 12.98 2.12
CA LEU A 57 1.88 13.38 1.56
C LEU A 57 0.94 13.91 2.64
N ASN A 58 0.04 14.80 2.23
CA ASN A 58 -0.92 15.41 3.11
C ASN A 58 -1.68 14.39 3.94
N ARG A 59 -2.03 14.78 5.16
CA ARG A 59 -2.77 13.91 6.07
C ARG A 59 -4.09 13.49 5.46
N ARG A 60 -4.65 14.35 4.60
CA ARG A 60 -5.92 14.05 3.94
C ARG A 60 -5.86 12.70 3.26
N LEU A 61 -4.72 12.45 2.62
CA LEU A 61 -4.49 11.20 1.91
C LEU A 61 -4.30 10.04 2.89
N ASP A 62 -3.71 10.34 4.04
CA ASP A 62 -3.47 9.33 5.06
C ASP A 62 -4.76 8.58 5.40
N GLY A 63 -4.68 7.25 5.43
CA GLY A 63 -5.84 6.44 5.73
C GLY A 63 -5.56 4.96 5.63
N TRP A 64 -6.55 4.22 5.12
CA TRP A 64 -6.40 2.78 4.96
C TRP A 64 -6.20 2.41 3.49
N VAL A 65 -5.26 1.52 3.24
CA VAL A 65 -4.94 1.07 1.88
C VAL A 65 -4.93 -0.44 1.77
N GLY A 66 -5.57 -0.94 0.72
CA GLY A 66 -5.62 -2.38 0.51
C GLY A 66 -4.23 -2.98 0.40
N ARG A 67 -4.10 -4.23 0.82
CA ARG A 67 -2.82 -4.93 0.78
C ARG A 67 -2.13 -4.76 -0.57
N HIS A 68 -2.91 -4.81 -1.65
CA HIS A 68 -2.37 -4.65 -3.00
C HIS A 68 -1.70 -3.30 -3.19
N ARG A 69 -2.23 -2.28 -2.53
CA ARG A 69 -1.69 -0.93 -2.65
C ARG A 69 -0.48 -0.74 -1.73
N ILE A 70 0.22 -1.84 -1.43
CA ILE A 70 1.40 -1.79 -0.58
C ILE A 70 2.38 -2.88 -0.96
N SER A 71 3.65 -2.51 -1.03
CA SER A 71 4.71 -3.45 -1.38
C SER A 71 6.09 -2.87 -1.05
N ASP A 72 6.97 -3.71 -0.53
CA ASP A 72 8.33 -3.28 -0.18
C ASP A 72 9.19 -3.20 -1.44
N ASN A 73 8.53 -3.17 -2.60
CA ASN A 73 9.22 -3.08 -3.87
C ASN A 73 8.48 -2.13 -4.81
N ALA A 74 9.21 -1.17 -5.38
CA ALA A 74 8.63 -0.18 -6.28
C ALA A 74 8.13 -0.83 -7.56
N ASP A 75 8.91 -1.75 -8.12
CA ASP A 75 8.55 -2.43 -9.35
C ASP A 75 7.19 -3.12 -9.23
N ASP A 76 6.95 -3.74 -8.07
CA ASP A 76 5.70 -4.44 -7.83
C ASP A 76 4.58 -3.49 -7.42
N LEU A 77 4.50 -2.33 -8.09
CA LEU A 77 3.46 -1.34 -7.78
C LEU A 77 3.08 -0.54 -9.03
N GLY A 78 3.80 0.55 -9.28
CA GLY A 78 3.50 1.38 -10.43
C GLY A 78 4.54 2.47 -10.67
N GLY A 79 5.81 2.13 -10.44
CA GLY A 79 6.88 3.09 -10.63
C GLY A 79 6.81 4.26 -9.67
N ILE A 80 7.98 4.71 -9.20
CA ILE A 80 8.05 5.82 -8.26
C ILE A 80 7.70 7.14 -8.95
N THR A 81 6.43 7.27 -9.35
CA THR A 81 5.95 8.45 -10.04
C THR A 81 4.42 8.50 -10.03
N VAL A 82 3.88 9.69 -9.76
CA VAL A 82 2.44 9.88 -9.73
C VAL A 82 1.85 10.02 -11.13
N LEU A 83 2.15 9.04 -11.97
CA LEU A 83 1.65 9.05 -13.35
C LEU A 83 0.13 8.92 -13.39
N PRO A 84 -0.54 9.70 -14.27
CA PRO A 84 -1.99 9.68 -14.39
C PRO A 84 -2.49 8.49 -15.21
N ALA A 85 -3.62 7.92 -14.79
CA ALA A 85 -4.20 6.79 -15.50
C ALA A 85 -5.59 6.45 -14.95
N PRO A 86 -6.57 6.22 -15.84
CA PRO A 86 -7.94 5.89 -15.43
C PRO A 86 -8.01 4.61 -14.58
N PRO A 87 -8.74 4.63 -13.46
CA PRO A 87 -8.86 3.47 -12.58
C PRO A 87 -9.55 2.29 -13.26
N LEU A 88 -8.91 1.13 -13.22
CA LEU A 88 -9.47 -0.07 -13.83
C LEU A 88 -10.61 -0.62 -12.98
N ALA A 89 -11.69 -1.05 -13.64
CA ALA A 89 -12.85 -1.59 -12.95
C ALA A 89 -12.47 -2.81 -12.11
N PRO A 90 -12.78 -2.80 -10.80
CA PRO A 90 -12.46 -3.90 -9.90
C PRO A 90 -13.26 -5.17 -10.22
N ASP A 91 -13.55 -5.96 -9.19
CA ASP A 91 -14.30 -7.20 -9.37
C ASP A 91 -15.74 -6.90 -9.79
N GLN A 92 -16.36 -5.94 -9.11
CA GLN A 92 -17.73 -5.55 -9.40
C GLN A 92 -17.87 -5.07 -10.84
N GLY A 1 -7.64 -13.76 -5.57
CA GLY A 1 -8.89 -14.36 -6.10
C GLY A 1 -9.54 -15.32 -5.13
N SER A 2 -8.73 -16.18 -4.52
CA SER A 2 -9.22 -17.17 -3.55
C SER A 2 -8.06 -17.93 -2.92
N HIS A 3 -7.10 -18.30 -3.73
CA HIS A 3 -5.93 -19.04 -3.27
C HIS A 3 -5.18 -18.27 -2.18
N MET A 4 -4.76 -18.98 -1.14
CA MET A 4 -4.03 -18.37 -0.03
C MET A 4 -2.71 -19.11 0.20
N ASP A 5 -1.61 -18.37 0.12
CA ASP A 5 -0.28 -18.94 0.31
C ASP A 5 -0.01 -19.28 1.78
N PRO A 6 0.36 -20.53 2.09
CA PRO A 6 0.65 -20.96 3.46
C PRO A 6 2.08 -20.65 3.88
N LEU A 7 2.55 -19.47 3.49
CA LEU A 7 3.89 -19.02 3.83
C LEU A 7 3.97 -17.50 3.70
N MET A 8 3.19 -16.97 2.77
CA MET A 8 3.14 -15.53 2.54
C MET A 8 1.98 -14.95 3.33
N GLN A 9 2.02 -15.15 4.65
CA GLN A 9 0.97 -14.68 5.54
C GLN A 9 0.98 -13.16 5.71
N LYS A 10 0.99 -12.43 4.59
CA LYS A 10 0.98 -10.97 4.60
C LYS A 10 2.22 -10.39 5.28
N ILE A 11 2.64 -9.22 4.79
CA ILE A 11 3.81 -8.54 5.33
C ILE A 11 3.65 -8.28 6.83
N ASP A 12 4.69 -8.61 7.59
CA ASP A 12 4.70 -8.42 9.02
C ASP A 12 5.22 -7.04 9.38
N ILE A 13 4.34 -6.19 9.90
CA ILE A 13 4.72 -4.83 10.29
C ILE A 13 5.56 -4.82 11.55
N SER A 14 5.20 -5.67 12.50
CA SER A 14 5.89 -5.75 13.79
C SER A 14 7.41 -5.79 13.63
N GLU A 15 7.87 -6.32 12.51
CA GLU A 15 9.31 -6.43 12.27
C GLU A 15 9.94 -5.06 12.03
N ASN A 16 9.24 -4.18 11.33
CA ASN A 16 9.77 -2.85 11.04
C ASN A 16 8.66 -1.82 10.84
N PRO A 17 7.94 -1.47 11.92
CA PRO A 17 6.86 -0.48 11.87
C PRO A 17 7.31 0.85 11.26
N ASP A 18 8.52 1.28 11.62
CA ASP A 18 9.09 2.54 11.12
C ASP A 18 9.44 2.45 9.64
N LYS A 19 9.87 1.27 9.19
CA LYS A 19 10.25 1.07 7.80
C LYS A 19 9.20 1.67 6.85
N ILE A 20 9.68 2.36 5.83
CA ILE A 20 8.80 3.00 4.86
C ILE A 20 8.37 2.02 3.76
N TYR A 21 7.07 1.97 3.50
CA TYR A 21 6.53 1.11 2.45
C TYR A 21 5.83 1.96 1.39
N PHE A 22 5.95 1.56 0.13
CA PHE A 22 5.31 2.32 -0.95
C PHE A 22 3.86 1.90 -1.14
N ILE A 23 3.01 2.88 -1.48
CA ILE A 23 1.58 2.62 -1.69
C ILE A 23 1.15 2.98 -3.10
N ARG A 24 0.39 2.08 -3.72
CA ARG A 24 -0.11 2.32 -5.08
C ARG A 24 -1.43 3.08 -5.03
N ARG A 25 -1.38 4.36 -5.38
CA ARG A 25 -2.58 5.19 -5.39
C ARG A 25 -3.57 4.74 -6.45
N GLU A 26 -4.83 5.14 -6.29
CA GLU A 26 -5.88 4.77 -7.23
C GLU A 26 -5.46 5.06 -8.67
N ASP A 27 -5.39 6.34 -9.02
CA ASP A 27 -4.98 6.74 -10.36
C ASP A 27 -3.82 5.89 -10.84
N GLY A 28 -3.02 5.42 -9.89
CA GLY A 28 -1.89 4.58 -10.21
C GLY A 28 -0.54 5.25 -10.00
N THR A 29 -0.39 5.95 -8.89
CA THR A 29 0.87 6.62 -8.58
C THR A 29 1.45 6.12 -7.26
N VAL A 30 2.56 5.39 -7.35
CA VAL A 30 3.22 4.84 -6.17
C VAL A 30 3.91 5.94 -5.37
N HIS A 31 3.69 5.91 -4.04
CA HIS A 31 4.30 6.89 -3.14
C HIS A 31 4.49 6.30 -1.75
N ARG A 32 5.63 6.60 -1.14
CA ARG A 32 5.95 6.08 0.19
C ARG A 32 4.84 6.32 1.21
N GLY A 33 4.81 5.48 2.24
CA GLY A 33 3.82 5.59 3.29
C GLY A 33 4.02 4.54 4.37
N GLN A 34 3.97 4.96 5.62
CA GLN A 34 4.14 4.04 6.75
C GLN A 34 2.87 3.27 7.07
N VAL A 35 2.98 1.95 7.19
CA VAL A 35 1.82 1.14 7.53
C VAL A 35 1.77 0.99 9.05
N LEU A 36 0.62 1.31 9.63
CA LEU A 36 0.47 1.28 11.08
C LEU A 36 -0.42 0.13 11.55
N GLN A 37 -1.51 -0.13 10.83
CA GLN A 37 -2.43 -1.20 11.23
C GLN A 37 -2.95 -1.98 10.02
N SER A 38 -3.73 -3.03 10.29
CA SER A 38 -4.29 -3.87 9.25
C SER A 38 -5.43 -4.71 9.80
N ARG A 39 -6.39 -5.05 8.93
CA ARG A 39 -7.55 -5.84 9.34
C ARG A 39 -8.12 -6.64 8.16
N THR A 40 -8.41 -7.91 8.39
CA THR A 40 -8.98 -8.77 7.35
C THR A 40 -10.43 -8.38 7.07
N THR A 41 -10.77 -8.31 5.79
CA THR A 41 -12.12 -7.96 5.38
C THR A 41 -13.12 -8.99 5.90
N GLU A 42 -14.38 -8.87 5.48
CA GLU A 42 -15.44 -9.78 5.91
C GLU A 42 -14.99 -11.24 5.82
N ASN A 43 -14.20 -11.57 4.80
CA ASN A 43 -13.72 -12.93 4.62
C ASN A 43 -12.94 -13.40 5.85
N ALA A 44 -11.99 -12.57 6.30
CA ALA A 44 -11.19 -12.89 7.47
C ALA A 44 -10.46 -14.22 7.30
N ALA A 45 -9.52 -14.25 6.35
CA ALA A 45 -8.74 -15.45 6.08
C ALA A 45 -7.50 -15.12 5.27
N ALA A 46 -7.55 -13.99 4.57
CA ALA A 46 -6.44 -13.52 3.75
C ALA A 46 -6.58 -12.02 3.46
N PRO A 47 -7.74 -11.58 2.93
CA PRO A 47 -7.96 -10.16 2.64
C PRO A 47 -7.74 -9.31 3.87
N ASP A 48 -7.29 -8.06 3.65
CA ASP A 48 -7.03 -7.16 4.76
C ASP A 48 -6.56 -5.80 4.27
N GLU A 49 -6.98 -4.75 4.97
CA GLU A 49 -6.61 -3.38 4.61
C GLU A 49 -5.59 -2.84 5.62
N TYR A 50 -4.55 -2.20 5.12
CA TYR A 50 -3.49 -1.67 5.98
C TYR A 50 -3.51 -0.14 6.03
N TYR A 51 -3.53 0.41 7.24
CA TYR A 51 -3.51 1.85 7.44
C TYR A 51 -2.21 2.43 6.91
N VAL A 52 -2.28 3.61 6.29
CA VAL A 52 -1.06 4.21 5.74
C VAL A 52 -0.92 5.68 6.11
N HIS A 53 0.29 6.04 6.55
CA HIS A 53 0.62 7.42 6.91
C HIS A 53 1.71 7.92 5.97
N TYR A 54 1.30 8.52 4.86
CA TYR A 54 2.25 9.04 3.87
C TYR A 54 3.23 10.02 4.51
N VAL A 55 4.52 9.77 4.31
CA VAL A 55 5.57 10.62 4.87
C VAL A 55 5.60 11.97 4.17
N GLY A 56 5.55 13.03 4.96
CA GLY A 56 5.59 14.37 4.40
C GLY A 56 4.27 14.81 3.78
N LEU A 57 3.63 13.89 3.04
CA LEU A 57 2.36 14.20 2.39
C LEU A 57 1.29 14.59 3.40
N ASN A 58 0.28 15.32 2.93
CA ASN A 58 -0.80 15.79 3.78
C ASN A 58 -1.39 14.66 4.62
N ARG A 59 -1.77 15.00 5.86
CA ARG A 59 -2.34 14.03 6.80
C ARG A 59 -3.65 13.44 6.28
N ARG A 60 -4.45 14.26 5.62
CA ARG A 60 -5.74 13.82 5.09
C ARG A 60 -5.58 12.59 4.21
N LEU A 61 -4.42 12.47 3.56
CA LEU A 61 -4.12 11.34 2.69
C LEU A 61 -4.19 10.02 3.46
N ASP A 62 -3.85 10.06 4.75
CA ASP A 62 -3.87 8.88 5.59
C ASP A 62 -5.15 8.09 5.40
N GLY A 63 -5.03 6.77 5.27
CA GLY A 63 -6.19 5.92 5.08
C GLY A 63 -5.80 4.48 4.86
N TRP A 64 -6.73 3.57 5.18
CA TRP A 64 -6.48 2.15 5.00
C TRP A 64 -6.47 1.79 3.52
N VAL A 65 -5.52 0.95 3.11
CA VAL A 65 -5.40 0.53 1.72
C VAL A 65 -5.11 -0.97 1.63
N GLY A 66 -5.72 -1.63 0.64
CA GLY A 66 -5.49 -3.05 0.46
C GLY A 66 -4.03 -3.41 0.44
N ARG A 67 -3.71 -4.62 0.88
CA ARG A 67 -2.33 -5.10 0.93
C ARG A 67 -1.61 -4.84 -0.40
N HIS A 68 -2.29 -5.09 -1.50
CA HIS A 68 -1.71 -4.88 -2.83
C HIS A 68 -1.17 -3.46 -2.99
N ARG A 69 -1.83 -2.50 -2.34
CA ARG A 69 -1.40 -1.11 -2.42
C ARG A 69 -0.25 -0.82 -1.47
N ILE A 70 0.47 -1.87 -1.06
CA ILE A 70 1.60 -1.70 -0.15
C ILE A 70 2.65 -2.79 -0.39
N SER A 71 3.89 -2.36 -0.62
CA SER A 71 5.00 -3.28 -0.87
C SER A 71 6.33 -2.56 -0.75
N ASP A 72 7.33 -3.25 -0.22
CA ASP A 72 8.66 -2.69 -0.04
C ASP A 72 9.36 -2.52 -1.39
N ASN A 73 8.59 -2.57 -2.48
CA ASN A 73 9.13 -2.41 -3.83
C ASN A 73 8.04 -2.00 -4.80
N ALA A 74 8.29 -0.93 -5.55
CA ALA A 74 7.34 -0.41 -6.52
C ALA A 74 7.14 -1.36 -7.69
N ASP A 75 8.15 -2.18 -7.96
CA ASP A 75 8.10 -3.13 -9.07
C ASP A 75 6.78 -3.90 -9.10
N ASP A 76 6.31 -4.31 -7.92
CA ASP A 76 5.06 -5.05 -7.82
C ASP A 76 3.86 -4.09 -7.83
N LEU A 77 4.00 -2.99 -7.10
CA LEU A 77 2.94 -1.98 -7.00
C LEU A 77 2.50 -1.50 -8.38
N GLY A 78 3.22 -0.54 -8.95
CA GLY A 78 2.89 -0.01 -10.25
C GLY A 78 4.07 0.64 -10.93
N GLY A 79 5.24 0.03 -10.77
CA GLY A 79 6.44 0.57 -11.38
C GLY A 79 6.83 1.90 -10.79
N ILE A 80 8.14 2.16 -10.70
CA ILE A 80 8.61 3.42 -10.14
C ILE A 80 7.87 4.59 -10.78
N THR A 81 7.11 5.31 -9.97
CA THR A 81 6.33 6.44 -10.46
C THR A 81 7.24 7.50 -11.08
N VAL A 82 7.06 7.73 -12.38
CA VAL A 82 7.85 8.71 -13.10
C VAL A 82 7.00 9.45 -14.13
N LEU A 83 6.00 10.19 -13.64
CA LEU A 83 5.11 10.95 -14.52
C LEU A 83 4.50 12.14 -13.78
N PRO A 84 5.35 12.98 -13.16
CA PRO A 84 4.90 14.17 -12.44
C PRO A 84 4.28 15.21 -13.37
N ALA A 85 3.30 15.96 -12.86
CA ALA A 85 2.65 16.98 -13.66
C ALA A 85 3.69 17.96 -14.22
N PRO A 86 3.65 18.23 -15.54
CA PRO A 86 4.60 19.14 -16.18
C PRO A 86 4.61 20.53 -15.55
N PRO A 87 5.71 20.89 -14.86
CA PRO A 87 5.85 22.19 -14.22
C PRO A 87 6.30 23.28 -15.20
N LEU A 88 6.79 24.38 -14.67
CA LEU A 88 7.25 25.49 -15.50
C LEU A 88 8.68 25.23 -15.99
N ALA A 89 9.02 23.96 -16.18
CA ALA A 89 10.34 23.57 -16.65
C ALA A 89 10.44 23.64 -18.16
N PRO A 90 11.50 24.27 -18.70
CA PRO A 90 11.70 24.39 -20.15
C PRO A 90 12.21 23.10 -20.79
N ASP A 91 11.84 21.96 -20.20
CA ASP A 91 12.25 20.67 -20.71
C ASP A 91 11.46 20.30 -21.96
N GLN A 92 12.17 19.79 -22.97
CA GLN A 92 11.54 19.38 -24.22
C GLN A 92 10.49 18.31 -23.99
N GLY A 1 -8.79 -21.92 15.49
CA GLY A 1 -8.36 -20.84 16.42
C GLY A 1 -7.75 -19.66 15.69
N SER A 2 -8.39 -19.24 14.62
CA SER A 2 -7.91 -18.10 13.83
C SER A 2 -6.50 -18.35 13.33
N HIS A 3 -5.64 -17.34 13.39
CA HIS A 3 -4.25 -17.47 12.94
C HIS A 3 -4.21 -17.94 11.49
N MET A 4 -4.83 -17.17 10.60
CA MET A 4 -4.87 -17.51 9.19
C MET A 4 -3.46 -17.70 8.63
N ASP A 5 -3.24 -18.87 8.02
CA ASP A 5 -1.95 -19.21 7.42
C ASP A 5 -0.81 -19.08 8.44
N PRO A 6 -0.18 -20.20 8.82
CA PRO A 6 0.93 -20.21 9.78
C PRO A 6 2.23 -19.70 9.17
N LEU A 7 2.13 -18.76 8.25
CA LEU A 7 3.30 -18.19 7.59
C LEU A 7 2.88 -17.10 6.61
N MET A 8 1.90 -17.41 5.77
CA MET A 8 1.41 -16.43 4.80
C MET A 8 0.41 -15.49 5.45
N GLN A 9 0.61 -15.24 6.74
CA GLN A 9 -0.27 -14.34 7.50
C GLN A 9 0.07 -12.88 7.22
N LYS A 10 -0.89 -12.00 7.48
CA LYS A 10 -0.72 -10.57 7.26
C LYS A 10 0.61 -10.07 7.80
N ILE A 11 1.19 -9.09 7.11
CA ILE A 11 2.46 -8.51 7.52
C ILE A 11 2.43 -8.10 8.99
N ASP A 12 3.50 -8.42 9.72
CA ASP A 12 3.60 -8.10 11.11
C ASP A 12 4.21 -6.72 11.31
N ILE A 13 3.39 -5.77 11.76
CA ILE A 13 3.84 -4.41 11.99
C ILE A 13 4.66 -4.29 13.26
N SER A 14 4.30 -5.07 14.27
CA SER A 14 4.99 -5.05 15.56
C SER A 14 6.38 -5.65 15.45
N GLU A 15 7.24 -4.98 14.69
CA GLU A 15 8.61 -5.42 14.50
C GLU A 15 9.38 -4.40 13.68
N ASN A 16 8.64 -3.66 12.86
CA ASN A 16 9.25 -2.64 12.01
C ASN A 16 8.31 -1.48 11.74
N PRO A 17 7.86 -0.78 12.80
CA PRO A 17 6.97 0.37 12.67
C PRO A 17 7.53 1.46 11.75
N ASP A 18 8.83 1.69 11.87
CA ASP A 18 9.52 2.71 11.07
C ASP A 18 9.62 2.30 9.60
N LYS A 19 9.68 1.00 9.35
CA LYS A 19 9.79 0.48 7.98
C LYS A 19 8.82 1.20 7.05
N ILE A 20 9.35 1.67 5.92
CA ILE A 20 8.54 2.40 4.94
C ILE A 20 7.98 1.45 3.88
N TYR A 21 6.69 1.62 3.57
CA TYR A 21 6.04 0.78 2.55
C TYR A 21 5.52 1.65 1.42
N PHE A 22 5.60 1.16 0.19
CA PHE A 22 5.13 1.91 -0.96
C PHE A 22 3.68 1.56 -1.28
N ILE A 23 2.87 2.58 -1.55
CA ILE A 23 1.46 2.37 -1.86
C ILE A 23 1.09 3.02 -3.19
N ARG A 24 0.47 2.23 -4.07
CA ARG A 24 0.07 2.73 -5.38
C ARG A 24 -1.25 3.48 -5.29
N ARG A 25 -1.25 4.75 -5.68
CA ARG A 25 -2.46 5.55 -5.64
C ARG A 25 -3.40 5.16 -6.76
N GLU A 26 -4.66 5.61 -6.68
CA GLU A 26 -5.66 5.30 -7.69
C GLU A 26 -5.14 5.58 -9.10
N ASP A 27 -4.49 6.71 -9.27
CA ASP A 27 -3.95 7.09 -10.58
C ASP A 27 -2.82 6.15 -11.00
N GLY A 28 -2.04 5.67 -10.03
CA GLY A 28 -0.95 4.77 -10.34
C GLY A 28 0.35 5.22 -9.72
N THR A 29 0.50 6.53 -9.53
CA THR A 29 1.70 7.10 -8.95
C THR A 29 1.96 6.57 -7.54
N VAL A 30 3.05 5.82 -7.40
CA VAL A 30 3.43 5.24 -6.12
C VAL A 30 3.96 6.30 -5.16
N HIS A 31 3.64 6.12 -3.87
CA HIS A 31 4.07 7.04 -2.82
C HIS A 31 4.30 6.26 -1.54
N ARG A 32 5.29 6.67 -0.74
CA ARG A 32 5.59 5.95 0.48
C ARG A 32 4.56 6.23 1.57
N GLY A 33 4.31 5.21 2.37
CA GLY A 33 3.35 5.31 3.45
C GLY A 33 3.78 4.48 4.63
N GLN A 34 3.88 5.11 5.78
CA GLN A 34 4.29 4.43 7.00
C GLN A 34 3.12 3.68 7.64
N VAL A 35 2.88 2.47 7.16
CA VAL A 35 1.80 1.64 7.69
C VAL A 35 1.99 1.39 9.18
N LEU A 36 0.93 1.59 9.96
CA LEU A 36 0.99 1.42 11.40
C LEU A 36 0.01 0.36 11.90
N GLN A 37 -1.18 0.32 11.31
CA GLN A 37 -2.21 -0.64 11.72
C GLN A 37 -2.62 -1.58 10.59
N SER A 38 -3.39 -2.60 10.93
CA SER A 38 -3.87 -3.59 9.97
C SER A 38 -5.00 -4.41 10.59
N ARG A 39 -5.92 -4.91 9.76
CA ARG A 39 -7.04 -5.69 10.28
C ARG A 39 -7.73 -6.52 9.19
N THR A 40 -8.06 -7.76 9.53
CA THR A 40 -8.76 -8.65 8.61
C THR A 40 -10.26 -8.42 8.73
N THR A 41 -10.94 -8.34 7.59
CA THR A 41 -12.39 -8.11 7.60
C THR A 41 -13.11 -9.24 8.34
N GLU A 42 -14.45 -9.20 8.31
CA GLU A 42 -15.26 -10.19 9.00
C GLU A 42 -14.84 -11.63 8.64
N ASN A 43 -14.56 -11.87 7.36
CA ASN A 43 -14.15 -13.19 6.92
C ASN A 43 -12.92 -13.66 7.67
N ALA A 44 -11.91 -12.81 7.75
CA ALA A 44 -10.67 -13.13 8.46
C ALA A 44 -10.06 -14.44 7.97
N ALA A 45 -9.90 -14.55 6.66
CA ALA A 45 -9.33 -15.73 6.04
C ALA A 45 -8.67 -15.37 4.73
N ALA A 46 -8.55 -14.06 4.52
CA ALA A 46 -7.95 -13.51 3.31
C ALA A 46 -7.97 -11.97 3.37
N PRO A 47 -9.13 -11.37 3.71
CA PRO A 47 -9.27 -9.91 3.81
C PRO A 47 -8.35 -9.31 4.86
N ASP A 48 -7.81 -8.14 4.53
CA ASP A 48 -6.90 -7.44 5.43
C ASP A 48 -6.57 -6.05 4.88
N GLU A 49 -6.76 -5.03 5.72
CA GLU A 49 -6.47 -3.66 5.34
C GLU A 49 -5.44 -3.07 6.27
N TYR A 50 -4.45 -2.39 5.71
CA TYR A 50 -3.38 -1.81 6.51
C TYR A 50 -3.46 -0.28 6.54
N TYR A 51 -3.55 0.29 7.74
CA TYR A 51 -3.61 1.73 7.91
C TYR A 51 -2.31 2.34 7.41
N VAL A 52 -2.41 3.21 6.40
CA VAL A 52 -1.20 3.82 5.83
C VAL A 52 -1.10 5.32 6.09
N HIS A 53 0.10 5.74 6.48
CA HIS A 53 0.40 7.15 6.71
C HIS A 53 1.35 7.63 5.62
N TYR A 54 0.79 8.11 4.52
CA TYR A 54 1.61 8.57 3.41
C TYR A 54 2.66 9.57 3.89
N VAL A 55 3.89 9.09 4.00
CA VAL A 55 5.01 9.90 4.46
C VAL A 55 5.26 11.06 3.50
N GLY A 56 5.50 12.24 4.06
CA GLY A 56 5.72 13.43 3.24
C GLY A 56 4.41 14.01 2.75
N LEU A 57 3.56 13.14 2.21
CA LEU A 57 2.25 13.55 1.71
C LEU A 57 1.37 14.05 2.84
N ASN A 58 0.34 14.81 2.49
CA ASN A 58 -0.59 15.35 3.48
C ASN A 58 -1.13 14.25 4.39
N ARG A 59 -1.30 14.56 5.68
CA ARG A 59 -1.79 13.60 6.65
C ARG A 59 -3.19 13.10 6.30
N ARG A 60 -4.01 13.97 5.69
CA ARG A 60 -5.37 13.60 5.30
C ARG A 60 -5.37 12.37 4.40
N LEU A 61 -4.29 12.20 3.63
CA LEU A 61 -4.16 11.07 2.72
C LEU A 61 -4.25 9.73 3.45
N ASP A 62 -3.89 9.74 4.74
CA ASP A 62 -3.93 8.52 5.55
C ASP A 62 -5.22 7.76 5.33
N GLY A 63 -5.10 6.44 5.17
CA GLY A 63 -6.26 5.60 4.94
C GLY A 63 -5.89 4.14 4.82
N TRP A 64 -6.77 3.26 5.29
CA TRP A 64 -6.52 1.83 5.22
C TRP A 64 -6.54 1.36 3.77
N VAL A 65 -5.45 0.78 3.32
CA VAL A 65 -5.34 0.30 1.95
C VAL A 65 -5.11 -1.19 1.89
N GLY A 66 -5.60 -1.81 0.82
CA GLY A 66 -5.42 -3.24 0.65
C GLY A 66 -3.95 -3.60 0.51
N ARG A 67 -3.59 -4.78 1.00
CA ARG A 67 -2.21 -5.25 0.94
C ARG A 67 -1.64 -5.15 -0.49
N HIS A 68 -2.51 -5.28 -1.48
CA HIS A 68 -2.07 -5.23 -2.87
C HIS A 68 -1.42 -3.89 -3.22
N ARG A 69 -1.88 -2.83 -2.56
CA ARG A 69 -1.34 -1.50 -2.81
C ARG A 69 -0.01 -1.30 -2.08
N ILE A 70 0.14 -1.97 -0.94
CA ILE A 70 1.36 -1.87 -0.15
C ILE A 70 2.38 -2.92 -0.58
N SER A 71 3.61 -2.47 -0.80
CA SER A 71 4.71 -3.34 -1.22
C SER A 71 6.04 -2.60 -1.15
N ASP A 72 7.08 -3.29 -0.68
CA ASP A 72 8.40 -2.68 -0.58
C ASP A 72 9.08 -2.57 -1.94
N ASN A 73 8.29 -2.71 -3.01
CA ASN A 73 8.82 -2.62 -4.36
C ASN A 73 7.87 -1.83 -5.27
N ALA A 74 8.42 -0.87 -6.01
CA ALA A 74 7.64 -0.02 -6.90
C ALA A 74 7.13 -0.77 -8.13
N ASP A 75 7.96 -1.67 -8.67
CA ASP A 75 7.58 -2.43 -9.86
C ASP A 75 6.22 -3.11 -9.69
N ASP A 76 5.98 -3.65 -8.52
CA ASP A 76 4.71 -4.33 -8.24
C ASP A 76 3.54 -3.37 -8.29
N LEU A 77 3.83 -2.09 -8.08
CA LEU A 77 2.79 -1.08 -8.09
C LEU A 77 2.65 -0.40 -9.45
N GLY A 78 3.46 0.63 -9.70
CA GLY A 78 3.39 1.33 -10.97
C GLY A 78 4.39 2.47 -11.10
N GLY A 79 5.65 2.19 -10.83
CA GLY A 79 6.69 3.21 -10.95
C GLY A 79 6.57 4.30 -9.90
N ILE A 80 7.72 4.79 -9.43
CA ILE A 80 7.75 5.85 -8.44
C ILE A 80 7.16 7.13 -9.00
N THR A 81 5.88 7.36 -8.75
CA THR A 81 5.19 8.57 -9.23
C THR A 81 5.66 8.95 -10.62
N VAL A 82 5.60 8.00 -11.51
CA VAL A 82 6.02 8.18 -12.89
C VAL A 82 5.21 7.33 -13.85
N LEU A 83 4.72 7.96 -14.92
CA LEU A 83 3.92 7.28 -15.94
C LEU A 83 4.09 7.95 -17.31
N PRO A 84 4.34 7.16 -18.36
CA PRO A 84 4.54 7.69 -19.72
C PRO A 84 3.28 8.34 -20.28
N ALA A 85 3.17 8.36 -21.61
CA ALA A 85 2.03 8.96 -22.28
C ALA A 85 0.80 8.06 -22.20
N PRO A 86 -0.39 8.65 -21.94
CA PRO A 86 -1.65 7.90 -21.84
C PRO A 86 -2.02 7.24 -23.17
N PRO A 87 -2.54 6.00 -23.13
CA PRO A 87 -2.95 5.27 -24.34
C PRO A 87 -4.07 5.97 -25.09
N LEU A 88 -3.89 6.13 -26.40
CA LEU A 88 -4.89 6.79 -27.23
C LEU A 88 -6.16 5.95 -27.30
N ALA A 89 -7.31 6.59 -27.06
CA ALA A 89 -8.60 5.91 -27.10
C ALA A 89 -9.75 6.89 -26.88
N PRO A 90 -10.77 6.84 -27.75
CA PRO A 90 -11.94 7.72 -27.65
C PRO A 90 -12.83 7.37 -26.46
N ASP A 91 -13.39 8.40 -25.83
CA ASP A 91 -14.26 8.21 -24.67
C ASP A 91 -13.52 7.50 -23.53
N GLN A 92 -12.33 8.01 -23.21
CA GLN A 92 -11.50 7.44 -22.15
C GLN A 92 -10.74 8.53 -21.41
N GLY A 1 0.52 -14.37 -7.74
CA GLY A 1 -0.31 -13.92 -6.59
C GLY A 1 -1.00 -12.60 -6.85
N SER A 2 -1.61 -12.48 -8.03
CA SER A 2 -2.32 -11.27 -8.41
C SER A 2 -3.48 -11.00 -7.46
N HIS A 3 -4.25 -12.04 -7.16
CA HIS A 3 -5.40 -11.93 -6.26
C HIS A 3 -4.92 -11.67 -4.83
N MET A 4 -5.78 -11.96 -3.85
CA MET A 4 -5.43 -11.76 -2.45
C MET A 4 -4.27 -12.66 -2.05
N ASP A 5 -3.44 -12.19 -1.12
CA ASP A 5 -2.29 -12.96 -0.66
C ASP A 5 -2.38 -13.28 0.84
N PRO A 6 -3.42 -14.01 1.26
CA PRO A 6 -3.58 -14.40 2.66
C PRO A 6 -2.78 -15.65 3.01
N LEU A 7 -1.62 -15.77 2.38
CA LEU A 7 -0.74 -16.91 2.59
C LEU A 7 0.70 -16.52 2.28
N MET A 8 0.86 -15.62 1.33
CA MET A 8 2.19 -15.14 0.94
C MET A 8 2.40 -13.72 1.43
N GLN A 9 1.79 -13.39 2.57
CA GLN A 9 1.91 -12.06 3.16
C GLN A 9 3.34 -11.78 3.58
N LYS A 10 3.80 -10.55 3.34
CA LYS A 10 5.15 -10.16 3.71
C LYS A 10 5.24 -8.69 4.10
N ILE A 11 4.46 -8.31 5.11
CA ILE A 11 4.44 -6.94 5.60
C ILE A 11 4.42 -6.93 7.12
N ASP A 12 5.56 -7.23 7.73
CA ASP A 12 5.67 -7.28 9.17
C ASP A 12 6.00 -5.90 9.73
N ILE A 13 5.04 -5.32 10.43
CA ILE A 13 5.20 -4.00 11.03
C ILE A 13 5.97 -4.09 12.34
N SER A 14 5.68 -5.14 13.11
CA SER A 14 6.32 -5.36 14.40
C SER A 14 7.78 -5.76 14.26
N GLU A 15 8.57 -4.89 13.63
CA GLU A 15 9.99 -5.13 13.43
C GLU A 15 10.66 -3.91 12.80
N ASN A 16 9.89 -3.18 12.00
CA ASN A 16 10.40 -1.99 11.33
C ASN A 16 9.25 -1.03 10.99
N PRO A 17 8.48 -0.57 11.99
CA PRO A 17 7.36 0.35 11.76
C PRO A 17 7.81 1.58 10.99
N ASP A 18 9.01 2.07 11.33
CA ASP A 18 9.57 3.24 10.68
C ASP A 18 9.84 2.98 9.20
N LYS A 19 10.16 1.72 8.87
CA LYS A 19 10.45 1.35 7.49
C LYS A 19 9.41 1.92 6.54
N ILE A 20 9.88 2.65 5.54
CA ILE A 20 9.00 3.28 4.57
C ILE A 20 8.52 2.29 3.51
N TYR A 21 7.20 2.16 3.37
CA TYR A 21 6.63 1.28 2.37
C TYR A 21 5.96 2.10 1.27
N PHE A 22 6.04 1.64 0.03
CA PHE A 22 5.44 2.36 -1.09
C PHE A 22 4.01 1.88 -1.33
N ILE A 23 3.12 2.82 -1.60
CA ILE A 23 1.71 2.49 -1.84
C ILE A 23 1.22 3.02 -3.19
N ARG A 24 0.59 2.15 -3.96
CA ARG A 24 0.07 2.54 -5.26
C ARG A 24 -1.43 2.84 -5.19
N ARG A 25 -1.81 4.06 -5.58
CA ARG A 25 -3.21 4.47 -5.56
C ARG A 25 -3.92 3.97 -6.82
N GLU A 26 -5.17 4.40 -6.99
CA GLU A 26 -5.96 4.00 -8.15
C GLU A 26 -5.34 4.54 -9.43
N ASP A 27 -4.93 5.80 -9.41
CA ASP A 27 -4.31 6.44 -10.57
C ASP A 27 -2.90 5.89 -10.81
N GLY A 28 -2.52 4.87 -10.04
CA GLY A 28 -1.22 4.27 -10.19
C GLY A 28 -0.09 5.16 -9.69
N THR A 29 -0.39 6.01 -8.72
CA THR A 29 0.62 6.91 -8.16
C THR A 29 1.27 6.29 -6.93
N VAL A 30 2.53 5.92 -7.06
CA VAL A 30 3.26 5.34 -5.94
C VAL A 30 3.62 6.44 -4.94
N HIS A 31 3.35 6.18 -3.67
CA HIS A 31 3.64 7.15 -2.62
C HIS A 31 4.06 6.45 -1.33
N ARG A 32 5.11 6.96 -0.69
CA ARG A 32 5.60 6.38 0.55
C ARG A 32 4.54 6.38 1.64
N GLY A 33 4.63 5.40 2.54
CA GLY A 33 3.67 5.28 3.62
C GLY A 33 4.01 4.13 4.56
N GLN A 34 3.99 4.40 5.86
CA GLN A 34 4.30 3.38 6.86
C GLN A 34 3.05 2.61 7.30
N VAL A 35 3.14 1.28 7.28
CA VAL A 35 2.01 0.45 7.70
C VAL A 35 2.07 0.27 9.21
N LEU A 36 0.96 0.56 9.89
CA LEU A 36 0.91 0.45 11.35
C LEU A 36 -0.18 -0.52 11.81
N GLN A 37 -1.33 -0.47 11.16
CA GLN A 37 -2.46 -1.31 11.54
C GLN A 37 -3.03 -2.07 10.34
N SER A 38 -4.01 -2.92 10.61
CA SER A 38 -4.66 -3.72 9.57
C SER A 38 -6.01 -4.25 10.07
N ARG A 39 -6.96 -4.43 9.14
CA ARG A 39 -8.28 -4.92 9.49
C ARG A 39 -9.02 -5.44 8.26
N THR A 40 -9.79 -6.50 8.46
CA THR A 40 -10.59 -7.09 7.39
C THR A 40 -12.06 -6.93 7.72
N THR A 41 -12.85 -6.51 6.75
CA THR A 41 -14.28 -6.32 6.95
C THR A 41 -14.92 -7.65 7.39
N GLU A 42 -16.25 -7.68 7.50
CA GLU A 42 -16.95 -8.90 7.90
C GLU A 42 -16.30 -10.12 7.26
N ASN A 43 -16.01 -10.01 5.96
CA ASN A 43 -15.34 -11.07 5.24
C ASN A 43 -13.84 -10.83 5.24
N ALA A 44 -13.07 -11.84 5.61
CA ALA A 44 -11.62 -11.70 5.65
C ALA A 44 -10.94 -12.59 4.61
N ALA A 45 -11.32 -12.39 3.36
CA ALA A 45 -10.76 -13.16 2.25
C ALA A 45 -10.50 -12.24 1.07
N ALA A 46 -10.58 -10.95 1.33
CA ALA A 46 -10.37 -9.92 0.30
C ALA A 46 -10.39 -8.52 0.93
N PRO A 47 -11.38 -8.22 1.80
CA PRO A 47 -11.50 -6.91 2.45
C PRO A 47 -10.41 -6.61 3.47
N ASP A 48 -9.18 -7.01 3.14
CA ASP A 48 -8.04 -6.73 4.02
C ASP A 48 -7.56 -5.31 3.80
N GLU A 49 -7.36 -4.58 4.88
CA GLU A 49 -6.90 -3.19 4.78
C GLU A 49 -5.81 -2.89 5.81
N TYR A 50 -4.75 -2.22 5.37
CA TYR A 50 -3.65 -1.88 6.26
C TYR A 50 -3.47 -0.36 6.35
N TYR A 51 -3.45 0.15 7.59
CA TYR A 51 -3.26 1.58 7.82
C TYR A 51 -1.95 2.02 7.18
N VAL A 52 -1.92 3.22 6.63
CA VAL A 52 -0.70 3.71 5.99
C VAL A 52 -0.50 5.21 6.20
N HIS A 53 0.53 5.54 6.98
CA HIS A 53 0.88 6.93 7.25
C HIS A 53 1.88 7.40 6.21
N TYR A 54 1.41 8.05 5.16
CA TYR A 54 2.28 8.53 4.10
C TYR A 54 3.44 9.33 4.67
N VAL A 55 4.66 8.91 4.30
CA VAL A 55 5.88 9.55 4.78
C VAL A 55 6.16 10.83 4.00
N GLY A 56 5.09 11.53 3.62
CA GLY A 56 5.24 12.76 2.88
C GLY A 56 3.90 13.39 2.55
N LEU A 57 2.95 12.58 2.08
CA LEU A 57 1.62 13.08 1.74
C LEU A 57 0.89 13.62 2.96
N ASN A 58 -0.06 14.53 2.71
CA ASN A 58 -0.84 15.15 3.75
C ASN A 58 -1.45 14.11 4.69
N ARG A 59 -1.50 14.44 5.98
CA ARG A 59 -2.06 13.55 6.98
C ARG A 59 -3.50 13.21 6.66
N ARG A 60 -4.19 14.13 6.01
CA ARG A 60 -5.59 13.92 5.62
C ARG A 60 -5.70 12.77 4.63
N LEU A 61 -4.71 12.67 3.74
CA LEU A 61 -4.65 11.63 2.74
C LEU A 61 -4.56 10.26 3.40
N ASP A 62 -3.88 10.21 4.54
CA ASP A 62 -3.69 8.97 5.29
C ASP A 62 -5.02 8.26 5.50
N GLY A 63 -5.01 6.94 5.34
CA GLY A 63 -6.22 6.16 5.53
C GLY A 63 -5.96 4.66 5.51
N TRP A 64 -6.85 3.91 4.90
CA TRP A 64 -6.70 2.45 4.82
C TRP A 64 -6.68 1.98 3.37
N VAL A 65 -5.72 1.13 3.05
CA VAL A 65 -5.57 0.59 1.70
C VAL A 65 -5.91 -0.89 1.64
N GLY A 66 -6.29 -1.36 0.45
CA GLY A 66 -6.65 -2.77 0.27
C GLY A 66 -5.46 -3.71 0.33
N ARG A 67 -4.36 -3.26 0.94
CA ARG A 67 -3.14 -4.08 1.09
C ARG A 67 -2.40 -4.30 -0.22
N HIS A 68 -3.11 -4.64 -1.29
CA HIS A 68 -2.48 -4.85 -2.58
C HIS A 68 -1.79 -3.57 -3.02
N ARG A 69 -2.16 -2.50 -2.33
CA ARG A 69 -1.61 -1.18 -2.60
C ARG A 69 -0.22 -1.02 -1.98
N ILE A 70 -0.02 -1.63 -0.81
CA ILE A 70 1.26 -1.55 -0.12
C ILE A 70 2.21 -2.65 -0.59
N SER A 71 3.47 -2.27 -0.80
CA SER A 71 4.48 -3.21 -1.27
C SER A 71 5.88 -2.70 -0.94
N ASP A 72 6.75 -3.60 -0.51
CA ASP A 72 8.12 -3.24 -0.17
C ASP A 72 8.94 -3.01 -1.43
N ASN A 73 8.45 -3.53 -2.55
CA ASN A 73 9.13 -3.38 -3.82
C ASN A 73 8.40 -2.41 -4.74
N ALA A 74 9.14 -1.49 -5.35
CA ALA A 74 8.57 -0.49 -6.25
C ALA A 74 8.01 -1.14 -7.51
N ASP A 75 8.72 -2.14 -8.02
CA ASP A 75 8.31 -2.84 -9.24
C ASP A 75 6.87 -3.31 -9.14
N ASP A 76 6.48 -3.81 -7.97
CA ASP A 76 5.13 -4.29 -7.75
C ASP A 76 4.19 -3.12 -7.43
N LEU A 77 4.36 -2.01 -8.15
CA LEU A 77 3.55 -0.82 -7.93
C LEU A 77 3.44 0.02 -9.21
N GLY A 78 4.42 0.90 -9.43
CA GLY A 78 4.39 1.74 -10.62
C GLY A 78 5.72 2.40 -10.90
N GLY A 79 6.81 1.71 -10.56
CA GLY A 79 8.14 2.24 -10.81
C GLY A 79 8.36 3.62 -10.21
N ILE A 80 7.78 3.85 -9.04
CA ILE A 80 7.93 5.11 -8.33
C ILE A 80 7.71 6.30 -9.26
N THR A 81 6.45 6.65 -9.51
CA THR A 81 6.12 7.76 -10.39
C THR A 81 4.63 8.07 -10.38
N VAL A 82 4.31 9.36 -10.26
CA VAL A 82 2.93 9.80 -10.25
C VAL A 82 2.43 10.07 -11.66
N LEU A 83 1.37 9.38 -12.05
CA LEU A 83 0.79 9.55 -13.39
C LEU A 83 -0.03 10.83 -13.46
N PRO A 84 0.35 11.75 -14.38
CA PRO A 84 -0.35 13.02 -14.56
C PRO A 84 -1.73 12.86 -15.17
N ALA A 85 -2.66 13.73 -14.76
CA ALA A 85 -4.03 13.69 -15.27
C ALA A 85 -4.73 12.38 -14.91
N PRO A 86 -5.08 12.20 -13.62
CA PRO A 86 -5.78 10.99 -13.16
C PRO A 86 -7.18 10.86 -13.75
N PRO A 87 -7.53 9.65 -14.24
CA PRO A 87 -8.85 9.41 -14.85
C PRO A 87 -9.95 9.24 -13.81
N LEU A 88 -10.02 10.19 -12.88
CA LEU A 88 -11.05 10.15 -11.83
C LEU A 88 -10.99 11.42 -10.99
N ALA A 89 -12.17 11.97 -10.68
CA ALA A 89 -12.29 13.18 -9.88
C ALA A 89 -11.67 14.38 -10.59
N PRO A 90 -12.43 15.49 -10.71
CA PRO A 90 -11.96 16.71 -11.38
C PRO A 90 -10.77 17.34 -10.66
N ASP A 91 -9.77 17.74 -11.43
CA ASP A 91 -8.57 18.36 -10.87
C ASP A 91 -8.82 19.83 -10.52
N GLN A 92 -9.96 20.11 -9.92
CA GLN A 92 -10.32 21.47 -9.53
C GLN A 92 -11.61 21.49 -8.72
N GLY A 1 -8.77 -9.40 -7.86
CA GLY A 1 -9.15 -10.82 -8.05
C GLY A 1 -9.92 -11.37 -6.87
N SER A 2 -10.97 -12.14 -7.16
CA SER A 2 -11.80 -12.73 -6.10
C SER A 2 -10.98 -13.64 -5.22
N HIS A 3 -10.20 -14.52 -5.85
CA HIS A 3 -9.35 -15.45 -5.11
C HIS A 3 -8.26 -14.72 -4.34
N MET A 4 -8.10 -15.07 -3.07
CA MET A 4 -7.09 -14.43 -2.23
C MET A 4 -6.00 -15.42 -1.82
N ASP A 5 -4.76 -15.00 -1.93
CA ASP A 5 -3.63 -15.84 -1.57
C ASP A 5 -3.68 -16.20 -0.09
N PRO A 6 -3.52 -17.50 0.25
CA PRO A 6 -3.57 -17.95 1.64
C PRO A 6 -2.22 -17.89 2.35
N LEU A 7 -1.50 -16.78 2.18
CA LEU A 7 -0.20 -16.63 2.84
C LEU A 7 0.27 -15.18 2.82
N MET A 8 0.08 -14.51 1.69
CA MET A 8 0.50 -13.13 1.55
C MET A 8 -0.59 -12.16 2.05
N GLN A 9 -1.14 -12.46 3.21
CA GLN A 9 -2.18 -11.61 3.80
C GLN A 9 -1.92 -11.36 5.27
N LYS A 10 -0.65 -11.12 5.58
CA LYS A 10 -0.20 -10.85 6.95
C LYS A 10 1.08 -10.05 6.94
N ILE A 11 1.22 -9.12 7.88
CA ILE A 11 2.42 -8.28 7.96
C ILE A 11 2.85 -8.04 9.41
N ASP A 12 4.07 -8.43 9.73
CA ASP A 12 4.61 -8.25 11.05
C ASP A 12 5.37 -6.93 11.14
N ILE A 13 4.64 -5.82 11.07
CA ILE A 13 5.23 -4.49 11.11
C ILE A 13 6.16 -4.32 12.30
N SER A 14 5.81 -4.94 13.41
CA SER A 14 6.59 -4.84 14.64
C SER A 14 8.08 -5.06 14.40
N GLU A 15 8.40 -5.78 13.33
CA GLU A 15 9.79 -6.08 13.00
C GLU A 15 10.55 -4.82 12.55
N ASN A 16 9.87 -3.95 11.81
CA ASN A 16 10.50 -2.73 11.31
C ASN A 16 9.48 -1.62 11.05
N PRO A 17 8.81 -1.14 12.11
CA PRO A 17 7.81 -0.07 12.00
C PRO A 17 8.37 1.15 11.27
N ASP A 18 9.63 1.45 11.54
CA ASP A 18 10.31 2.58 10.92
C ASP A 18 10.43 2.39 9.41
N LYS A 19 10.61 1.15 8.98
CA LYS A 19 10.75 0.84 7.56
C LYS A 19 9.61 1.44 6.76
N ILE A 20 9.97 2.19 5.71
CA ILE A 20 8.97 2.84 4.86
C ILE A 20 8.50 1.93 3.74
N TYR A 21 7.19 1.83 3.56
CA TYR A 21 6.60 1.00 2.51
C TYR A 21 5.96 1.88 1.45
N PHE A 22 6.04 1.47 0.19
CA PHE A 22 5.44 2.23 -0.90
C PHE A 22 3.99 1.81 -1.12
N ILE A 23 3.13 2.78 -1.43
CA ILE A 23 1.72 2.50 -1.65
C ILE A 23 1.25 2.99 -3.03
N ARG A 24 0.51 2.13 -3.72
CA ARG A 24 -0.02 2.45 -5.04
C ARG A 24 -1.37 3.15 -4.91
N ARG A 25 -1.44 4.41 -5.36
CA ARG A 25 -2.68 5.17 -5.28
C ARG A 25 -3.73 4.62 -6.26
N GLU A 26 -4.97 5.10 -6.13
CA GLU A 26 -6.06 4.65 -6.98
C GLU A 26 -5.69 4.76 -8.46
N ASP A 27 -5.10 5.89 -8.84
CA ASP A 27 -4.70 6.11 -10.22
C ASP A 27 -3.53 5.21 -10.61
N GLY A 28 -2.63 4.99 -9.65
CA GLY A 28 -1.47 4.14 -9.90
C GLY A 28 -0.17 4.88 -9.70
N THR A 29 -0.14 5.77 -8.71
CA THR A 29 1.05 6.55 -8.40
C THR A 29 1.66 6.13 -7.07
N VAL A 30 2.86 5.57 -7.14
CA VAL A 30 3.55 5.09 -5.95
C VAL A 30 3.95 6.23 -5.04
N HIS A 31 3.71 6.03 -3.74
CA HIS A 31 4.03 7.02 -2.71
C HIS A 31 4.28 6.34 -1.37
N ARG A 32 5.37 6.71 -0.70
CA ARG A 32 5.72 6.12 0.58
C ARG A 32 4.60 6.23 1.61
N GLY A 33 4.61 5.31 2.56
CA GLY A 33 3.61 5.28 3.61
C GLY A 33 3.97 4.30 4.71
N GLN A 34 3.83 4.71 5.97
CA GLN A 34 4.17 3.86 7.10
C GLN A 34 2.97 3.03 7.57
N VAL A 35 3.03 1.73 7.37
CA VAL A 35 1.95 0.83 7.79
C VAL A 35 2.00 0.64 9.31
N LEU A 36 0.87 0.85 9.98
CA LEU A 36 0.81 0.72 11.43
C LEU A 36 -0.20 -0.34 11.88
N GLN A 37 -1.36 -0.37 11.23
CA GLN A 37 -2.41 -1.32 11.59
C GLN A 37 -3.02 -1.97 10.35
N SER A 38 -3.95 -2.91 10.59
CA SER A 38 -4.62 -3.62 9.50
C SER A 38 -6.01 -4.06 9.93
N ARG A 39 -6.98 -3.93 9.03
CA ARG A 39 -8.36 -4.30 9.31
C ARG A 39 -9.12 -4.66 8.04
N THR A 40 -10.00 -5.64 8.14
CA THR A 40 -10.81 -6.05 7.00
C THR A 40 -12.16 -5.32 7.04
N THR A 41 -13.26 -6.08 7.08
CA THR A 41 -14.59 -5.50 7.13
C THR A 41 -15.60 -6.56 7.55
N GLU A 42 -16.89 -6.22 7.52
CA GLU A 42 -17.94 -7.16 7.90
C GLU A 42 -17.69 -8.54 7.32
N ASN A 43 -17.30 -8.59 6.06
CA ASN A 43 -17.02 -9.86 5.38
C ASN A 43 -15.75 -10.52 5.93
N ALA A 44 -14.65 -9.75 5.96
CA ALA A 44 -13.37 -10.26 6.44
C ALA A 44 -12.98 -11.53 5.71
N ALA A 45 -12.98 -11.45 4.39
CA ALA A 45 -12.63 -12.57 3.53
C ALA A 45 -12.31 -12.06 2.14
N ALA A 46 -12.15 -10.74 2.07
CA ALA A 46 -11.86 -10.06 0.82
C ALA A 46 -11.27 -8.66 1.07
N PRO A 47 -11.80 -7.89 2.05
CA PRO A 47 -11.32 -6.53 2.33
C PRO A 47 -9.80 -6.46 2.54
N ASP A 48 -9.33 -7.14 3.58
CA ASP A 48 -7.91 -7.17 3.92
C ASP A 48 -7.25 -5.81 3.64
N GLU A 49 -7.53 -4.84 4.51
CA GLU A 49 -6.98 -3.50 4.36
C GLU A 49 -5.91 -3.23 5.40
N TYR A 50 -4.92 -2.43 5.04
CA TYR A 50 -3.82 -2.11 5.95
C TYR A 50 -3.62 -0.60 6.07
N TYR A 51 -3.66 -0.11 7.31
CA TYR A 51 -3.48 1.31 7.58
C TYR A 51 -2.14 1.79 7.04
N VAL A 52 -2.07 3.06 6.66
CA VAL A 52 -0.84 3.62 6.12
C VAL A 52 -0.76 5.14 6.29
N HIS A 53 0.43 5.61 6.67
CA HIS A 53 0.66 7.04 6.86
C HIS A 53 1.67 7.55 5.84
N TYR A 54 1.18 8.21 4.79
CA TYR A 54 2.05 8.74 3.75
C TYR A 54 3.01 9.78 4.30
N VAL A 55 4.30 9.49 4.23
CA VAL A 55 5.33 10.40 4.71
C VAL A 55 5.40 11.65 3.86
N GLY A 56 5.38 12.81 4.51
CA GLY A 56 5.45 14.07 3.79
C GLY A 56 4.12 14.44 3.14
N LEU A 57 3.46 13.47 2.53
CA LEU A 57 2.18 13.69 1.87
C LEU A 57 1.14 14.21 2.86
N ASN A 58 0.17 14.95 2.33
CA ASN A 58 -0.90 15.53 3.14
C ASN A 58 -1.54 14.47 4.05
N ARG A 59 -1.78 14.85 5.30
CA ARG A 59 -2.35 13.94 6.29
C ARG A 59 -3.71 13.37 5.87
N ARG A 60 -4.55 14.21 5.26
CA ARG A 60 -5.87 13.74 4.83
C ARG A 60 -5.75 12.50 3.95
N LEU A 61 -4.64 12.39 3.23
CA LEU A 61 -4.38 11.25 2.37
C LEU A 61 -4.40 9.95 3.17
N ASP A 62 -3.94 10.02 4.41
CA ASP A 62 -3.88 8.85 5.29
C ASP A 62 -5.20 8.09 5.28
N GLY A 63 -5.11 6.77 5.25
CA GLY A 63 -6.30 5.94 5.24
C GLY A 63 -5.96 4.46 5.25
N TRP A 64 -6.74 3.66 4.54
CA TRP A 64 -6.51 2.23 4.46
C TRP A 64 -6.46 1.76 3.01
N VAL A 65 -5.47 0.94 2.71
CA VAL A 65 -5.30 0.42 1.35
C VAL A 65 -5.64 -1.08 1.26
N GLY A 66 -5.94 -1.53 0.05
CA GLY A 66 -6.28 -2.92 -0.17
C GLY A 66 -5.10 -3.88 -0.17
N ARG A 67 -4.09 -3.60 0.65
CA ARG A 67 -2.91 -4.48 0.75
C ARG A 67 -2.02 -4.42 -0.51
N HIS A 68 -2.49 -4.97 -1.62
CA HIS A 68 -1.69 -4.99 -2.86
C HIS A 68 -1.03 -3.63 -3.13
N ARG A 69 -1.53 -2.61 -2.46
CA ARG A 69 -1.02 -1.26 -2.61
C ARG A 69 0.31 -1.08 -1.85
N ILE A 70 0.40 -1.67 -0.66
CA ILE A 70 1.62 -1.58 0.13
C ILE A 70 2.58 -2.69 -0.26
N SER A 71 3.85 -2.32 -0.48
CA SER A 71 4.87 -3.28 -0.87
C SER A 71 6.27 -2.70 -0.68
N ASP A 72 7.19 -3.54 -0.25
CA ASP A 72 8.58 -3.13 -0.03
C ASP A 72 9.19 -2.57 -1.31
N ASN A 73 8.66 -3.02 -2.46
CA ASN A 73 9.16 -2.56 -3.75
C ASN A 73 8.02 -1.94 -4.57
N ALA A 74 8.31 -0.80 -5.17
CA ALA A 74 7.34 -0.07 -5.98
C ALA A 74 7.03 -0.81 -7.28
N ASP A 75 7.84 -1.82 -7.59
CA ASP A 75 7.66 -2.59 -8.82
C ASP A 75 6.27 -3.20 -8.90
N ASP A 76 5.76 -3.71 -7.79
CA ASP A 76 4.44 -4.32 -7.75
C ASP A 76 3.34 -3.27 -7.61
N LEU A 77 3.69 -2.02 -7.89
CA LEU A 77 2.75 -0.92 -7.79
C LEU A 77 2.51 -0.24 -9.14
N GLY A 78 3.23 0.85 -9.40
CA GLY A 78 3.07 1.55 -10.67
C GLY A 78 4.06 2.68 -10.86
N GLY A 79 5.32 2.45 -10.48
CA GLY A 79 6.34 3.47 -10.65
C GLY A 79 6.11 4.69 -9.79
N ILE A 80 7.20 5.35 -9.39
CA ILE A 80 7.11 6.55 -8.58
C ILE A 80 6.36 7.62 -9.36
N THR A 81 5.06 7.62 -9.20
CA THR A 81 4.18 8.54 -9.88
C THR A 81 4.51 8.58 -11.38
N VAL A 82 4.82 7.41 -11.91
CA VAL A 82 5.16 7.26 -13.33
C VAL A 82 4.88 5.83 -13.79
N LEU A 83 4.11 5.68 -14.86
CA LEU A 83 3.78 4.37 -15.39
C LEU A 83 5.01 3.72 -16.05
N PRO A 84 5.36 2.49 -15.62
CA PRO A 84 6.51 1.77 -16.17
C PRO A 84 6.34 1.46 -17.66
N ALA A 85 7.41 1.64 -18.43
CA ALA A 85 7.36 1.38 -19.87
C ALA A 85 8.77 1.40 -20.47
N PRO A 86 9.66 0.51 -20.00
CA PRO A 86 11.04 0.43 -20.51
C PRO A 86 11.12 -0.24 -21.87
N PRO A 87 11.84 0.37 -22.83
CA PRO A 87 11.99 -0.19 -24.18
C PRO A 87 13.01 -1.32 -24.23
N LEU A 88 12.87 -2.28 -23.33
CA LEU A 88 13.77 -3.43 -23.26
C LEU A 88 13.03 -4.73 -23.53
N ALA A 89 13.65 -5.62 -24.30
CA ALA A 89 13.05 -6.91 -24.63
C ALA A 89 14.07 -7.84 -25.28
N PRO A 90 14.13 -9.10 -24.82
CA PRO A 90 15.08 -10.09 -25.37
C PRO A 90 14.84 -10.35 -26.85
N ASP A 91 15.92 -10.33 -27.63
CA ASP A 91 15.87 -10.57 -29.07
C ASP A 91 15.18 -9.41 -29.80
N GLN A 92 13.91 -9.19 -29.52
CA GLN A 92 13.16 -8.11 -30.16
C GLN A 92 11.76 -8.01 -29.56
N GLY A 1 -4.54 -14.56 -9.18
CA GLY A 1 -5.75 -13.88 -8.63
C GLY A 1 -5.51 -13.33 -7.24
N SER A 2 -5.88 -12.07 -7.03
CA SER A 2 -5.70 -11.42 -5.74
C SER A 2 -6.71 -11.95 -4.72
N HIS A 3 -6.22 -12.26 -3.52
CA HIS A 3 -7.06 -12.77 -2.45
C HIS A 3 -6.28 -12.92 -1.16
N MET A 4 -4.99 -13.19 -1.29
CA MET A 4 -4.10 -13.35 -0.15
C MET A 4 -2.68 -13.60 -0.61
N ASP A 5 -1.73 -12.87 -0.03
CA ASP A 5 -0.32 -13.01 -0.39
C ASP A 5 0.18 -14.42 -0.05
N PRO A 6 0.69 -15.16 -1.05
CA PRO A 6 1.19 -16.53 -0.86
C PRO A 6 2.52 -16.59 -0.15
N LEU A 7 3.44 -15.79 -0.62
CA LEU A 7 4.80 -15.74 -0.05
C LEU A 7 4.74 -15.50 1.44
N MET A 8 3.71 -14.79 1.89
CA MET A 8 3.52 -14.48 3.29
C MET A 8 2.13 -13.90 3.52
N GLN A 9 1.31 -14.62 4.29
CA GLN A 9 -0.05 -14.15 4.55
C GLN A 9 -0.03 -12.82 5.30
N LYS A 10 -0.42 -11.76 4.59
CA LYS A 10 -0.46 -10.42 5.15
C LYS A 10 0.92 -9.97 5.63
N ILE A 11 1.34 -8.78 5.19
CA ILE A 11 2.63 -8.24 5.58
C ILE A 11 2.70 -7.94 7.07
N ASP A 12 3.79 -8.37 7.70
CA ASP A 12 3.99 -8.14 9.12
C ASP A 12 4.71 -6.80 9.34
N ILE A 13 4.15 -5.97 10.22
CA ILE A 13 4.74 -4.67 10.49
C ILE A 13 5.78 -4.72 11.60
N SER A 14 5.48 -5.48 12.65
CA SER A 14 6.39 -5.60 13.81
C SER A 14 7.82 -5.84 13.38
N GLU A 15 7.99 -6.33 12.16
CA GLU A 15 9.31 -6.63 11.61
C GLU A 15 10.16 -5.36 11.53
N ASN A 16 9.56 -4.27 11.08
CA ASN A 16 10.26 -3.01 10.93
C ASN A 16 9.28 -1.85 10.70
N PRO A 17 8.50 -1.49 11.73
CA PRO A 17 7.53 -0.39 11.63
C PRO A 17 8.14 0.88 11.06
N ASP A 18 9.37 1.18 11.46
CA ASP A 18 10.08 2.36 10.99
C ASP A 18 10.23 2.32 9.46
N LYS A 19 10.51 1.13 8.94
CA LYS A 19 10.68 0.95 7.49
C LYS A 19 9.47 1.46 6.73
N ILE A 20 9.73 2.27 5.70
CA ILE A 20 8.66 2.85 4.89
C ILE A 20 8.24 1.88 3.78
N TYR A 21 6.91 1.75 3.59
CA TYR A 21 6.38 0.88 2.56
C TYR A 21 5.79 1.71 1.41
N PHE A 22 5.94 1.23 0.19
CA PHE A 22 5.41 1.94 -0.98
C PHE A 22 3.97 1.51 -1.24
N ILE A 23 3.10 2.49 -1.48
CA ILE A 23 1.69 2.21 -1.76
C ILE A 23 1.28 2.77 -3.12
N ARG A 24 0.65 1.94 -3.94
CA ARG A 24 0.19 2.38 -5.25
C ARG A 24 -1.11 3.14 -5.15
N ARG A 25 -1.09 4.42 -5.54
CA ARG A 25 -2.29 5.25 -5.50
C ARG A 25 -3.30 4.77 -6.51
N GLU A 26 -4.54 5.23 -6.37
CA GLU A 26 -5.62 4.84 -7.27
C GLU A 26 -5.24 5.05 -8.74
N ASP A 27 -4.65 6.21 -9.04
CA ASP A 27 -4.24 6.52 -10.41
C ASP A 27 -3.07 5.64 -10.86
N GLY A 28 -2.17 5.33 -9.94
CA GLY A 28 -1.02 4.51 -10.28
C GLY A 28 0.27 5.00 -9.64
N THR A 29 0.37 6.32 -9.47
CA THR A 29 1.54 6.93 -8.89
C THR A 29 1.81 6.41 -7.48
N VAL A 30 2.90 5.67 -7.33
CA VAL A 30 3.28 5.10 -6.05
C VAL A 30 3.81 6.19 -5.10
N HIS A 31 3.45 6.08 -3.83
CA HIS A 31 3.88 7.03 -2.80
C HIS A 31 4.23 6.30 -1.51
N ARG A 32 5.33 6.72 -0.88
CA ARG A 32 5.77 6.10 0.37
C ARG A 32 4.74 6.30 1.47
N GLY A 33 4.61 5.29 2.34
CA GLY A 33 3.64 5.36 3.41
C GLY A 33 3.90 4.33 4.49
N GLN A 34 3.84 4.76 5.74
CA GLN A 34 4.08 3.89 6.88
C GLN A 34 2.84 3.08 7.24
N VAL A 35 3.01 1.78 7.43
CA VAL A 35 1.89 0.92 7.81
C VAL A 35 1.96 0.67 9.31
N LEU A 36 0.89 1.03 10.00
CA LEU A 36 0.86 0.89 11.45
C LEU A 36 -0.13 -0.18 11.93
N GLN A 37 -1.30 -0.23 11.31
CA GLN A 37 -2.32 -1.20 11.70
C GLN A 37 -2.92 -1.91 10.49
N SER A 38 -3.81 -2.86 10.76
CA SER A 38 -4.47 -3.62 9.70
C SER A 38 -5.68 -4.37 10.25
N ARG A 39 -6.71 -4.53 9.41
CA ARG A 39 -7.94 -5.21 9.82
C ARG A 39 -8.74 -5.68 8.61
N THR A 40 -9.21 -6.93 8.67
CA THR A 40 -10.01 -7.49 7.60
C THR A 40 -11.46 -7.04 7.75
N THR A 41 -12.08 -6.68 6.63
CA THR A 41 -13.47 -6.22 6.63
C THR A 41 -14.41 -7.33 7.14
N GLU A 42 -15.72 -7.06 7.07
CA GLU A 42 -16.71 -8.03 7.53
C GLU A 42 -16.38 -9.46 7.10
N ASN A 43 -15.92 -9.62 5.87
CA ASN A 43 -15.57 -10.94 5.35
C ASN A 43 -14.51 -11.59 6.24
N ALA A 44 -13.46 -10.85 6.54
CA ALA A 44 -12.38 -11.35 7.39
C ALA A 44 -11.75 -12.62 6.83
N ALA A 45 -11.27 -12.54 5.60
CA ALA A 45 -10.64 -13.67 4.95
C ALA A 45 -9.93 -13.25 3.67
N ALA A 46 -9.83 -11.94 3.49
CA ALA A 46 -9.18 -11.36 2.31
C ALA A 46 -9.19 -9.83 2.34
N PRO A 47 -10.32 -9.20 2.72
CA PRO A 47 -10.44 -7.73 2.76
C PRO A 47 -9.66 -7.07 3.88
N ASP A 48 -8.39 -7.43 4.01
CA ASP A 48 -7.54 -6.85 5.04
C ASP A 48 -7.07 -5.45 4.61
N GLU A 49 -7.30 -4.47 5.46
CA GLU A 49 -6.90 -3.09 5.18
C GLU A 49 -5.81 -2.63 6.13
N TYR A 50 -4.79 -1.99 5.61
CA TYR A 50 -3.68 -1.53 6.43
C TYR A 50 -3.62 0.00 6.51
N TYR A 51 -3.44 0.51 7.72
CA TYR A 51 -3.33 1.94 7.94
C TYR A 51 -2.04 2.43 7.28
N VAL A 52 -2.09 3.59 6.62
CA VAL A 52 -0.89 4.09 5.96
C VAL A 52 -0.73 5.59 6.07
N HIS A 53 0.27 6.01 6.85
CA HIS A 53 0.57 7.41 7.00
C HIS A 53 1.59 7.82 5.93
N TYR A 54 1.09 8.21 4.76
CA TYR A 54 1.95 8.59 3.66
C TYR A 54 2.88 9.72 4.05
N VAL A 55 4.16 9.40 4.04
CA VAL A 55 5.22 10.29 4.36
C VAL A 55 5.17 11.59 3.54
N GLY A 56 5.26 12.71 4.22
CA GLY A 56 5.27 14.00 3.55
C GLY A 56 3.91 14.55 3.14
N LEU A 57 3.11 13.75 2.43
CA LEU A 57 1.81 14.23 1.96
C LEU A 57 0.86 14.60 3.12
N ASN A 58 -0.17 15.36 2.79
CA ASN A 58 -1.17 15.82 3.78
C ASN A 58 -1.87 14.65 4.46
N ARG A 59 -2.16 14.81 5.75
CA ARG A 59 -2.82 13.77 6.54
C ARG A 59 -4.11 13.31 5.88
N ARG A 60 -4.64 14.14 4.99
CA ARG A 60 -5.87 13.83 4.28
C ARG A 60 -5.79 12.50 3.54
N LEU A 61 -4.65 12.23 2.93
CA LEU A 61 -4.48 10.99 2.18
C LEU A 61 -4.40 9.76 3.10
N ASP A 62 -3.79 9.94 4.28
CA ASP A 62 -3.65 8.84 5.23
C ASP A 62 -4.97 8.10 5.44
N GLY A 63 -4.90 6.78 5.38
CA GLY A 63 -6.09 5.97 5.56
C GLY A 63 -5.82 4.48 5.34
N TRP A 64 -6.86 3.67 5.49
CA TRP A 64 -6.74 2.23 5.30
C TRP A 64 -6.69 1.89 3.81
N VAL A 65 -5.83 0.94 3.44
CA VAL A 65 -5.67 0.54 2.04
C VAL A 65 -5.50 -0.97 1.91
N GLY A 66 -6.01 -1.52 0.83
CA GLY A 66 -5.90 -2.95 0.59
C GLY A 66 -4.45 -3.41 0.52
N ARG A 67 -4.21 -4.65 0.93
CA ARG A 67 -2.86 -5.21 0.93
C ARG A 67 -2.19 -5.06 -0.44
N HIS A 68 -2.97 -5.26 -1.50
CA HIS A 68 -2.44 -5.17 -2.87
C HIS A 68 -1.79 -3.81 -3.13
N ARG A 69 -2.21 -2.79 -2.41
CA ARG A 69 -1.66 -1.44 -2.60
C ARG A 69 -0.30 -1.29 -1.93
N ILE A 70 -0.14 -1.89 -0.74
CA ILE A 70 1.13 -1.80 -0.02
C ILE A 70 2.07 -2.92 -0.42
N SER A 71 3.33 -2.57 -0.65
CA SER A 71 4.34 -3.54 -1.05
C SER A 71 5.75 -3.00 -0.81
N ASP A 72 6.63 -3.87 -0.32
CA ASP A 72 8.00 -3.48 -0.04
C ASP A 72 8.83 -3.32 -1.31
N ASN A 73 8.15 -3.20 -2.46
CA ASN A 73 8.83 -3.03 -3.74
C ASN A 73 8.11 -1.99 -4.60
N ALA A 74 8.90 -1.07 -5.15
CA ALA A 74 8.37 0.00 -6.00
C ALA A 74 7.82 -0.56 -7.31
N ASP A 75 8.74 -0.96 -8.19
CA ASP A 75 8.37 -1.49 -9.51
C ASP A 75 7.16 -2.42 -9.42
N ASP A 76 7.10 -3.22 -8.37
CA ASP A 76 6.00 -4.15 -8.17
C ASP A 76 4.75 -3.43 -7.64
N LEU A 77 4.40 -2.31 -8.26
CA LEU A 77 3.23 -1.54 -7.85
C LEU A 77 2.60 -0.81 -9.04
N GLY A 78 3.12 0.38 -9.36
CA GLY A 78 2.58 1.15 -10.46
C GLY A 78 3.51 2.25 -10.93
N GLY A 79 4.80 1.94 -11.01
CA GLY A 79 5.78 2.92 -11.46
C GLY A 79 6.00 4.05 -10.47
N ILE A 80 7.22 4.55 -10.43
CA ILE A 80 7.58 5.65 -9.53
C ILE A 80 6.69 6.87 -9.78
N THR A 81 6.39 7.60 -8.71
CA THR A 81 5.54 8.78 -8.79
C THR A 81 5.99 9.71 -9.92
N VAL A 82 5.06 10.53 -10.39
CA VAL A 82 5.32 11.47 -11.46
C VAL A 82 5.62 10.74 -12.78
N LEU A 83 4.64 9.94 -13.22
CA LEU A 83 4.78 9.18 -14.45
C LEU A 83 4.80 10.11 -15.66
N PRO A 84 5.66 9.83 -16.66
CA PRO A 84 5.76 10.66 -17.86
C PRO A 84 4.42 10.86 -18.55
N ALA A 85 4.07 12.11 -18.81
CA ALA A 85 2.81 12.44 -19.45
C ALA A 85 2.84 12.10 -20.94
N PRO A 86 1.80 11.38 -21.43
CA PRO A 86 1.72 11.00 -22.85
C PRO A 86 1.58 12.22 -23.76
N PRO A 87 2.22 12.20 -24.94
CA PRO A 87 2.17 13.30 -25.90
C PRO A 87 0.75 13.60 -26.37
N LEU A 88 0.39 14.88 -26.38
CA LEU A 88 -0.93 15.32 -26.81
C LEU A 88 -2.02 14.57 -26.05
N ALA A 89 -1.82 14.40 -24.75
CA ALA A 89 -2.79 13.70 -23.91
C ALA A 89 -4.02 14.57 -23.66
N PRO A 90 -5.22 13.99 -23.81
CA PRO A 90 -6.48 14.73 -23.58
C PRO A 90 -6.66 15.11 -22.11
N ASP A 91 -6.95 16.39 -21.88
CA ASP A 91 -7.15 16.93 -20.54
C ASP A 91 -5.97 16.65 -19.61
N GLN A 92 -5.56 17.66 -18.85
CA GLN A 92 -4.44 17.53 -17.93
C GLN A 92 -4.31 18.76 -17.04
N GLY A 1 -7.43 -25.15 -3.25
CA GLY A 1 -6.78 -24.91 -1.93
C GLY A 1 -7.33 -23.69 -1.22
N SER A 2 -7.56 -23.82 0.07
CA SER A 2 -8.09 -22.73 0.88
C SER A 2 -7.14 -21.54 0.86
N HIS A 3 -5.84 -21.81 0.97
CA HIS A 3 -4.82 -20.77 0.96
C HIS A 3 -4.94 -19.87 2.19
N MET A 4 -3.82 -19.61 2.85
CA MET A 4 -3.80 -18.76 4.03
C MET A 4 -2.37 -18.53 4.49
N ASP A 5 -2.09 -17.33 4.99
CA ASP A 5 -0.75 -16.98 5.45
C ASP A 5 -0.25 -18.00 6.47
N PRO A 6 0.79 -18.79 6.12
CA PRO A 6 1.32 -19.81 7.01
C PRO A 6 2.27 -19.26 8.07
N LEU A 7 1.90 -18.12 8.65
CA LEU A 7 2.69 -17.47 9.69
C LEU A 7 2.16 -16.06 9.90
N MET A 8 2.24 -15.29 8.83
CA MET A 8 1.79 -13.92 8.79
C MET A 8 2.36 -13.27 7.53
N GLN A 9 2.29 -14.02 6.44
CA GLN A 9 2.81 -13.57 5.16
C GLN A 9 1.91 -12.53 4.49
N LYS A 10 1.54 -11.49 5.25
CA LYS A 10 0.71 -10.43 4.73
C LYS A 10 1.19 -9.07 5.25
N ILE A 11 2.45 -8.77 4.96
CA ILE A 11 3.06 -7.51 5.36
C ILE A 11 3.04 -7.31 6.87
N ASP A 12 4.16 -7.64 7.53
CA ASP A 12 4.28 -7.49 8.97
C ASP A 12 4.79 -6.10 9.34
N ILE A 13 4.20 -5.51 10.36
CA ILE A 13 4.60 -4.18 10.80
C ILE A 13 5.58 -4.25 11.96
N SER A 14 5.25 -5.08 12.93
CA SER A 14 6.08 -5.25 14.12
C SER A 14 7.52 -5.59 13.77
N GLU A 15 7.72 -6.04 12.54
CA GLU A 15 9.05 -6.41 12.09
C GLU A 15 9.91 -5.19 11.80
N ASN A 16 9.32 -4.16 11.19
CA ASN A 16 10.05 -2.95 10.85
C ASN A 16 9.14 -1.73 10.76
N PRO A 17 8.68 -1.21 11.92
CA PRO A 17 7.80 -0.03 11.97
C PRO A 17 8.39 1.16 11.22
N ASP A 18 9.70 1.35 11.39
CA ASP A 18 10.41 2.46 10.75
C ASP A 18 10.45 2.28 9.23
N LYS A 19 10.62 1.04 8.79
CA LYS A 19 10.70 0.73 7.35
C LYS A 19 9.53 1.36 6.60
N ILE A 20 9.86 2.07 5.52
CA ILE A 20 8.85 2.73 4.70
C ILE A 20 8.33 1.79 3.61
N TYR A 21 7.01 1.73 3.46
CA TYR A 21 6.40 0.89 2.43
C TYR A 21 5.86 1.76 1.30
N PHE A 22 5.97 1.28 0.07
CA PHE A 22 5.48 2.03 -1.07
C PHE A 22 4.02 1.70 -1.36
N ILE A 23 3.17 2.72 -1.36
CA ILE A 23 1.75 2.53 -1.62
C ILE A 23 1.36 3.03 -3.01
N ARG A 24 0.79 2.14 -3.80
CA ARG A 24 0.35 2.49 -5.14
C ARG A 24 -1.04 3.12 -5.12
N ARG A 25 -1.13 4.37 -5.57
CA ARG A 25 -2.42 5.05 -5.58
C ARG A 25 -3.33 4.47 -6.66
N GLU A 26 -4.63 4.66 -6.50
CA GLU A 26 -5.62 4.14 -7.43
C GLU A 26 -5.27 4.50 -8.88
N ASP A 27 -4.81 5.73 -9.09
CA ASP A 27 -4.45 6.18 -10.43
C ASP A 27 -3.22 5.44 -10.95
N GLY A 28 -2.28 5.14 -10.05
CA GLY A 28 -1.08 4.42 -10.46
C GLY A 28 0.18 5.00 -9.84
N THR A 29 0.20 6.31 -9.66
CA THR A 29 1.36 7.00 -9.09
C THR A 29 1.70 6.49 -7.71
N VAL A 30 2.87 5.86 -7.61
CA VAL A 30 3.36 5.30 -6.36
C VAL A 30 3.73 6.41 -5.36
N HIS A 31 3.48 6.15 -4.08
CA HIS A 31 3.78 7.11 -3.02
C HIS A 31 4.08 6.39 -1.71
N ARG A 32 5.20 6.74 -1.08
CA ARG A 32 5.61 6.14 0.18
C ARG A 32 4.53 6.24 1.25
N GLY A 33 4.57 5.30 2.19
CA GLY A 33 3.61 5.27 3.27
C GLY A 33 3.91 4.17 4.28
N GLN A 34 3.84 4.51 5.57
CA GLN A 34 4.10 3.55 6.63
C GLN A 34 2.82 2.85 7.06
N VAL A 35 2.89 1.54 7.30
CA VAL A 35 1.72 0.81 7.75
C VAL A 35 1.72 0.76 9.27
N LEU A 36 0.89 1.61 9.87
CA LEU A 36 0.81 1.72 11.32
C LEU A 36 -0.13 0.68 11.94
N GLN A 37 -1.22 0.38 11.25
CA GLN A 37 -2.20 -0.58 11.75
C GLN A 37 -2.74 -1.45 10.63
N SER A 38 -3.57 -2.41 11.00
CA SER A 38 -4.18 -3.33 10.03
C SER A 38 -5.34 -4.09 10.68
N ARG A 39 -6.37 -4.34 9.88
CA ARG A 39 -7.54 -5.06 10.36
C ARG A 39 -7.71 -6.35 9.57
N THR A 40 -8.70 -7.17 9.97
CA THR A 40 -8.94 -8.43 9.29
C THR A 40 -10.41 -8.58 8.87
N THR A 41 -10.60 -9.01 7.63
CA THR A 41 -11.93 -9.21 7.07
C THR A 41 -12.68 -10.30 7.84
N GLU A 42 -13.83 -10.73 7.32
CA GLU A 42 -14.62 -11.77 7.96
C GLU A 42 -13.72 -12.90 8.46
N ASN A 43 -12.66 -13.18 7.70
CA ASN A 43 -11.70 -14.22 8.08
C ASN A 43 -11.19 -13.96 9.48
N ALA A 44 -10.82 -12.70 9.73
CA ALA A 44 -10.30 -12.28 11.03
C ALA A 44 -9.03 -13.02 11.38
N ALA A 45 -7.97 -12.78 10.59
CA ALA A 45 -6.69 -13.43 10.83
C ALA A 45 -5.55 -12.79 10.04
N ALA A 46 -5.87 -12.15 8.91
CA ALA A 46 -4.83 -11.54 8.09
C ALA A 46 -5.36 -10.54 7.03
N PRO A 47 -6.40 -10.91 6.25
CA PRO A 47 -6.95 -10.05 5.18
C PRO A 47 -7.37 -8.65 5.65
N ASP A 48 -8.30 -8.06 4.86
CA ASP A 48 -8.84 -6.72 5.13
C ASP A 48 -7.92 -5.60 4.64
N GLU A 49 -8.13 -4.40 5.18
CA GLU A 49 -7.37 -3.22 4.79
C GLU A 49 -6.35 -2.82 5.86
N TYR A 50 -5.24 -2.26 5.42
CA TYR A 50 -4.16 -1.86 6.32
C TYR A 50 -4.00 -0.34 6.40
N TYR A 51 -3.86 0.17 7.63
CA TYR A 51 -3.68 1.60 7.88
C TYR A 51 -2.34 2.08 7.32
N VAL A 52 -2.28 3.31 6.82
CA VAL A 52 -1.03 3.83 6.26
C VAL A 52 -0.88 5.34 6.44
N HIS A 53 0.28 5.76 6.95
CA HIS A 53 0.60 7.17 7.13
C HIS A 53 1.61 7.61 6.08
N TYR A 54 1.14 8.32 5.05
CA TYR A 54 2.01 8.78 3.98
C TYR A 54 3.04 9.78 4.48
N VAL A 55 4.30 9.53 4.17
CA VAL A 55 5.40 10.41 4.61
C VAL A 55 5.41 11.72 3.81
N GLY A 56 5.45 12.82 4.54
CA GLY A 56 5.49 14.14 3.90
C GLY A 56 4.15 14.57 3.34
N LEU A 57 3.49 13.68 2.60
CA LEU A 57 2.20 13.97 2.00
C LEU A 57 1.15 14.34 3.06
N ASN A 58 0.08 14.98 2.61
CA ASN A 58 -1.00 15.41 3.49
C ASN A 58 -1.48 14.27 4.38
N ARG A 59 -1.76 14.62 5.64
CA ARG A 59 -2.23 13.65 6.62
C ARG A 59 -3.59 13.07 6.23
N ARG A 60 -4.40 13.88 5.54
CA ARG A 60 -5.72 13.46 5.10
C ARG A 60 -5.65 12.15 4.33
N LEU A 61 -4.58 11.97 3.57
CA LEU A 61 -4.39 10.76 2.76
C LEU A 61 -4.47 9.51 3.62
N ASP A 62 -4.02 9.62 4.87
CA ASP A 62 -4.03 8.48 5.80
C ASP A 62 -5.37 7.77 5.78
N GLY A 63 -5.33 6.45 5.72
CA GLY A 63 -6.55 5.66 5.71
C GLY A 63 -6.27 4.18 5.64
N TRP A 64 -7.11 3.46 4.90
CA TRP A 64 -6.95 2.02 4.76
C TRP A 64 -6.81 1.64 3.28
N VAL A 65 -5.90 0.73 2.99
CA VAL A 65 -5.64 0.28 1.63
C VAL A 65 -6.14 -1.14 1.39
N GLY A 66 -6.37 -1.48 0.12
CA GLY A 66 -6.84 -2.81 -0.21
C GLY A 66 -5.77 -3.88 -0.13
N ARG A 67 -4.76 -3.64 0.72
CA ARG A 67 -3.65 -4.58 0.91
C ARG A 67 -2.71 -4.63 -0.29
N HIS A 68 -3.28 -4.74 -1.50
CA HIS A 68 -2.48 -4.78 -2.71
C HIS A 68 -1.83 -3.44 -3.00
N ARG A 69 -2.22 -2.44 -2.21
CA ARG A 69 -1.67 -1.09 -2.35
C ARG A 69 -0.28 -0.98 -1.73
N ILE A 70 -0.10 -1.67 -0.61
CA ILE A 70 1.19 -1.65 0.10
C ILE A 70 2.12 -2.73 -0.43
N SER A 71 3.38 -2.37 -0.65
CA SER A 71 4.36 -3.31 -1.16
C SER A 71 5.78 -2.86 -0.81
N ASP A 72 6.62 -3.82 -0.44
CA ASP A 72 8.01 -3.54 -0.07
C ASP A 72 8.90 -3.35 -1.31
N ASN A 73 8.28 -3.13 -2.46
CA ASN A 73 9.02 -2.91 -3.71
C ASN A 73 8.30 -1.92 -4.61
N ALA A 74 9.06 -0.97 -5.14
CA ALA A 74 8.50 0.06 -6.03
C ALA A 74 8.12 -0.53 -7.38
N ASP A 75 8.99 -1.38 -7.93
CA ASP A 75 8.75 -2.00 -9.22
C ASP A 75 7.41 -2.74 -9.23
N ASP A 76 7.12 -3.42 -8.13
CA ASP A 76 5.87 -4.17 -8.01
C ASP A 76 4.70 -3.24 -7.68
N LEU A 77 4.60 -2.13 -8.41
CA LEU A 77 3.53 -1.16 -8.20
C LEU A 77 3.20 -0.41 -9.48
N GLY A 78 3.96 0.64 -9.77
CA GLY A 78 3.71 1.43 -10.96
C GLY A 78 4.76 2.51 -11.17
N GLY A 79 6.03 2.11 -11.13
CA GLY A 79 7.12 3.06 -11.30
C GLY A 79 7.30 3.95 -10.10
N ILE A 80 7.56 5.23 -10.36
CA ILE A 80 7.75 6.21 -9.31
C ILE A 80 7.28 7.57 -9.78
N THR A 81 6.29 8.13 -9.06
CA THR A 81 5.70 9.44 -9.36
C THR A 81 5.36 9.60 -10.84
N VAL A 82 4.10 9.95 -11.11
CA VAL A 82 3.58 10.17 -12.46
C VAL A 82 3.80 8.95 -13.35
N LEU A 83 2.73 8.50 -13.99
CA LEU A 83 2.80 7.33 -14.87
C LEU A 83 3.61 7.65 -16.14
N PRO A 84 4.71 6.91 -16.36
CA PRO A 84 5.56 7.11 -17.54
C PRO A 84 4.96 6.46 -18.79
N ALA A 85 5.03 7.18 -19.92
CA ALA A 85 4.50 6.68 -21.18
C ALA A 85 4.87 7.58 -22.34
N PRO A 86 5.37 6.99 -23.45
CA PRO A 86 5.77 7.76 -24.64
C PRO A 86 4.57 8.42 -25.32
N PRO A 87 4.75 9.65 -25.84
CA PRO A 87 3.68 10.38 -26.52
C PRO A 87 3.15 9.62 -27.73
N LEU A 88 1.87 9.23 -27.67
CA LEU A 88 1.24 8.51 -28.76
C LEU A 88 0.77 9.49 -29.84
N ALA A 89 1.10 9.19 -31.10
CA ALA A 89 0.70 10.05 -32.21
C ALA A 89 1.05 9.39 -33.56
N PRO A 90 0.08 9.36 -34.50
CA PRO A 90 0.30 8.77 -35.82
C PRO A 90 1.06 9.70 -36.75
N ASP A 91 2.06 10.39 -36.21
CA ASP A 91 2.88 11.31 -37.00
C ASP A 91 4.03 11.86 -36.17
N GLN A 92 4.79 10.96 -35.56
CA GLN A 92 5.93 11.35 -34.74
C GLN A 92 6.76 10.13 -34.34
#